data_7ORI
#
_entry.id   7ORI
#
_cell.length_a   1.00
_cell.length_b   1.00
_cell.length_c   1.00
_cell.angle_alpha   90.00
_cell.angle_beta   90.00
_cell.angle_gamma   90.00
#
_symmetry.space_group_name_H-M   'P 1'
#
loop_
_entity.id
_entity.type
_entity.pdbx_description
1 polymer "RNA (5'-R(P*AP*CP*GP*AP*GP*UP*GP*UP*CP*GP*U)-3')"
2 polymer "RNA (5'-R(P*AP*AP*CP*GP*UP*UP*AP*UP*CP*UP*AP*UP*AP*AP*CP*AP*CP*UP*AP*CP*U)-3')"
3 polymer "RNA (5'-R(P*AP*UP*AP*GP*AP*UP*AP*AP*CP*GP*UP*U)-3')"
4 polymer 'La Crosse virus polymerase'
5 non-polymer 'ZINC ION'
6 non-polymer 'MAGNESIUM ION'
7 non-polymer 'PYROPHOSPHATE 2-'
#
loop_
_entity_poly.entity_id
_entity_poly.type
_entity_poly.pdbx_seq_one_letter_code
_entity_poly.pdbx_strand_id
1 'polyribonucleotide' ACGAGUGUCGUACCAAG H
2 'polyribonucleotide' AACGUUAUCUAUACUUGGUAGUACACUACU T
3 'polyribonucleotide' AGUAGUGUACUACCAAGUAUAGAUAACGUU P
4 'polypeptide(L)'
;MDYQEYQQFLARINTARDACVAKDIDVDLLMARKDYFGRELCKSLNIEYRNDVPFIDIILDIRPEVDPLTIDAPHITPDN
YLYINNVLYIIDYKVSVSNESSVITYDKYYELTRDISDRLSIPIEIVIIRIDPVSRDLHINSDRFKELYPTIVVDINFNQ
FFDLKQLLYEKFGDDEEFLLKVAHGDFTLTAPWCKTGCPEFWKHPIYKEFKMSMPVPERRLFEESVKFNAYESERWNTNL
VKIREYTKKDYSEHISKSAKNIFLASGFYKQPNKNEISEGWTLMVERVQDQREISKSLHDQKPSIHFIWGAHNPGNSNNA
TFKLILLSKSLQSIKGISTYTEAFKSLGKMMDIGDKAIEYEEFCMSLKSKARSSWKQIMNKKLEPKQINNALVLWEQQFM
INNDLIDKSEKLKLFKNFCGIGKHKQFKNKMLEDLEVSKPKILDFDDANMYLASLTMMEQSKKILSKSNGLKPDNFILNE
FGSRIKDANKETYDNMHKIFETGYWQCISDFSTLMKNILSVSQYNRHNTFRIAMCANNNVFAIVFPSADIKTKKATVVYS
IIVLHKEEENIFNPGCLHGTFKCMNGYISISRAIRLDKERCQRIVSSPGLFLTTCLLFKHDNPTLVMSDIMNFSIYTSLS
ITKSVLSLTEPARYMIMNSLAISSNVKDYIAEKFSPYTKTLFSVYMTRLIKNACFDAYDQRQRVQLRDIYLSDYDITQKG
IKDNRELTSIWFPGSVTLKEYLTQIYLPFYFNAKGLHEKHHVMVDLAKTILEIECEQRENIKEIWSTNCTKQTVNLKILI
HSLCKNLLADTSRHNHLRNRIENRNNFRRSITTISTFTSSKSCLKIGDFRKEKELQSVKQKKILEVQSRKMRLANPMFVT
DEQVCLEVGHCNYEMLRNAMPNYTDYISTKVFDRLYELLDKKVLTDKPVIEQIMDMMIDHKKFYFTFFNKGQKTSKDREI
FVGEYEAKMCMYAVERIAKERCKLNPDEMISEPGDGKLKVLEQKSEQEIRFLVETTRQKNREIDEAIEALATEGSGWSHP
QFEKGSGYESNLGKIEKLSLGKAKGLKMEINADMSKWSAQDVFYKYFWLIALDPILYPQEKERILYFMCNYMDKELILPD
ELLFNLLDQKVAYQNDIIATMTNQLNSNTVLIKRNWLQGNFNYTSSYVHSCAMSVYKEILKEAITLLDGSILVNSLVHSD
DNQTSITIVQDKMENDKIIDFAMKEFERACLTFGCQANMKKTYVTNCIKEFVSLFNLYGEPFSIYGRFLLTSVGDCAYIG
PYEDLASRISSAQTAIKHGCPPSLAWVSIAISHWMTSLTYNMLPGQSNDPIDYFPAENRKDIPIELNGVLDAPLSMISTV
GLESGNLYFLIKLLSKYTPVMQKRESVVNQIAEVKNWKVEDLTDNEIFRLKILRYLVLDAEMDPSDIMGETSDMRGRSIL
TPRKFTTAGSLRKLYSFSKYQDRLSSPGGMVELFTYLLEKPELLVTKGEDMKDYMESVIFRYNSKRFKESLSIQNPAQLF
IEQILFSHKPVIDFSGIRDKYINLHDSRALEKEPDILGKVTFTEAYRLLMRDLSSLELTNDDIQVIYSYIILNDPMMITI
ANTHILSIYGSPQRRMGMSCSTMPEFRNLKLIHHSPALVLRAYSKNNPDIQGADPTEMARDLVHLKEFVENTNLEEKMKV
RIAMNEAEKGQRDIVFELKEMTRFYQVCYEYVKSTEHKIKVFILPAKSYTTTDFCSLMQGNLIKDKEWYTVHYLKQILSG
GHKAIMQHNATSEQNIAFECFKLITHFADSFIDSLSRSAFLQLIIDEFSYKDVKVSKLYDIIKNGYNRTDFIPLLFRTGD
LRQADLDKYDAMKSHERVTWNDWQTSRHLDMGSINLTITGYNRSITIIGEDNKLTYAELCLTRKTPENITISGRKLLGSR
HGLKFENMSKIQTYPGNYYITYRKKDRHQFVYQIHSHESITRRNEEHMAIRTRIYNEITPVCVVNVAEVDGDQRILIRSL
DYLNNDIFSLSRIKVGLDEFATIKKAHFSKMVSFEGPPIKTGLLDLTELMKSQDLLNLNYDNIRNSNLISFSKLICCEGS
DNINDGLEFLSDDPMNFTEGEAIHSTPIFNIYYSKRGERHMTYRNAIKLLIERETKIFEEAFTFSENGFISPENLGCLEA
VVSLIKLLKTNEWSTVIDKCIHICLIKNGMDHMYHSFDVPKCFMGNPITRDINWVMFREFINSLPGTDIPPWNVMTENFK
KKCIALINSKFETQRDFSEFTKLMKKEGGRSNIEFD
;
A
#
loop_
_chem_comp.id
_chem_comp.type
_chem_comp.name
_chem_comp.formula
A RNA linking ADENOSINE-5'-MONOPHOSPHATE 'C10 H14 N5 O7 P'
C RNA linking CYTIDINE-5'-MONOPHOSPHATE 'C9 H14 N3 O8 P'
G RNA linking GUANOSINE-5'-MONOPHOSPHATE 'C10 H14 N5 O8 P'
MG non-polymer 'MAGNESIUM ION' 'Mg 2'
POP non-polymer 'PYROPHOSPHATE 2-' 'H2 O7 P2 -2'
U RNA linking URIDINE-5'-MONOPHOSPHATE 'C9 H13 N2 O9 P'
ZN non-polymer 'ZINC ION' 'Zn 2'
#
# COMPACT_ATOMS: atom_id res chain seq x y z
N MET D 1 -18.60 -21.26 5.01
CA MET D 1 -19.96 -20.76 4.92
C MET D 1 -20.90 -21.61 5.77
N ASP D 2 -22.19 -21.62 5.40
CA ASP D 2 -23.22 -22.32 6.17
C ASP D 2 -23.19 -21.85 7.62
N TYR D 3 -23.55 -20.58 7.83
CA TYR D 3 -23.35 -19.94 9.12
C TYR D 3 -24.03 -20.69 10.26
N GLN D 4 -25.12 -21.42 9.95
CA GLN D 4 -25.76 -22.25 10.97
C GLN D 4 -24.76 -23.20 11.59
N GLU D 5 -23.98 -23.88 10.74
CA GLU D 5 -22.88 -24.70 11.23
C GLU D 5 -21.87 -23.84 12.00
N TYR D 6 -21.77 -22.56 11.66
CA TYR D 6 -20.82 -21.70 12.37
C TYR D 6 -21.22 -21.51 13.82
N GLN D 7 -22.49 -21.14 14.08
CA GLN D 7 -22.86 -21.03 15.49
C GLN D 7 -22.93 -22.40 16.16
N GLN D 8 -23.18 -23.47 15.40
CA GLN D 8 -23.12 -24.80 15.99
C GLN D 8 -21.72 -25.10 16.52
N PHE D 9 -20.70 -24.85 15.70
CA PHE D 9 -19.32 -25.05 16.14
C PHE D 9 -18.95 -24.08 17.25
N LEU D 10 -19.46 -22.85 17.21
CA LEU D 10 -19.18 -21.91 18.28
C LEU D 10 -19.75 -22.39 19.60
N ALA D 11 -20.97 -22.94 19.58
CA ALA D 11 -21.57 -23.51 20.78
C ALA D 11 -20.77 -24.71 21.27
N ARG D 12 -20.29 -25.53 20.33
CA ARG D 12 -19.45 -26.66 20.70
C ARG D 12 -18.18 -26.18 21.39
N ILE D 13 -17.56 -25.12 20.86
CA ILE D 13 -16.36 -24.57 21.48
C ILE D 13 -16.66 -24.04 22.87
N ASN D 14 -17.78 -23.32 23.01
CA ASN D 14 -18.16 -22.78 24.31
C ASN D 14 -18.38 -23.89 25.34
N THR D 15 -19.04 -24.97 24.92
CA THR D 15 -19.26 -26.10 25.81
C THR D 15 -18.04 -26.98 25.97
N ALA D 16 -17.01 -26.79 25.14
CA ALA D 16 -15.83 -27.64 25.21
C ALA D 16 -15.01 -27.34 26.47
N ARG D 17 -14.64 -28.40 27.18
CA ARG D 17 -13.81 -28.23 28.37
C ARG D 17 -12.73 -29.30 28.51
N ASP D 18 -12.59 -30.22 27.56
CA ASP D 18 -11.68 -31.35 27.68
C ASP D 18 -10.71 -31.37 26.52
N ALA D 19 -9.43 -31.60 26.82
CA ALA D 19 -8.42 -31.68 25.77
C ALA D 19 -8.58 -32.95 24.94
N CYS D 20 -9.15 -34.01 25.52
CA CYS D 20 -9.30 -35.26 24.79
C CYS D 20 -10.40 -35.18 23.75
N VAL D 21 -11.34 -34.24 23.90
CA VAL D 21 -12.36 -34.00 22.88
C VAL D 21 -12.03 -32.80 22.00
N ALA D 22 -11.08 -31.96 22.40
CA ALA D 22 -10.64 -30.88 21.53
C ALA D 22 -10.01 -31.43 20.26
N LYS D 23 -9.26 -32.53 20.38
CA LYS D 23 -8.71 -33.19 19.20
C LYS D 23 -9.84 -33.67 18.28
N ASP D 24 -10.88 -34.25 18.87
CA ASP D 24 -12.01 -34.74 18.07
C ASP D 24 -12.71 -33.60 17.35
N ILE D 25 -12.93 -32.48 18.04
CA ILE D 25 -13.64 -31.37 17.41
C ILE D 25 -12.78 -30.71 16.36
N ASP D 26 -11.44 -30.72 16.55
CA ASP D 26 -10.55 -30.21 15.51
C ASP D 26 -10.60 -31.10 14.27
N VAL D 27 -10.60 -32.42 14.47
CA VAL D 27 -10.73 -33.34 13.34
C VAL D 27 -12.05 -33.11 12.64
N ASP D 28 -13.12 -32.88 13.40
CA ASP D 28 -14.42 -32.59 12.81
C ASP D 28 -14.38 -31.30 12.01
N LEU D 29 -13.67 -30.28 12.52
CA LEU D 29 -13.51 -29.04 11.77
C LEU D 29 -12.79 -29.26 10.45
N LEU D 30 -11.73 -30.05 10.46
CA LEU D 30 -11.02 -30.36 9.22
C LEU D 30 -11.90 -31.11 8.24
N MET D 31 -12.69 -32.07 8.75
CA MET D 31 -13.60 -32.80 7.88
C MET D 31 -14.67 -31.88 7.31
N ALA D 32 -15.15 -30.93 8.13
CA ALA D 32 -16.12 -29.95 7.65
C ALA D 32 -15.53 -29.11 6.53
N ARG D 33 -14.28 -28.67 6.69
CA ARG D 33 -13.61 -27.94 5.62
C ARG D 33 -13.49 -28.79 4.37
N LYS D 34 -13.15 -30.06 4.53
CA LYS D 34 -13.02 -30.96 3.39
C LYS D 34 -14.33 -31.07 2.63
N ASP D 35 -15.44 -31.32 3.34
CA ASP D 35 -16.70 -31.52 2.64
C ASP D 35 -17.24 -30.19 2.08
N TYR D 36 -16.96 -29.08 2.74
CA TYR D 36 -17.35 -27.78 2.17
C TYR D 36 -16.62 -27.53 0.85
N PHE D 37 -15.32 -27.81 0.81
CA PHE D 37 -14.57 -27.68 -0.43
C PHE D 37 -15.11 -28.64 -1.49
N GLY D 38 -15.45 -29.86 -1.08
CA GLY D 38 -16.00 -30.81 -2.03
C GLY D 38 -17.32 -30.35 -2.62
N ARG D 39 -18.22 -29.84 -1.77
CA ARG D 39 -19.50 -29.32 -2.25
C ARG D 39 -19.30 -28.17 -3.22
N GLU D 40 -18.40 -27.24 -2.87
CA GLU D 40 -18.16 -26.09 -3.76
C GLU D 40 -17.55 -26.54 -5.08
N LEU D 41 -16.63 -27.50 -5.04
CA LEU D 41 -16.01 -28.00 -6.26
C LEU D 41 -17.06 -28.69 -7.15
N CYS D 42 -17.91 -29.52 -6.56
CA CYS D 42 -18.94 -30.20 -7.34
C CYS D 42 -19.93 -29.20 -7.94
N LYS D 43 -20.28 -28.16 -7.18
CA LYS D 43 -21.15 -27.12 -7.72
C LYS D 43 -20.47 -26.41 -8.89
N SER D 44 -19.18 -26.11 -8.77
CA SER D 44 -18.47 -25.44 -9.85
C SER D 44 -18.39 -26.31 -11.09
N LEU D 45 -18.16 -27.61 -10.92
CA LEU D 45 -17.96 -28.51 -12.05
C LEU D 45 -19.26 -29.09 -12.60
N ASN D 46 -20.41 -28.74 -12.01
CA ASN D 46 -21.71 -29.19 -12.49
C ASN D 46 -21.79 -30.73 -12.53
N ILE D 47 -21.39 -31.35 -11.43
CA ILE D 47 -21.43 -32.80 -11.29
C ILE D 47 -22.09 -33.14 -9.96
N GLU D 48 -22.51 -34.39 -9.82
CA GLU D 48 -23.16 -34.86 -8.60
C GLU D 48 -22.15 -34.95 -7.45
N TYR D 49 -22.59 -34.56 -6.27
CA TYR D 49 -21.74 -34.60 -5.08
C TYR D 49 -21.96 -35.93 -4.35
N ARG D 50 -20.85 -36.58 -4.02
CA ARG D 50 -20.87 -37.84 -3.29
C ARG D 50 -19.92 -37.71 -2.11
N ASN D 51 -19.95 -38.69 -1.21
CA ASN D 51 -19.08 -38.67 -0.03
C ASN D 51 -18.65 -40.10 0.27
N ASP D 52 -17.44 -40.45 -0.16
CA ASP D 52 -16.84 -41.75 0.11
C ASP D 52 -17.72 -42.89 -0.38
N VAL D 53 -18.08 -42.83 -1.65
CA VAL D 53 -18.90 -43.90 -2.25
C VAL D 53 -18.07 -45.17 -2.35
N PRO D 54 -18.63 -46.34 -2.05
CA PRO D 54 -17.87 -47.59 -2.21
C PRO D 54 -17.52 -47.84 -3.66
N PHE D 55 -16.36 -48.48 -3.87
CA PHE D 55 -15.86 -48.71 -5.22
C PHE D 55 -16.70 -49.76 -5.95
N ILE D 56 -17.20 -50.74 -5.20
CA ILE D 56 -18.11 -51.73 -5.79
C ILE D 56 -19.39 -51.05 -6.26
N ASP D 57 -19.84 -50.03 -5.53
CA ASP D 57 -21.05 -49.31 -5.91
C ASP D 57 -20.85 -48.61 -7.25
N ILE D 58 -19.68 -47.98 -7.45
CA ILE D 58 -19.45 -47.31 -8.73
C ILE D 58 -19.25 -48.34 -9.84
N ILE D 59 -18.68 -49.51 -9.52
CA ILE D 59 -18.59 -50.58 -10.49
C ILE D 59 -19.99 -50.97 -10.97
N LEU D 60 -20.92 -51.15 -10.03
CA LEU D 60 -22.29 -51.45 -10.38
C LEU D 60 -22.96 -50.33 -11.15
N ASP D 61 -22.65 -49.08 -10.79
CA ASP D 61 -23.24 -47.94 -11.46
C ASP D 61 -22.84 -47.84 -12.92
N ILE D 62 -21.54 -47.99 -13.20
CA ILE D 62 -21.06 -47.92 -14.57
C ILE D 62 -21.48 -49.14 -15.37
N ARG D 63 -21.46 -50.31 -14.74
CA ARG D 63 -21.83 -51.54 -15.42
C ARG D 63 -22.91 -52.28 -14.64
N PRO D 64 -24.17 -51.85 -14.73
CA PRO D 64 -25.24 -52.56 -14.03
C PRO D 64 -25.43 -53.99 -14.52
N GLU D 65 -25.17 -54.22 -15.80
CA GLU D 65 -25.49 -55.51 -16.40
C GLU D 65 -24.57 -56.62 -15.92
N VAL D 66 -23.32 -56.29 -15.54
CA VAL D 66 -22.39 -57.32 -15.11
C VAL D 66 -22.75 -57.78 -13.71
N ASP D 67 -22.49 -59.06 -13.43
CA ASP D 67 -22.84 -59.61 -12.13
C ASP D 67 -21.86 -59.12 -11.07
N PRO D 68 -22.32 -59.01 -9.82
CA PRO D 68 -21.39 -58.70 -8.72
C PRO D 68 -20.71 -59.96 -8.19
N LEU D 69 -19.90 -59.80 -7.14
CA LEU D 69 -19.27 -60.92 -6.44
C LEU D 69 -18.33 -61.70 -7.35
N THR D 70 -17.87 -61.06 -8.42
CA THR D 70 -16.99 -61.73 -9.37
C THR D 70 -15.63 -61.02 -9.48
N ILE D 71 -15.62 -59.69 -9.50
CA ILE D 71 -14.37 -58.95 -9.36
C ILE D 71 -14.33 -58.36 -7.96
N ASP D 72 -13.28 -58.71 -7.20
CA ASP D 72 -13.15 -58.20 -5.84
C ASP D 72 -12.81 -56.71 -5.87
N ALA D 73 -13.78 -55.89 -5.49
CA ALA D 73 -13.59 -54.45 -5.45
C ALA D 73 -12.82 -54.06 -4.20
N PRO D 74 -11.74 -53.28 -4.33
CA PRO D 74 -10.98 -52.87 -3.15
C PRO D 74 -11.81 -52.02 -2.21
N HIS D 75 -11.46 -52.08 -0.92
CA HIS D 75 -12.21 -51.37 0.10
C HIS D 75 -11.99 -49.87 0.07
N ILE D 76 -11.12 -49.36 -0.82
CA ILE D 76 -10.91 -47.92 -0.91
C ILE D 76 -12.22 -47.24 -1.31
N THR D 77 -12.47 -46.08 -0.73
CA THR D 77 -13.69 -45.33 -1.00
C THR D 77 -13.33 -44.02 -1.70
N PRO D 78 -13.45 -43.94 -3.02
CA PRO D 78 -13.18 -42.67 -3.70
C PRO D 78 -14.19 -41.60 -3.30
N ASP D 79 -13.73 -40.35 -3.33
CA ASP D 79 -14.61 -39.25 -2.99
C ASP D 79 -15.69 -39.06 -4.06
N ASN D 80 -15.34 -39.27 -5.32
CA ASN D 80 -16.30 -39.12 -6.41
C ASN D 80 -15.75 -39.82 -7.65
N TYR D 81 -16.62 -39.99 -8.64
CA TYR D 81 -16.23 -40.62 -9.89
C TYR D 81 -16.94 -39.92 -11.04
N LEU D 82 -16.32 -40.00 -12.22
CA LEU D 82 -16.90 -39.39 -13.41
C LEU D 82 -16.61 -40.27 -14.61
N TYR D 83 -17.66 -40.75 -15.28
CA TYR D 83 -17.52 -41.65 -16.42
C TYR D 83 -18.02 -40.95 -17.67
N ILE D 84 -17.09 -40.60 -18.56
CA ILE D 84 -17.43 -39.99 -19.85
C ILE D 84 -16.42 -40.45 -20.88
N ASN D 85 -16.88 -40.48 -22.14
CA ASN D 85 -16.05 -40.89 -23.28
C ASN D 85 -15.48 -42.30 -23.07
N ASN D 86 -16.29 -43.17 -22.46
CA ASN D 86 -15.90 -44.55 -22.14
C ASN D 86 -14.69 -44.60 -21.22
N VAL D 87 -14.44 -43.55 -20.46
CA VAL D 87 -13.32 -43.47 -19.54
C VAL D 87 -13.84 -43.07 -18.17
N LEU D 88 -13.34 -43.75 -17.13
CA LEU D 88 -13.71 -43.48 -15.75
C LEU D 88 -12.59 -42.73 -15.05
N TYR D 89 -12.97 -41.75 -14.23
CA TYR D 89 -12.04 -40.92 -13.49
C TYR D 89 -12.40 -40.97 -12.01
N ILE D 90 -11.40 -41.20 -11.17
CA ILE D 90 -11.55 -41.21 -9.72
C ILE D 90 -11.10 -39.86 -9.19
N ILE D 91 -11.97 -39.20 -8.42
CA ILE D 91 -11.73 -37.85 -7.94
C ILE D 91 -11.71 -37.89 -6.41
N ASP D 92 -10.68 -37.29 -5.83
CA ASP D 92 -10.57 -37.16 -4.38
C ASP D 92 -10.24 -35.71 -4.05
N TYR D 93 -10.87 -35.18 -3.02
CA TYR D 93 -10.64 -33.81 -2.59
C TYR D 93 -9.62 -33.77 -1.47
N LYS D 94 -8.60 -32.95 -1.61
CA LYS D 94 -7.56 -32.79 -0.60
C LYS D 94 -7.37 -31.31 -0.30
N VAL D 95 -7.20 -30.99 0.98
CA VAL D 95 -6.97 -29.61 1.42
C VAL D 95 -5.71 -29.65 2.29
N SER D 96 -4.56 -29.38 1.67
CA SER D 96 -3.29 -29.39 2.38
C SER D 96 -2.34 -28.41 1.72
N VAL D 97 -1.33 -28.00 2.49
CA VAL D 97 -0.29 -27.10 1.96
C VAL D 97 0.77 -27.85 1.17
N SER D 98 0.87 -29.16 1.33
CA SER D 98 1.83 -29.97 0.59
C SER D 98 1.09 -31.11 -0.11
N ASN D 99 1.80 -31.78 -1.02
CA ASN D 99 1.21 -32.82 -1.85
C ASN D 99 1.56 -34.23 -1.37
N GLU D 100 2.11 -34.37 -0.16
CA GLU D 100 2.48 -35.70 0.34
C GLU D 100 1.25 -36.59 0.47
N SER D 101 0.19 -36.07 1.10
CA SER D 101 -1.04 -36.84 1.21
C SER D 101 -1.61 -37.16 -0.16
N SER D 102 -1.61 -36.17 -1.06
CA SER D 102 -2.13 -36.40 -2.40
C SER D 102 -1.32 -37.46 -3.14
N VAL D 103 0.01 -37.41 -3.03
CA VAL D 103 0.83 -38.35 -3.80
C VAL D 103 0.69 -39.77 -3.23
N ILE D 104 0.61 -39.92 -1.90
CA ILE D 104 0.46 -41.26 -1.34
C ILE D 104 -0.93 -41.81 -1.67
N THR D 105 -1.95 -40.96 -1.64
CA THR D 105 -3.29 -41.39 -2.03
C THR D 105 -3.32 -41.80 -3.50
N TYR D 106 -2.63 -41.04 -4.34
CA TYR D 106 -2.54 -41.37 -5.77
C TYR D 106 -1.90 -42.73 -5.96
N ASP D 107 -0.78 -42.97 -5.28
CA ASP D 107 -0.09 -44.25 -5.39
C ASP D 107 -1.00 -45.39 -4.96
N LYS D 108 -1.64 -45.24 -3.80
CA LYS D 108 -2.49 -46.30 -3.28
C LYS D 108 -3.65 -46.59 -4.22
N TYR D 109 -4.36 -45.55 -4.66
CA TYR D 109 -5.51 -45.74 -5.53
C TYR D 109 -5.09 -46.37 -6.85
N TYR D 110 -3.99 -45.88 -7.43
CA TYR D 110 -3.49 -46.41 -8.70
C TYR D 110 -3.17 -47.89 -8.59
N GLU D 111 -2.38 -48.26 -7.58
CA GLU D 111 -1.99 -49.65 -7.42
C GLU D 111 -3.21 -50.53 -7.18
N LEU D 112 -4.17 -50.04 -6.40
CA LEU D 112 -5.35 -50.84 -6.11
C LEU D 112 -6.25 -51.01 -7.34
N THR D 113 -6.29 -50.01 -8.22
CA THR D 113 -7.24 -50.04 -9.33
C THR D 113 -6.66 -50.59 -10.63
N ARG D 114 -5.34 -50.85 -10.69
CA ARG D 114 -4.77 -51.37 -11.93
C ARG D 114 -5.42 -52.70 -12.34
N ASP D 115 -5.58 -53.62 -11.39
CA ASP D 115 -6.12 -54.92 -11.74
C ASP D 115 -7.58 -54.83 -12.19
N ILE D 116 -8.37 -53.98 -11.53
CA ILE D 116 -9.76 -53.78 -11.95
C ILE D 116 -9.82 -53.20 -13.35
N SER D 117 -8.96 -52.20 -13.63
CA SER D 117 -8.89 -51.67 -14.99
C SER D 117 -8.50 -52.76 -15.99
N ASP D 118 -7.62 -53.68 -15.57
CA ASP D 118 -7.21 -54.76 -16.46
C ASP D 118 -8.36 -55.69 -16.78
N ARG D 119 -9.12 -56.10 -15.76
CA ARG D 119 -10.20 -57.11 -15.98
C ARG D 119 -11.43 -56.45 -16.59
N LEU D 120 -11.80 -55.27 -16.10
CA LEU D 120 -13.04 -54.64 -16.56
C LEU D 120 -12.92 -54.03 -17.95
N SER D 121 -11.74 -54.10 -18.58
CA SER D 121 -11.50 -53.61 -19.93
C SER D 121 -11.78 -52.12 -20.08
N ILE D 122 -11.71 -51.37 -18.97
CA ILE D 122 -11.89 -49.92 -18.99
C ILE D 122 -10.76 -49.29 -18.19
N PRO D 123 -10.03 -48.32 -18.75
CA PRO D 123 -8.98 -47.66 -17.98
C PRO D 123 -9.55 -46.83 -16.84
N ILE D 124 -8.78 -46.73 -15.77
CA ILE D 124 -9.15 -45.95 -14.59
C ILE D 124 -8.14 -44.84 -14.43
N GLU D 125 -8.62 -43.60 -14.41
CA GLU D 125 -7.78 -42.42 -14.25
C GLU D 125 -7.95 -41.88 -12.84
N ILE D 126 -6.85 -41.58 -12.17
CA ILE D 126 -6.86 -41.07 -10.82
C ILE D 126 -6.66 -39.57 -10.87
N VAL D 127 -7.64 -38.81 -10.39
CA VAL D 127 -7.59 -37.36 -10.35
C VAL D 127 -7.65 -36.93 -8.90
N ILE D 128 -6.63 -36.20 -8.44
CA ILE D 128 -6.58 -35.70 -7.07
C ILE D 128 -6.57 -34.18 -7.13
N ILE D 129 -7.54 -33.56 -6.47
CA ILE D 129 -7.68 -32.11 -6.46
C ILE D 129 -7.17 -31.59 -5.12
N ARG D 130 -6.22 -30.66 -5.17
CA ARG D 130 -5.64 -30.08 -3.97
C ARG D 130 -5.85 -28.58 -3.98
N ILE D 131 -6.36 -28.05 -2.87
CA ILE D 131 -6.56 -26.62 -2.69
C ILE D 131 -5.77 -26.17 -1.47
N ASP D 132 -4.95 -25.16 -1.64
CA ASP D 132 -4.17 -24.65 -0.52
C ASP D 132 -4.99 -23.63 0.25
N PRO D 133 -5.23 -23.80 1.57
CA PRO D 133 -6.11 -22.89 2.30
C PRO D 133 -5.65 -21.42 2.30
N VAL D 134 -4.39 -21.16 2.63
CA VAL D 134 -3.94 -19.74 2.78
C VAL D 134 -4.10 -19.00 1.46
N SER D 135 -3.66 -19.61 0.36
CA SER D 135 -3.82 -19.02 -0.99
C SER D 135 -4.63 -20.01 -1.80
N ARG D 136 -5.75 -19.58 -2.39
CA ARG D 136 -6.63 -20.60 -3.03
C ARG D 136 -6.05 -20.97 -4.40
N ASP D 137 -4.91 -21.66 -4.40
CA ASP D 137 -4.31 -22.13 -5.68
C ASP D 137 -4.72 -23.59 -5.90
N LEU D 138 -5.08 -23.94 -7.13
CA LEU D 138 -5.59 -25.27 -7.43
C LEU D 138 -4.49 -26.15 -8.00
N HIS D 139 -4.50 -27.42 -7.61
CA HIS D 139 -3.53 -28.40 -8.11
C HIS D 139 -4.29 -29.63 -8.58
N ILE D 140 -4.17 -29.95 -9.86
CA ILE D 140 -4.79 -31.13 -10.46
C ILE D 140 -3.69 -31.97 -11.07
N ASN D 141 -3.58 -33.22 -10.63
CA ASN D 141 -2.48 -34.08 -11.09
C ASN D 141 -2.69 -34.56 -12.52
N SER D 142 -3.91 -34.96 -12.87
CA SER D 142 -4.18 -35.57 -14.16
C SER D 142 -4.47 -34.48 -15.20
N ASP D 143 -3.71 -34.49 -16.29
CA ASP D 143 -3.92 -33.50 -17.35
C ASP D 143 -5.16 -33.81 -18.18
N ARG D 144 -5.54 -35.09 -18.28
CA ARG D 144 -6.71 -35.46 -19.06
C ARG D 144 -7.98 -34.85 -18.47
N PHE D 145 -8.08 -34.82 -17.14
CA PHE D 145 -9.23 -34.18 -16.51
C PHE D 145 -9.27 -32.70 -16.82
N LYS D 146 -8.11 -32.04 -16.80
CA LYS D 146 -8.05 -30.62 -17.17
C LYS D 146 -8.47 -30.43 -18.62
N GLU D 147 -8.10 -31.36 -19.50
CA GLU D 147 -8.55 -31.29 -20.88
C GLU D 147 -10.07 -31.43 -20.97
N LEU D 148 -10.65 -32.30 -20.15
CA LEU D 148 -12.11 -32.45 -20.13
C LEU D 148 -12.79 -31.16 -19.72
N TYR D 149 -12.27 -30.50 -18.68
CA TYR D 149 -12.84 -29.26 -18.14
C TYR D 149 -11.79 -28.17 -18.29
N PRO D 150 -11.76 -27.45 -19.41
CA PRO D 150 -10.75 -26.40 -19.58
C PRO D 150 -10.84 -25.29 -18.55
N THR D 151 -12.04 -24.98 -18.06
CA THR D 151 -12.26 -23.85 -17.16
C THR D 151 -12.73 -24.37 -15.80
N ILE D 152 -12.00 -23.98 -14.75
CA ILE D 152 -12.41 -24.25 -13.37
C ILE D 152 -12.45 -22.91 -12.65
N VAL D 153 -13.62 -22.55 -12.11
CA VAL D 153 -13.82 -21.22 -11.56
C VAL D 153 -14.16 -21.31 -10.07
N VAL D 154 -13.62 -22.32 -9.38
CA VAL D 154 -13.85 -22.44 -7.95
C VAL D 154 -13.14 -21.31 -7.23
N ASP D 155 -13.86 -20.66 -6.30
CA ASP D 155 -13.29 -19.58 -5.52
C ASP D 155 -14.06 -19.49 -4.21
N ILE D 156 -13.39 -19.87 -3.11
CA ILE D 156 -13.99 -19.91 -1.78
C ILE D 156 -12.99 -19.38 -0.77
N ASN D 157 -13.48 -19.10 0.43
CA ASN D 157 -12.65 -18.58 1.51
C ASN D 157 -12.74 -19.53 2.70
N PHE D 158 -11.58 -19.82 3.30
CA PHE D 158 -11.49 -20.67 4.48
C PHE D 158 -11.34 -19.87 5.76
N ASN D 159 -11.68 -18.58 5.73
CA ASN D 159 -11.46 -17.72 6.90
C ASN D 159 -12.28 -18.17 8.10
N GLN D 160 -13.48 -18.71 7.87
CA GLN D 160 -14.29 -19.19 8.98
C GLN D 160 -13.59 -20.33 9.72
N PHE D 161 -13.02 -21.28 8.99
CA PHE D 161 -12.31 -22.38 9.61
C PHE D 161 -11.05 -21.89 10.33
N PHE D 162 -10.35 -20.93 9.74
CA PHE D 162 -9.19 -20.35 10.42
C PHE D 162 -9.59 -19.68 11.73
N ASP D 163 -10.70 -18.94 11.72
CA ASP D 163 -11.17 -18.29 12.95
C ASP D 163 -11.57 -19.31 14.00
N LEU D 164 -12.27 -20.37 13.59
CA LEU D 164 -12.66 -21.40 14.54
C LEU D 164 -11.43 -22.11 15.12
N LYS D 165 -10.42 -22.37 14.29
CA LYS D 165 -9.20 -22.98 14.78
C LYS D 165 -8.47 -22.06 15.75
N GLN D 166 -8.46 -20.75 15.47
CA GLN D 166 -7.85 -19.80 16.39
C GLN D 166 -8.59 -19.78 17.72
N LEU D 167 -9.92 -19.82 17.69
CA LEU D 167 -10.68 -19.89 18.93
C LEU D 167 -10.37 -21.17 19.70
N LEU D 168 -10.29 -22.29 19.00
CA LEU D 168 -9.95 -23.56 19.64
C LEU D 168 -8.57 -23.49 20.30
N TYR D 169 -7.59 -22.92 19.60
CA TYR D 169 -6.24 -22.86 20.14
C TYR D 169 -6.17 -21.91 21.34
N GLU D 170 -6.82 -20.75 21.27
CA GLU D 170 -6.78 -19.84 22.41
C GLU D 170 -7.54 -20.41 23.60
N LYS D 171 -8.57 -21.23 23.37
CA LYS D 171 -9.30 -21.84 24.47
C LYS D 171 -8.53 -22.98 25.13
N PHE D 172 -7.56 -23.58 24.43
CA PHE D 172 -6.85 -24.73 24.95
C PHE D 172 -5.33 -24.59 24.85
N GLY D 173 -4.82 -23.38 24.61
CA GLY D 173 -3.38 -23.23 24.44
C GLY D 173 -2.60 -23.61 25.67
N ASP D 174 -3.12 -23.31 26.85
CA ASP D 174 -2.39 -23.60 28.09
C ASP D 174 -2.34 -25.09 28.37
N ASP D 175 -3.33 -25.84 27.88
CA ASP D 175 -3.38 -27.28 28.11
C ASP D 175 -2.21 -28.00 27.47
N GLU D 176 -1.30 -28.51 28.30
CA GLU D 176 -0.13 -29.21 27.78
C GLU D 176 -0.51 -30.52 27.11
N GLU D 177 -1.48 -31.23 27.67
CA GLU D 177 -1.94 -32.48 27.08
C GLU D 177 -2.53 -32.24 25.70
N PHE D 178 -3.32 -31.17 25.55
CA PHE D 178 -3.82 -30.79 24.24
C PHE D 178 -2.70 -30.43 23.28
N LEU D 179 -1.70 -29.70 23.76
CA LEU D 179 -0.59 -29.31 22.91
C LEU D 179 0.17 -30.52 22.38
N LEU D 180 0.45 -31.49 23.25
CA LEU D 180 1.14 -32.70 22.80
C LEU D 180 0.24 -33.60 21.96
N LYS D 181 -1.08 -33.53 22.16
CA LYS D 181 -1.99 -34.39 21.41
C LYS D 181 -2.07 -33.96 19.95
N VAL D 182 -2.21 -32.66 19.70
CA VAL D 182 -2.45 -32.15 18.36
C VAL D 182 -1.14 -31.95 17.62
N ALA D 183 -0.03 -32.28 18.27
CA ALA D 183 1.27 -32.18 17.62
C ALA D 183 1.34 -33.16 16.45
N HIS D 184 1.79 -32.66 15.30
CA HIS D 184 1.84 -33.45 14.08
C HIS D 184 3.21 -34.12 13.99
N GLY D 185 3.41 -35.10 14.86
CA GLY D 185 4.68 -35.80 14.97
C GLY D 185 5.25 -35.68 16.38
N ASP D 186 6.55 -35.87 16.47
CA ASP D 186 7.28 -35.79 17.73
C ASP D 186 8.47 -34.84 17.58
N PHE D 187 9.01 -34.43 18.73
CA PHE D 187 10.14 -33.51 18.74
C PHE D 187 11.40 -34.24 18.31
N THR D 188 11.96 -33.85 17.18
CA THR D 188 13.15 -34.48 16.63
C THR D 188 14.17 -33.42 16.24
N LEU D 189 15.44 -33.79 16.32
CA LEU D 189 16.54 -32.90 15.96
C LEU D 189 17.38 -33.54 14.87
N THR D 190 17.84 -32.73 13.92
CA THR D 190 18.69 -33.20 12.85
C THR D 190 20.10 -33.40 13.39
N ALA D 191 21.03 -33.76 12.51
CA ALA D 191 22.41 -33.96 12.94
C ALA D 191 22.99 -32.64 13.42
N PRO D 192 23.83 -32.66 14.46
CA PRO D 192 24.42 -31.41 14.95
C PRO D 192 25.24 -30.71 13.87
N TRP D 193 25.19 -29.38 13.88
CA TRP D 193 25.91 -28.60 12.89
C TRP D 193 27.41 -28.62 13.11
N CYS D 194 27.86 -28.94 14.32
CA CYS D 194 29.28 -29.03 14.62
C CYS D 194 29.53 -30.29 15.45
N LYS D 195 30.75 -30.81 15.33
CA LYS D 195 31.09 -32.07 16.01
C LYS D 195 31.69 -31.86 17.38
N THR D 196 32.29 -30.71 17.64
CA THR D 196 32.93 -30.44 18.92
C THR D 196 32.52 -29.06 19.44
N GLY D 197 32.43 -28.95 20.76
CA GLY D 197 32.14 -27.67 21.38
C GLY D 197 33.38 -26.83 21.58
N CYS D 198 33.19 -25.66 22.16
CA CYS D 198 34.29 -24.75 22.42
C CYS D 198 34.73 -24.88 23.88
N PRO D 199 35.93 -25.39 24.15
CA PRO D 199 36.35 -25.56 25.54
C PRO D 199 36.95 -24.30 26.15
N GLU D 200 37.48 -23.41 25.31
CA GLU D 200 38.09 -22.18 25.79
C GLU D 200 37.06 -21.10 26.11
N PHE D 201 35.77 -21.34 25.84
CA PHE D 201 34.75 -20.36 26.17
C PHE D 201 34.66 -20.14 27.67
N TRP D 202 34.81 -21.22 28.46
CA TRP D 202 34.68 -21.10 29.91
C TRP D 202 35.75 -20.20 30.52
N LYS D 203 36.89 -20.04 29.86
CA LYS D 203 37.96 -19.18 30.35
C LYS D 203 37.87 -17.76 29.82
N HIS D 204 36.83 -17.44 29.06
CA HIS D 204 36.68 -16.09 28.53
C HIS D 204 36.40 -15.11 29.65
N PRO D 205 37.10 -13.98 29.71
CA PRO D 205 36.88 -13.02 30.81
C PRO D 205 35.45 -12.51 30.90
N ILE D 206 34.77 -12.34 29.76
CA ILE D 206 33.38 -11.93 29.79
C ILE D 206 32.53 -12.98 30.50
N TYR D 207 32.78 -14.26 30.22
CA TYR D 207 32.06 -15.31 30.92
C TYR D 207 32.43 -15.36 32.40
N LYS D 208 33.67 -15.00 32.74
CA LYS D 208 34.04 -14.90 34.15
C LYS D 208 33.24 -13.83 34.86
N GLU D 209 33.10 -12.66 34.23
CA GLU D 209 32.26 -11.60 34.79
C GLU D 209 30.81 -12.06 34.90
N PHE D 210 30.34 -12.79 33.89
CA PHE D 210 29.00 -13.35 33.92
C PHE D 210 28.81 -14.26 35.13
N LYS D 211 29.73 -15.21 35.31
CA LYS D 211 29.65 -16.15 36.43
C LYS D 211 29.66 -15.41 37.77
N MET D 212 30.57 -14.44 37.91
CA MET D 212 30.63 -13.68 39.14
C MET D 212 29.34 -12.88 39.37
N SER D 213 28.66 -12.50 38.29
CA SER D 213 27.44 -11.70 38.43
C SER D 213 26.33 -12.49 39.12
N MET D 214 26.04 -13.69 38.63
CA MET D 214 24.96 -14.49 39.20
C MET D 214 25.35 -15.04 40.56
N PRO D 215 24.36 -15.30 41.42
CA PRO D 215 24.62 -16.06 42.65
C PRO D 215 24.87 -17.52 42.34
N VAL D 216 25.40 -18.23 43.33
CA VAL D 216 25.90 -19.59 43.09
C VAL D 216 24.84 -20.53 42.52
N PRO D 217 23.62 -20.62 43.07
CA PRO D 217 22.63 -21.52 42.45
C PRO D 217 22.34 -21.18 41.01
N GLU D 218 22.31 -19.89 40.67
CA GLU D 218 22.06 -19.50 39.29
C GLU D 218 23.22 -19.89 38.38
N ARG D 219 24.46 -19.74 38.86
CA ARG D 219 25.61 -20.19 38.07
C ARG D 219 25.52 -21.69 37.82
N ARG D 220 25.19 -22.46 38.86
CA ARG D 220 25.07 -23.90 38.71
C ARG D 220 24.00 -24.25 37.69
N LEU D 221 22.81 -23.65 37.83
CA LEU D 221 21.73 -23.92 36.89
C LEU D 221 22.12 -23.58 35.48
N PHE D 222 22.79 -22.44 35.28
CA PHE D 222 23.24 -22.06 33.95
C PHE D 222 24.21 -23.09 33.39
N GLU D 223 25.16 -23.55 34.20
CA GLU D 223 26.20 -24.41 33.65
C GLU D 223 25.68 -25.83 33.39
N GLU D 224 24.66 -26.30 34.13
CA GLU D 224 24.05 -27.55 33.70
C GLU D 224 23.12 -27.35 32.51
N SER D 225 22.42 -26.21 32.44
CA SER D 225 21.49 -25.99 31.35
C SER D 225 22.21 -25.89 30.01
N VAL D 226 23.38 -25.24 29.98
CA VAL D 226 24.15 -25.17 28.75
C VAL D 226 24.66 -26.52 28.30
N LYS D 227 24.75 -27.49 29.20
CA LYS D 227 25.20 -28.84 28.86
C LYS D 227 24.06 -29.79 28.57
N PHE D 228 22.81 -29.38 28.81
CA PHE D 228 21.66 -30.25 28.57
C PHE D 228 21.53 -30.53 27.08
N ASN D 229 21.18 -31.77 26.75
CA ASN D 229 20.94 -32.19 25.37
C ASN D 229 19.52 -32.74 25.27
N ALA D 230 18.71 -32.14 24.40
CA ALA D 230 17.35 -32.63 24.20
C ALA D 230 17.35 -34.04 23.64
N TYR D 231 18.26 -34.33 22.70
CA TYR D 231 18.33 -35.66 22.11
C TYR D 231 18.70 -36.71 23.16
N GLU D 232 19.65 -36.40 24.04
CA GLU D 232 20.11 -37.38 25.01
C GLU D 232 19.06 -37.63 26.08
N SER D 233 18.43 -36.56 26.58
CA SER D 233 17.45 -36.70 27.63
C SER D 233 16.19 -37.39 27.13
N GLU D 234 15.49 -38.06 28.05
CA GLU D 234 14.23 -38.72 27.69
C GLU D 234 13.14 -37.70 27.35
N ARG D 235 13.27 -36.46 27.84
CA ARG D 235 12.33 -35.40 27.52
C ARG D 235 13.10 -34.12 27.26
N TRP D 236 12.71 -33.38 26.23
CA TRP D 236 13.42 -32.17 25.86
C TRP D 236 13.17 -31.01 26.81
N ASN D 237 12.11 -31.09 27.62
CA ASN D 237 11.76 -30.01 28.52
C ASN D 237 12.22 -30.25 29.95
N THR D 238 13.01 -31.30 30.18
CA THR D 238 13.38 -31.67 31.54
C THR D 238 14.08 -30.52 32.27
N ASN D 239 15.14 -29.97 31.66
CA ASN D 239 15.83 -28.86 32.28
C ASN D 239 14.95 -27.62 32.31
N LEU D 240 14.14 -27.41 31.27
CA LEU D 240 13.23 -26.27 31.26
C LEU D 240 12.23 -26.35 32.41
N VAL D 241 11.63 -27.53 32.59
CA VAL D 241 10.66 -27.70 33.68
C VAL D 241 11.37 -27.55 35.03
N LYS D 242 12.59 -28.08 35.15
CA LYS D 242 13.32 -27.95 36.40
C LYS D 242 13.56 -26.48 36.75
N ILE D 243 14.03 -25.70 35.77
CA ILE D 243 14.30 -24.29 36.02
C ILE D 243 13.01 -23.54 36.34
N ARG D 244 11.94 -23.84 35.60
CA ARG D 244 10.67 -23.16 35.85
C ARG D 244 10.15 -23.46 37.25
N GLU D 245 10.23 -24.71 37.68
CA GLU D 245 9.79 -25.05 39.03
C GLU D 245 10.69 -24.40 40.07
N TYR D 246 11.98 -24.30 39.79
CA TYR D 246 12.89 -23.65 40.74
C TYR D 246 12.54 -22.18 40.92
N THR D 247 12.24 -21.49 39.82
CA THR D 247 12.00 -20.05 39.86
C THR D 247 10.52 -19.69 40.08
N LYS D 248 9.65 -20.70 40.18
CA LYS D 248 8.22 -20.43 40.32
C LYS D 248 7.93 -19.60 41.57
N LYS D 249 8.59 -19.90 42.69
CA LYS D 249 8.30 -19.20 43.93
C LYS D 249 8.58 -17.71 43.80
N ASP D 250 9.79 -17.36 43.33
CA ASP D 250 10.14 -15.96 43.17
C ASP D 250 9.25 -15.28 42.14
N TYR D 251 8.95 -15.96 41.03
CA TYR D 251 8.12 -15.37 40.00
C TYR D 251 6.72 -15.06 40.55
N SER D 252 6.13 -16.02 41.26
CA SER D 252 4.80 -15.82 41.81
C SER D 252 4.80 -14.73 42.88
N GLU D 253 5.85 -14.66 43.70
CA GLU D 253 5.93 -13.61 44.70
C GLU D 253 5.99 -12.24 44.05
N HIS D 254 6.82 -12.09 43.02
CA HIS D 254 6.92 -10.80 42.33
C HIS D 254 5.60 -10.43 41.67
N ILE D 255 4.93 -11.41 41.04
CA ILE D 255 3.64 -11.14 40.40
C ILE D 255 2.62 -10.71 41.44
N SER D 256 2.59 -11.40 42.59
CA SER D 256 1.64 -11.06 43.64
C SER D 256 1.89 -9.66 44.18
N LYS D 257 3.15 -9.29 44.39
CA LYS D 257 3.44 -7.95 44.87
C LYS D 257 3.02 -6.89 43.85
N SER D 258 3.36 -7.12 42.58
CA SER D 258 3.00 -6.15 41.55
C SER D 258 1.49 -6.02 41.42
N ALA D 259 0.77 -7.13 41.60
CA ALA D 259 -0.69 -7.07 41.52
C ALA D 259 -1.27 -6.33 42.71
N LYS D 260 -0.83 -6.67 43.92
CA LYS D 260 -1.37 -6.00 45.11
C LYS D 260 -0.96 -4.53 45.17
N ASN D 261 0.00 -4.12 44.34
CA ASN D 261 0.37 -2.72 44.26
C ASN D 261 -0.81 -1.85 43.82
N ILE D 262 -1.83 -2.44 43.19
CA ILE D 262 -2.91 -1.64 42.59
C ILE D 262 -3.67 -0.86 43.66
N PHE D 263 -3.83 -1.41 44.85
CA PHE D 263 -4.54 -0.69 45.90
C PHE D 263 -3.80 0.57 46.32
N LEU D 264 -2.48 0.50 46.40
CA LEU D 264 -1.69 1.66 46.79
C LEU D 264 -1.77 2.78 45.77
N ALA D 265 -2.04 2.44 44.51
CA ALA D 265 -2.03 3.43 43.44
C ALA D 265 -3.10 4.49 43.65
N SER D 266 -2.74 5.73 43.36
CA SER D 266 -3.64 6.86 43.47
C SER D 266 -4.24 7.17 42.11
N GLY D 267 -5.16 8.14 42.08
CA GLY D 267 -5.84 8.54 40.87
C GLY D 267 -5.13 9.61 40.06
N PHE D 268 -3.93 10.01 40.45
CA PHE D 268 -3.20 11.08 39.78
C PHE D 268 -2.14 10.47 38.86
N TYR D 269 -2.46 10.37 37.59
CA TYR D 269 -1.48 9.99 36.58
C TYR D 269 -0.86 11.25 35.98
N LYS D 270 -0.16 11.09 34.87
CA LYS D 270 0.63 12.17 34.27
C LYS D 270 -0.12 12.87 33.14
N GLN D 271 -1.42 13.05 33.30
CA GLN D 271 -2.22 13.72 32.29
C GLN D 271 -1.67 15.12 32.02
N PRO D 272 -1.62 15.56 30.76
CA PRO D 272 -1.10 16.89 30.46
C PRO D 272 -2.16 17.96 30.60
N ASN D 273 -1.71 19.17 30.91
CA ASN D 273 -2.58 20.34 30.96
C ASN D 273 -1.71 21.57 30.71
N LYS D 274 -2.31 22.75 30.87
CA LYS D 274 -1.64 23.99 30.45
C LYS D 274 -0.48 24.34 31.36
N ASN D 275 -0.55 24.01 32.65
CA ASN D 275 0.54 24.35 33.57
C ASN D 275 1.83 23.63 33.19
N GLU D 276 1.71 22.33 32.96
CA GLU D 276 2.91 21.54 32.59
C GLU D 276 3.47 22.10 31.29
N ILE D 277 2.60 22.31 30.30
CA ILE D 277 3.06 22.77 29.00
C ILE D 277 3.79 24.10 29.12
N SER D 278 3.24 25.03 29.92
CA SER D 278 3.89 26.33 30.10
C SER D 278 5.24 26.18 30.78
N GLU D 279 5.31 25.37 31.83
CA GLU D 279 6.58 25.17 32.53
C GLU D 279 7.61 24.52 31.60
N GLY D 280 7.18 23.52 30.83
CA GLY D 280 8.09 22.88 29.90
C GLY D 280 8.57 23.84 28.82
N TRP D 281 7.68 24.71 28.33
CA TRP D 281 8.09 25.69 27.34
C TRP D 281 9.11 26.69 27.92
N THR D 282 8.89 27.11 29.16
CA THR D 282 9.86 27.99 29.80
C THR D 282 11.22 27.31 29.94
N LEU D 283 11.22 26.05 30.39
CA LEU D 283 12.47 25.32 30.50
C LEU D 283 13.13 25.15 29.14
N MET D 284 12.32 24.89 28.10
CA MET D 284 12.85 24.71 26.75
C MET D 284 13.52 25.99 26.25
N VAL D 285 12.86 27.13 26.42
CA VAL D 285 13.44 28.37 25.94
C VAL D 285 14.69 28.72 26.73
N GLU D 286 14.70 28.43 28.03
CA GLU D 286 15.90 28.65 28.83
C GLU D 286 17.06 27.79 28.33
N ARG D 287 16.78 26.52 28.07
CA ARG D 287 17.79 25.60 27.58
C ARG D 287 18.34 26.05 26.23
N VAL D 288 17.45 26.45 25.33
CA VAL D 288 17.85 26.90 24.00
C VAL D 288 18.72 28.14 24.09
N GLN D 289 18.30 29.11 24.92
CA GLN D 289 19.12 30.30 25.12
C GLN D 289 20.49 29.93 25.69
N ASP D 290 20.54 28.92 26.55
CA ASP D 290 21.82 28.44 27.05
C ASP D 290 22.69 27.88 25.93
N GLN D 291 22.09 27.14 25.00
CA GLN D 291 22.85 26.44 23.98
C GLN D 291 23.01 27.23 22.69
N ARG D 292 21.95 27.90 22.25
CA ARG D 292 21.99 28.66 21.02
C ARG D 292 22.14 30.15 21.24
N GLU D 293 22.78 30.82 20.28
CA GLU D 293 22.99 32.26 20.35
C GLU D 293 21.76 32.96 19.80
N ILE D 294 21.05 33.67 20.66
CA ILE D 294 19.80 34.34 20.31
C ILE D 294 20.12 35.71 19.72
N SER D 295 19.47 36.03 18.60
CA SER D 295 19.59 37.33 17.97
C SER D 295 18.22 37.99 17.88
N LYS D 296 18.21 39.32 17.88
CA LYS D 296 16.97 40.10 17.84
C LYS D 296 16.90 41.02 16.63
N SER D 297 17.78 40.86 15.66
CA SER D 297 17.83 41.72 14.48
C SER D 297 17.19 41.00 13.30
N LEU D 298 16.28 41.68 12.61
CA LEU D 298 15.66 41.11 11.42
C LEU D 298 16.68 40.86 10.33
N HIS D 299 17.72 41.71 10.26
CA HIS D 299 18.75 41.54 9.24
C HIS D 299 19.58 40.28 9.44
N ASP D 300 19.51 39.65 10.61
CA ASP D 300 20.26 38.43 10.87
C ASP D 300 19.57 37.19 10.33
N GLN D 301 18.37 37.32 9.78
CA GLN D 301 17.63 36.16 9.29
C GLN D 301 18.30 35.56 8.06
N LYS D 302 18.04 34.29 7.85
CA LYS D 302 18.40 33.57 6.65
C LYS D 302 17.20 33.46 5.72
N PRO D 303 17.42 33.32 4.41
CA PRO D 303 16.28 33.31 3.47
C PRO D 303 15.35 32.14 3.75
N SER D 304 14.08 32.48 4.05
CA SER D 304 13.06 31.44 4.20
C SER D 304 12.84 30.70 2.88
N ILE D 305 12.79 31.44 1.77
CA ILE D 305 12.73 30.86 0.44
C ILE D 305 13.83 31.51 -0.39
N HIS D 306 14.71 30.68 -0.96
CA HIS D 306 15.85 31.18 -1.73
C HIS D 306 15.39 31.65 -3.11
N PHE D 307 14.58 32.71 -3.11
CA PHE D 307 13.95 33.20 -4.33
C PHE D 307 13.27 34.52 -4.04
N ILE D 308 13.20 35.37 -5.06
CA ILE D 308 12.37 36.57 -5.05
C ILE D 308 11.59 36.61 -6.35
N TRP D 309 10.34 37.06 -6.28
CA TRP D 309 9.43 36.97 -7.41
C TRP D 309 8.69 38.29 -7.61
N GLY D 310 8.30 38.54 -8.86
CA GLY D 310 7.48 39.68 -9.18
C GLY D 310 6.53 39.33 -10.30
N ALA D 311 5.46 40.12 -10.44
CA ALA D 311 4.47 39.89 -11.47
C ALA D 311 5.07 40.11 -12.86
N HIS D 312 4.57 39.36 -13.84
CA HIS D 312 5.05 39.46 -15.21
C HIS D 312 4.50 40.70 -15.90
N ASN D 313 5.31 41.30 -16.77
CA ASN D 313 4.91 42.50 -17.50
C ASN D 313 4.26 42.16 -18.83
N PRO D 314 2.95 42.43 -18.95
CA PRO D 314 2.18 42.15 -20.17
C PRO D 314 2.45 43.20 -21.24
N GLY D 315 2.94 44.37 -20.84
CA GLY D 315 3.22 45.43 -21.78
C GLY D 315 4.45 45.17 -22.63
N ASN D 316 5.36 44.34 -22.13
CA ASN D 316 6.57 44.01 -22.85
C ASN D 316 6.43 42.75 -23.69
N SER D 317 7.51 42.37 -24.36
CA SER D 317 7.51 41.18 -25.20
C SER D 317 7.90 39.94 -24.40
N ASN D 318 8.11 38.82 -25.10
CA ASN D 318 8.48 37.58 -24.43
C ASN D 318 9.67 36.89 -25.07
N ASN D 319 10.19 37.39 -26.19
CA ASN D 319 11.31 36.76 -26.85
C ASN D 319 12.57 36.83 -25.98
N ALA D 320 13.41 35.80 -26.10
CA ALA D 320 14.59 35.71 -25.25
C ALA D 320 15.55 36.86 -25.50
N THR D 321 15.77 37.22 -26.77
CA THR D 321 16.69 38.31 -27.07
C THR D 321 16.16 39.64 -26.54
N PHE D 322 14.85 39.88 -26.69
CA PHE D 322 14.27 41.10 -26.14
C PHE D 322 14.38 41.14 -24.63
N LYS D 323 14.17 39.99 -23.98
CA LYS D 323 14.32 39.94 -22.53
C LYS D 323 15.75 40.24 -22.12
N LEU D 324 16.72 39.68 -22.84
CA LEU D 324 18.13 39.95 -22.54
C LEU D 324 18.46 41.43 -22.72
N ILE D 325 17.95 42.03 -23.80
CA ILE D 325 18.20 43.45 -24.03
C ILE D 325 17.58 44.29 -22.92
N LEU D 326 16.36 43.96 -22.52
CA LEU D 326 15.70 44.69 -21.44
C LEU D 326 16.47 44.57 -20.13
N LEU D 327 16.95 43.36 -19.82
CA LEU D 327 17.72 43.16 -18.60
C LEU D 327 19.02 43.96 -18.63
N SER D 328 19.71 43.95 -19.77
CA SER D 328 20.95 44.71 -19.87
C SER D 328 20.69 46.20 -19.73
N LYS D 329 19.64 46.71 -20.37
CA LYS D 329 19.31 48.12 -20.25
C LYS D 329 18.98 48.49 -18.82
N SER D 330 18.20 47.65 -18.13
CA SER D 330 17.87 47.92 -16.74
C SER D 330 19.11 47.92 -15.85
N LEU D 331 19.99 46.94 -16.04
CA LEU D 331 21.20 46.87 -15.24
C LEU D 331 22.14 48.04 -15.52
N GLN D 332 22.10 48.58 -16.74
CA GLN D 332 22.97 49.70 -17.10
C GLN D 332 22.44 51.04 -16.60
N SER D 333 21.21 51.09 -16.10
CA SER D 333 20.58 52.34 -15.70
C SER D 333 20.18 52.32 -14.22
N ILE D 334 21.09 51.85 -13.36
CA ILE D 334 20.82 51.87 -11.93
C ILE D 334 20.99 53.28 -11.39
N LYS D 335 19.99 53.76 -10.67
CA LYS D 335 20.00 55.10 -10.09
C LYS D 335 20.28 55.01 -8.60
N GLY D 336 21.23 55.81 -8.13
CA GLY D 336 21.64 55.80 -6.74
C GLY D 336 23.05 55.27 -6.59
N ILE D 337 23.52 55.30 -5.34
CA ILE D 337 24.85 54.83 -4.98
C ILE D 337 24.71 53.78 -3.88
N SER D 338 25.48 52.70 -3.99
CA SER D 338 25.44 51.61 -3.02
C SER D 338 26.76 50.87 -3.10
N THR D 339 26.88 49.81 -2.30
CA THR D 339 28.12 49.05 -2.26
C THR D 339 28.40 48.35 -3.58
N TYR D 340 27.36 47.76 -4.19
CA TYR D 340 27.54 46.95 -5.40
C TYR D 340 26.87 47.54 -6.62
N THR D 341 26.43 48.80 -6.57
CA THR D 341 25.77 49.39 -7.74
C THR D 341 26.73 49.52 -8.92
N GLU D 342 27.99 49.87 -8.65
CA GLU D 342 28.97 49.96 -9.72
C GLU D 342 29.22 48.59 -10.36
N ALA D 343 29.31 47.55 -9.53
CA ALA D 343 29.51 46.21 -10.06
C ALA D 343 28.33 45.77 -10.93
N PHE D 344 27.12 46.08 -10.49
CA PHE D 344 25.95 45.70 -11.27
C PHE D 344 25.86 46.49 -12.58
N LYS D 345 26.22 47.77 -12.54
CA LYS D 345 26.28 48.55 -13.78
C LYS D 345 27.33 47.98 -14.72
N SER D 346 28.48 47.55 -14.18
CA SER D 346 29.51 46.95 -15.00
C SER D 346 29.04 45.63 -15.61
N LEU D 347 28.29 44.84 -14.85
CA LEU D 347 27.72 43.61 -15.39
C LEU D 347 26.72 43.91 -16.49
N GLY D 348 25.92 44.96 -16.31
CA GLY D 348 24.98 45.35 -17.35
C GLY D 348 25.68 45.75 -18.63
N LYS D 349 26.73 46.56 -18.51
CA LYS D 349 27.56 46.89 -19.67
C LYS D 349 28.31 45.67 -20.20
N MET D 350 28.47 44.64 -19.37
CA MET D 350 29.33 43.51 -19.70
C MET D 350 28.67 42.57 -20.69
N MET D 351 27.33 42.45 -20.64
CA MET D 351 26.59 41.58 -21.54
C MET D 351 25.82 42.38 -22.59
N ASP D 352 26.15 43.66 -22.76
CA ASP D 352 25.44 44.52 -23.71
C ASP D 352 25.78 44.06 -25.13
N ILE D 353 24.83 43.39 -25.78
CA ILE D 353 25.06 42.93 -27.14
C ILE D 353 24.83 44.04 -28.16
N GLY D 354 24.27 45.17 -27.75
CA GLY D 354 24.00 46.24 -28.71
C GLY D 354 22.84 45.88 -29.61
N ASP D 355 22.88 46.39 -30.83
CA ASP D 355 21.83 46.14 -31.81
C ASP D 355 22.10 44.92 -32.68
N LYS D 356 23.25 44.25 -32.50
CA LYS D 356 23.58 43.09 -33.31
C LYS D 356 22.90 41.83 -32.78
N ALA D 357 21.58 41.90 -32.59
CA ALA D 357 20.84 40.74 -32.10
C ALA D 357 20.84 39.60 -33.11
N ILE D 358 20.68 39.93 -34.39
CA ILE D 358 20.59 38.90 -35.42
C ILE D 358 21.90 38.14 -35.54
N GLU D 359 23.03 38.86 -35.52
CA GLU D 359 24.32 38.19 -35.62
C GLU D 359 24.58 37.30 -34.40
N TYR D 360 24.21 37.78 -33.21
CA TYR D 360 24.35 36.96 -32.01
C TYR D 360 23.50 35.70 -32.10
N GLU D 361 22.27 35.84 -32.60
CA GLU D 361 21.41 34.68 -32.78
C GLU D 361 22.01 33.70 -33.79
N GLU D 362 22.58 34.23 -34.87
CA GLU D 362 23.22 33.37 -35.87
C GLU D 362 24.37 32.59 -35.25
N PHE D 363 25.21 33.28 -34.46
CA PHE D 363 26.34 32.62 -33.81
C PHE D 363 25.87 31.53 -32.86
N CYS D 364 24.87 31.84 -32.03
CA CYS D 364 24.41 30.87 -31.04
C CYS D 364 23.73 29.68 -31.70
N MET D 365 22.90 29.92 -32.73
CA MET D 365 22.31 28.81 -33.46
C MET D 365 23.36 27.96 -34.15
N SER D 366 24.39 28.58 -34.72
CA SER D 366 25.45 27.80 -35.36
C SER D 366 26.15 26.90 -34.34
N LEU D 367 26.48 27.47 -33.17
CA LEU D 367 27.15 26.68 -32.15
C LEU D 367 26.26 25.54 -31.65
N LYS D 368 24.98 25.85 -31.45
CA LYS D 368 24.02 24.85 -30.99
C LYS D 368 23.89 23.71 -31.99
N SER D 369 23.77 24.06 -33.27
CA SER D 369 23.63 23.06 -34.32
C SER D 369 24.89 22.20 -34.42
N LYS D 370 26.07 22.81 -34.25
CA LYS D 370 27.30 22.03 -34.22
C LYS D 370 27.31 21.08 -33.04
N ALA D 371 26.81 21.53 -31.88
CA ALA D 371 26.81 20.68 -30.70
C ALA D 371 25.84 19.51 -30.84
N ARG D 372 24.64 19.76 -31.37
CA ARG D 372 23.60 18.74 -31.46
C ARG D 372 23.78 17.86 -32.69
N SER D 373 25.01 17.38 -32.88
CA SER D 373 25.29 16.49 -34.01
C SER D 373 26.24 15.36 -33.64
N SER D 374 26.33 15.01 -32.35
CA SER D 374 27.27 13.99 -31.93
C SER D 374 26.76 13.31 -30.67
N TRP D 375 26.96 12.00 -30.59
CA TRP D 375 26.65 11.27 -29.37
C TRP D 375 27.49 11.77 -28.20
N LYS D 376 28.79 11.95 -28.44
CA LYS D 376 29.70 12.44 -27.42
C LYS D 376 29.92 13.95 -27.58
N GLN D 377 30.50 14.55 -26.54
CA GLN D 377 30.85 15.96 -26.60
C GLN D 377 32.09 16.17 -27.48
N ILE D 378 32.16 17.35 -28.08
CA ILE D 378 33.21 17.65 -29.06
C ILE D 378 34.50 17.98 -28.31
N MET D 379 35.56 17.25 -28.63
CA MET D 379 36.89 17.49 -28.09
C MET D 379 37.77 18.17 -29.13
N ASN D 380 38.88 18.74 -28.65
CA ASN D 380 39.97 19.32 -29.43
C ASN D 380 39.55 20.52 -30.27
N LYS D 381 38.30 20.98 -30.16
CA LYS D 381 37.84 22.19 -30.84
C LYS D 381 37.56 23.24 -29.75
N LYS D 382 38.59 23.97 -29.37
CA LYS D 382 38.47 24.97 -28.32
C LYS D 382 37.60 26.12 -28.78
N LEU D 383 36.68 26.54 -27.90
CA LEU D 383 35.79 27.66 -28.20
C LEU D 383 36.53 28.99 -28.06
N GLU D 384 35.97 30.01 -28.69
CA GLU D 384 36.52 31.36 -28.61
C GLU D 384 35.38 32.36 -28.48
N PRO D 385 35.45 33.28 -27.53
CA PRO D 385 34.42 34.31 -27.42
C PRO D 385 34.42 35.22 -28.64
N LYS D 386 33.23 35.71 -28.98
CA LYS D 386 33.04 36.64 -30.08
C LYS D 386 32.63 38.00 -29.52
N GLN D 387 33.26 39.04 -30.04
CA GLN D 387 33.00 40.40 -29.57
C GLN D 387 31.79 41.06 -30.23
N ILE D 388 30.68 41.05 -29.52
CA ILE D 388 29.45 41.67 -30.00
C ILE D 388 29.21 42.89 -29.13
N ASN D 389 29.28 44.08 -29.74
CA ASN D 389 29.28 45.33 -29.00
C ASN D 389 30.39 45.31 -27.96
N ASN D 390 30.02 45.35 -26.67
CA ASN D 390 30.98 45.32 -25.59
C ASN D 390 31.00 43.98 -24.85
N ALA D 391 30.35 42.96 -25.40
CA ALA D 391 30.21 41.67 -24.73
C ALA D 391 31.01 40.60 -25.47
N LEU D 392 31.84 39.88 -24.73
CA LEU D 392 32.55 38.71 -25.27
C LEU D 392 31.65 37.49 -25.06
N VAL D 393 30.82 37.20 -26.04
CA VAL D 393 29.86 36.11 -25.93
C VAL D 393 30.56 34.80 -26.24
N LEU D 394 30.55 33.88 -25.28
CA LEU D 394 31.13 32.56 -25.46
C LEU D 394 30.09 31.52 -25.85
N TRP D 395 28.87 31.65 -25.34
CA TRP D 395 27.78 30.74 -25.67
C TRP D 395 26.48 31.50 -25.46
N GLU D 396 25.39 30.95 -26.00
CA GLU D 396 24.09 31.55 -25.82
C GLU D 396 23.77 31.69 -24.33
N GLN D 397 23.35 32.89 -23.93
CA GLN D 397 23.09 33.20 -22.52
C GLN D 397 24.31 32.99 -21.65
N GLN D 398 25.49 33.18 -22.23
CA GLN D 398 26.77 33.07 -21.51
C GLN D 398 27.64 34.25 -21.90
N PHE D 399 28.33 34.83 -20.92
CA PHE D 399 29.15 36.00 -21.20
C PHE D 399 30.48 35.89 -20.48
N MET D 400 31.55 36.17 -21.22
CA MET D 400 32.89 36.21 -20.66
C MET D 400 33.06 37.42 -19.75
N ILE D 401 33.90 37.25 -18.73
CA ILE D 401 34.22 38.33 -17.80
C ILE D 401 35.33 39.16 -18.43
N ASN D 402 34.98 40.35 -18.93
CA ASN D 402 35.94 41.26 -19.52
C ASN D 402 36.45 42.20 -18.45
N ASN D 403 37.75 42.12 -18.14
CA ASN D 403 38.33 42.98 -17.13
C ASN D 403 38.37 44.43 -17.56
N ASP D 404 38.29 44.72 -18.86
CA ASP D 404 38.36 46.10 -19.32
C ASP D 404 37.14 46.90 -18.87
N LEU D 405 35.96 46.30 -18.93
CA LEU D 405 34.71 47.00 -18.61
C LEU D 405 34.40 47.00 -17.13
N ILE D 406 35.22 46.37 -16.29
CA ILE D 406 34.97 46.28 -14.86
C ILE D 406 36.18 46.79 -14.10
N ASP D 407 35.94 47.51 -13.02
CA ASP D 407 37.03 47.91 -12.14
C ASP D 407 37.52 46.71 -11.35
N LYS D 408 38.83 46.62 -11.17
CA LYS D 408 39.41 45.49 -10.46
C LYS D 408 38.91 45.41 -9.02
N SER D 409 38.95 46.54 -8.32
CA SER D 409 38.49 46.56 -6.92
C SER D 409 37.01 46.22 -6.83
N GLU D 410 36.21 46.74 -7.76
CA GLU D 410 34.79 46.39 -7.80
C GLU D 410 34.60 44.91 -8.05
N LYS D 411 35.39 44.34 -8.96
CA LYS D 411 35.28 42.91 -9.25
C LYS D 411 35.59 42.08 -8.01
N LEU D 412 36.68 42.40 -7.30
CA LEU D 412 37.01 41.66 -6.09
C LEU D 412 35.94 41.84 -5.03
N LYS D 413 35.41 43.06 -4.87
CA LYS D 413 34.36 43.28 -3.88
C LYS D 413 33.14 42.43 -4.19
N LEU D 414 32.69 42.45 -5.45
CA LEU D 414 31.51 41.67 -5.83
C LEU D 414 31.75 40.18 -5.65
N PHE D 415 32.93 39.70 -6.02
CA PHE D 415 33.17 38.26 -5.96
C PHE D 415 33.38 37.74 -4.54
N LYS D 416 34.00 38.54 -3.66
CA LYS D 416 34.30 38.09 -2.31
C LYS D 416 33.23 38.50 -1.31
N ASN D 417 32.98 39.81 -1.19
CA ASN D 417 32.06 40.29 -0.17
C ASN D 417 30.61 39.92 -0.47
N PHE D 418 30.25 39.73 -1.74
CA PHE D 418 28.88 39.44 -2.13
C PHE D 418 28.71 38.03 -2.68
N CYS D 419 29.46 37.69 -3.72
CA CYS D 419 29.34 36.38 -4.36
C CYS D 419 29.98 35.26 -3.56
N GLY D 420 30.97 35.56 -2.73
CA GLY D 420 31.60 34.56 -1.90
C GLY D 420 32.54 33.61 -2.62
N ILE D 421 32.80 33.83 -3.90
CA ILE D 421 33.76 33.00 -4.62
C ILE D 421 35.18 33.45 -4.30
N GLY D 422 35.81 32.73 -3.37
CA GLY D 422 37.14 33.09 -2.92
C GLY D 422 37.11 33.82 -1.59
N LYS D 423 37.37 33.08 -0.50
CA LYS D 423 37.35 33.67 0.83
C LYS D 423 38.31 32.88 1.71
N HIS D 424 39.48 33.46 1.97
CA HIS D 424 40.45 32.90 2.91
C HIS D 424 40.87 31.48 2.54
N VAL D 437 34.76 30.61 18.99
CA VAL D 437 34.16 29.53 18.22
C VAL D 437 32.67 29.82 17.99
N SER D 438 32.11 30.68 18.85
CA SER D 438 30.74 31.14 18.73
C SER D 438 29.72 30.02 18.85
N LYS D 439 28.45 30.37 18.73
CA LYS D 439 27.32 29.46 18.77
C LYS D 439 26.43 29.73 17.58
N PRO D 440 25.63 28.76 17.16
CA PRO D 440 24.69 29.01 16.05
C PRO D 440 23.77 30.18 16.36
N LYS D 441 23.54 31.02 15.36
CA LYS D 441 22.76 32.23 15.51
C LYS D 441 21.33 31.95 15.08
N ILE D 442 20.39 32.05 16.01
CA ILE D 442 18.98 31.83 15.72
C ILE D 442 18.17 33.01 16.25
N LEU D 443 17.06 33.28 15.58
CA LEU D 443 16.16 34.34 16.02
C LEU D 443 15.34 33.88 17.21
N ASP D 444 15.02 34.82 18.09
CA ASP D 444 14.27 34.53 19.30
C ASP D 444 12.84 34.15 18.93
N PHE D 445 12.54 32.86 18.98
CA PHE D 445 11.22 32.38 18.57
C PHE D 445 10.11 32.79 19.55
N ASP D 446 10.45 33.25 20.74
CA ASP D 446 9.46 33.68 21.71
C ASP D 446 9.35 35.19 21.83
N ASP D 447 10.27 35.94 21.22
CA ASP D 447 10.19 37.39 21.28
C ASP D 447 8.99 37.90 20.50
N ALA D 448 8.28 38.88 21.09
CA ALA D 448 7.09 39.41 20.44
C ALA D 448 7.43 40.10 19.13
N ASN D 449 8.55 40.83 19.08
CA ASN D 449 8.92 41.55 17.88
C ASN D 449 9.20 40.60 16.72
N MET D 450 9.88 39.48 17.00
CA MET D 450 10.17 38.51 15.95
C MET D 450 8.89 37.91 15.39
N TYR D 451 7.95 37.55 16.26
CA TYR D 451 6.68 37.02 15.80
C TYR D 451 5.89 38.06 15.01
N LEU D 452 5.96 39.32 15.43
CA LEU D 452 5.30 40.38 14.68
C LEU D 452 5.89 40.51 13.29
N ALA D 453 7.23 40.45 13.19
CA ALA D 453 7.87 40.51 11.89
C ALA D 453 7.47 39.33 11.01
N SER D 454 7.38 38.14 11.60
CA SER D 454 6.95 36.97 10.84
C SER D 454 5.52 37.12 10.35
N LEU D 455 4.63 37.61 11.21
CA LEU D 455 3.25 37.85 10.80
C LEU D 455 3.18 38.87 9.67
N THR D 456 3.97 39.95 9.77
CA THR D 456 3.98 40.95 8.72
C THR D 456 4.48 40.37 7.40
N MET D 457 5.54 39.56 7.47
CA MET D 457 6.06 38.95 6.25
C MET D 457 5.04 38.03 5.60
N MET D 458 4.38 37.20 6.41
CA MET D 458 3.38 36.28 5.86
C MET D 458 2.20 37.05 5.28
N GLU D 459 1.75 38.11 5.95
CA GLU D 459 0.64 38.89 5.43
C GLU D 459 1.01 39.57 4.12
N GLN D 460 2.23 40.10 4.03
CA GLN D 460 2.69 40.70 2.78
C GLN D 460 2.74 39.67 1.67
N SER D 461 3.26 38.47 1.97
CA SER D 461 3.33 37.41 0.97
C SER D 461 1.93 37.02 0.49
N LYS D 462 0.99 36.88 1.42
CA LYS D 462 -0.37 36.55 1.04
C LYS D 462 -0.97 37.66 0.17
N LYS D 463 -0.73 38.92 0.54
CA LYS D 463 -1.29 40.03 -0.21
C LYS D 463 -0.77 40.05 -1.64
N ILE D 464 0.54 39.87 -1.81
CA ILE D 464 1.10 39.93 -3.17
C ILE D 464 0.70 38.71 -3.98
N LEU D 465 0.77 37.51 -3.39
CA LEU D 465 0.57 36.29 -4.16
C LEU D 465 -0.90 36.01 -4.45
N SER D 466 -1.81 36.43 -3.57
CA SER D 466 -3.22 36.11 -3.78
C SER D 466 -3.83 36.83 -4.98
N LYS D 467 -3.14 37.80 -5.56
CA LYS D 467 -3.65 38.48 -6.73
C LYS D 467 -3.78 37.49 -7.89
N SER D 468 -4.75 37.77 -8.77
CA SER D 468 -4.99 36.91 -9.90
C SER D 468 -3.80 36.91 -10.86
N ASN D 469 -3.64 35.80 -11.59
CA ASN D 469 -2.56 35.68 -12.54
C ASN D 469 -2.70 36.67 -13.68
N GLY D 470 -3.94 36.92 -14.11
CA GLY D 470 -4.19 37.68 -15.32
C GLY D 470 -3.98 36.90 -16.59
N LEU D 471 -3.78 35.59 -16.50
CA LEU D 471 -3.53 34.73 -17.64
C LEU D 471 -4.34 33.45 -17.51
N LYS D 472 -4.60 32.81 -18.64
CA LYS D 472 -5.40 31.60 -18.66
C LYS D 472 -4.71 30.48 -17.90
N PRO D 473 -5.44 29.69 -17.11
CA PRO D 473 -4.82 28.64 -16.31
C PRO D 473 -4.53 27.36 -17.08
N ASP D 474 -4.60 27.40 -18.40
CA ASP D 474 -4.34 26.21 -19.21
C ASP D 474 -2.92 25.72 -19.00
N ASN D 475 -2.77 24.41 -18.76
CA ASN D 475 -1.46 23.81 -18.58
C ASN D 475 -1.58 22.30 -18.79
N PHE D 476 -0.45 21.61 -18.69
CA PHE D 476 -0.39 20.19 -19.01
C PHE D 476 -1.28 19.36 -18.09
N ILE D 477 -1.14 19.56 -16.78
CA ILE D 477 -1.85 18.72 -15.82
C ILE D 477 -3.35 18.87 -15.99
N LEU D 478 -3.83 20.12 -16.03
CA LEU D 478 -5.26 20.36 -16.21
C LEU D 478 -5.74 19.79 -17.54
N ASN D 479 -5.04 20.10 -18.62
CA ASN D 479 -5.50 19.67 -19.95
C ASN D 479 -5.59 18.16 -20.04
N GLU D 480 -4.63 17.44 -19.46
CA GLU D 480 -4.56 16.00 -19.64
C GLU D 480 -5.26 15.20 -18.55
N PHE D 481 -5.72 15.84 -17.47
CA PHE D 481 -6.41 15.06 -16.45
C PHE D 481 -7.65 15.73 -15.89
N GLY D 482 -8.16 16.79 -16.52
CA GLY D 482 -9.33 17.47 -16.00
C GLY D 482 -10.57 16.60 -16.01
N SER D 483 -10.78 15.87 -17.11
CA SER D 483 -11.94 15.00 -17.19
C SER D 483 -11.89 13.93 -16.10
N ARG D 484 -10.73 13.30 -15.93
CA ARG D 484 -10.59 12.25 -14.93
C ARG D 484 -10.81 12.79 -13.52
N ILE D 485 -10.20 13.93 -13.21
CA ILE D 485 -10.33 14.48 -11.86
C ILE D 485 -11.76 14.96 -11.60
N LYS D 486 -12.36 15.63 -12.58
CA LYS D 486 -13.73 16.11 -12.41
C LYS D 486 -14.70 14.96 -12.23
N ASP D 487 -14.52 13.88 -13.00
CA ASP D 487 -15.34 12.69 -12.78
C ASP D 487 -15.11 12.11 -11.39
N ALA D 488 -13.85 12.10 -10.94
CA ALA D 488 -13.55 11.64 -9.59
C ALA D 488 -14.23 12.52 -8.55
N ASN D 489 -14.06 13.84 -8.69
CA ASN D 489 -14.70 14.78 -7.77
C ASN D 489 -14.67 16.17 -8.38
N LYS D 490 -15.83 16.80 -8.47
CA LYS D 490 -15.90 18.16 -9.00
C LYS D 490 -15.23 19.15 -8.05
N GLU D 491 -15.35 18.92 -6.74
CA GLU D 491 -14.75 19.84 -5.77
C GLU D 491 -13.24 19.89 -5.91
N THR D 492 -12.60 18.75 -6.08
CA THR D 492 -11.15 18.73 -6.24
C THR D 492 -10.73 19.44 -7.53
N TYR D 493 -11.49 19.25 -8.60
CA TYR D 493 -11.18 19.95 -9.85
C TYR D 493 -11.31 21.46 -9.69
N ASP D 494 -12.35 21.92 -9.01
CA ASP D 494 -12.51 23.36 -8.79
C ASP D 494 -11.38 23.90 -7.91
N ASN D 495 -10.98 23.14 -6.88
CA ASN D 495 -9.87 23.57 -6.05
C ASN D 495 -8.58 23.64 -6.85
N MET D 496 -8.35 22.68 -7.75
CA MET D 496 -7.18 22.73 -8.61
C MET D 496 -7.24 23.94 -9.53
N HIS D 497 -8.42 24.27 -10.04
CA HIS D 497 -8.56 25.46 -10.87
C HIS D 497 -8.21 26.71 -10.09
N LYS D 498 -8.68 26.81 -8.85
CA LYS D 498 -8.33 27.96 -8.01
C LYS D 498 -6.83 28.00 -7.73
N ILE D 499 -6.21 26.83 -7.53
CA ILE D 499 -4.76 26.76 -7.36
C ILE D 499 -4.07 27.33 -8.58
N PHE D 500 -4.45 26.87 -9.77
CA PHE D 500 -3.77 27.27 -10.99
C PHE D 500 -4.00 28.75 -11.33
N GLU D 501 -5.16 29.30 -11.00
CA GLU D 501 -5.46 30.68 -11.34
C GLU D 501 -4.72 31.70 -10.49
N THR D 502 -4.36 31.34 -9.27
CA THR D 502 -3.77 32.30 -8.35
C THR D 502 -2.32 32.59 -8.70
N GLY D 503 -1.75 33.59 -8.02
CA GLY D 503 -0.37 33.94 -8.25
C GLY D 503 0.63 32.99 -7.62
N TYR D 504 0.19 32.22 -6.62
CA TYR D 504 1.09 31.25 -5.99
C TYR D 504 1.58 30.23 -7.00
N TRP D 505 0.67 29.71 -7.81
CA TRP D 505 1.05 28.70 -8.80
C TRP D 505 2.00 29.28 -9.83
N GLN D 506 1.73 30.49 -10.31
CA GLN D 506 2.62 31.11 -11.28
C GLN D 506 4.00 31.33 -10.68
N CYS D 507 4.05 31.81 -9.44
CA CYS D 507 5.33 32.02 -8.78
C CYS D 507 6.11 30.73 -8.62
N ILE D 508 5.45 29.66 -8.19
CA ILE D 508 6.17 28.41 -7.95
C ILE D 508 6.61 27.78 -9.26
N SER D 509 5.76 27.84 -10.29
CA SER D 509 6.15 27.30 -11.59
C SER D 509 7.31 28.08 -12.19
N ASP D 510 7.27 29.41 -12.07
CA ASP D 510 8.38 30.22 -12.57
C ASP D 510 9.67 29.91 -11.81
N PHE D 511 9.57 29.75 -10.48
CA PHE D 511 10.76 29.39 -9.72
C PHE D 511 11.32 28.05 -10.16
N SER D 512 10.44 27.06 -10.37
CA SER D 512 10.90 25.74 -10.79
C SER D 512 11.58 25.80 -12.15
N THR D 513 10.93 26.45 -13.12
CA THR D 513 11.50 26.53 -14.46
C THR D 513 12.82 27.30 -14.47
N LEU D 514 12.86 28.43 -13.77
CA LEU D 514 14.09 29.21 -13.70
C LEU D 514 15.20 28.42 -13.04
N MET D 515 14.87 27.66 -11.98
CA MET D 515 15.89 26.91 -11.28
C MET D 515 16.40 25.77 -12.14
N LYS D 516 15.51 25.16 -12.93
CA LYS D 516 15.94 24.16 -13.90
C LYS D 516 16.89 24.76 -14.93
N ASN D 517 16.57 25.97 -15.39
CA ASN D 517 17.47 26.64 -16.34
C ASN D 517 18.82 26.86 -15.65
N ILE D 518 18.82 27.36 -14.42
CA ILE D 518 20.05 27.61 -13.69
C ILE D 518 20.89 26.34 -13.61
N LEU D 519 20.23 25.22 -13.30
CA LEU D 519 20.94 23.94 -13.24
C LEU D 519 21.53 23.58 -14.59
N SER D 520 20.77 23.78 -15.67
CA SER D 520 21.25 23.44 -17.00
C SER D 520 22.46 24.27 -17.38
N VAL D 521 22.42 25.58 -17.13
CA VAL D 521 23.51 26.44 -17.57
C VAL D 521 24.72 26.36 -16.66
N SER D 522 24.57 25.88 -15.42
CA SER D 522 25.69 25.83 -14.49
C SER D 522 26.65 24.68 -14.77
N GLN D 523 26.28 23.74 -15.64
CA GLN D 523 27.16 22.62 -15.94
C GLN D 523 28.41 23.09 -16.68
N TYR D 524 28.23 23.87 -17.74
CA TYR D 524 29.32 24.27 -18.62
C TYR D 524 29.87 25.65 -18.27
N ASN D 525 29.39 26.26 -17.19
CA ASN D 525 29.91 27.56 -16.77
C ASN D 525 31.35 27.42 -16.32
N ARG D 526 32.22 28.29 -16.82
CA ARG D 526 33.63 28.25 -16.46
C ARG D 526 33.89 29.09 -15.22
N HIS D 527 35.17 29.27 -14.90
CA HIS D 527 35.54 30.07 -13.75
C HIS D 527 35.65 31.55 -14.06
N ASN D 528 35.49 31.95 -15.33
CA ASN D 528 35.61 33.34 -15.74
C ASN D 528 34.47 33.77 -16.66
N THR D 529 33.31 33.13 -16.55
CA THR D 529 32.13 33.48 -17.33
C THR D 529 30.91 33.45 -16.41
N PHE D 530 29.86 34.15 -16.83
CA PHE D 530 28.60 34.11 -16.09
C PHE D 530 27.45 33.84 -17.04
N ARG D 531 26.45 33.13 -16.52
CA ARG D 531 25.29 32.70 -17.29
C ARG D 531 24.06 33.51 -16.92
N ILE D 532 23.14 33.63 -17.86
CA ILE D 532 21.86 34.30 -17.65
C ILE D 532 20.76 33.31 -17.99
N ALA D 533 19.82 33.14 -17.06
CA ALA D 533 18.72 32.19 -17.21
C ALA D 533 17.39 32.94 -17.13
N MET D 534 16.50 32.63 -18.07
CA MET D 534 15.18 33.23 -18.10
C MET D 534 14.11 32.16 -17.92
N CYS D 535 12.96 32.59 -17.41
CA CYS D 535 11.81 31.71 -17.20
C CYS D 535 10.65 32.21 -18.05
N ALA D 536 9.48 31.60 -17.84
CA ALA D 536 8.28 31.99 -18.57
C ALA D 536 7.98 33.46 -18.35
N ASN D 537 8.27 33.94 -17.15
CA ASN D 537 8.05 35.34 -16.81
C ASN D 537 9.08 36.23 -17.49
N ASN D 538 8.63 37.40 -17.94
CA ASN D 538 9.50 38.36 -18.61
C ASN D 538 10.13 39.35 -17.66
N ASN D 539 9.90 39.17 -16.37
CA ASN D 539 10.46 40.07 -15.36
C ASN D 539 11.44 39.37 -14.42
N VAL D 540 11.43 38.04 -14.45
CA VAL D 540 12.32 37.26 -13.59
C VAL D 540 13.52 36.73 -14.35
N PHE D 541 14.71 37.04 -13.85
CA PHE D 541 15.96 36.60 -14.46
C PHE D 541 16.85 36.04 -13.38
N ALA D 542 17.80 35.20 -13.78
CA ALA D 542 18.77 34.64 -12.85
C ALA D 542 20.16 34.82 -13.44
N ILE D 543 21.10 35.27 -12.62
CA ILE D 543 22.49 35.40 -13.00
C ILE D 543 23.29 34.35 -12.23
N VAL D 544 24.03 33.53 -12.95
CA VAL D 544 24.81 32.44 -12.39
C VAL D 544 26.28 32.81 -12.51
N PHE D 545 26.95 32.92 -11.38
CA PHE D 545 28.34 33.32 -11.25
C PHE D 545 29.26 32.11 -11.41
N PRO D 546 30.54 32.33 -11.69
CA PRO D 546 31.46 31.20 -11.86
C PRO D 546 31.53 30.34 -10.61
N SER D 547 31.71 29.04 -10.82
CA SER D 547 31.80 28.07 -9.73
C SER D 547 33.05 27.22 -9.92
N ALA D 548 33.17 26.19 -9.10
CA ALA D 548 34.29 25.27 -9.18
C ALA D 548 34.22 24.43 -10.43
N ALA D 555 29.95 19.57 -6.18
CA ALA D 555 29.92 20.94 -6.68
C ALA D 555 28.72 21.71 -6.15
N THR D 556 28.79 23.04 -6.23
CA THR D 556 27.73 23.90 -5.75
C THR D 556 27.31 24.87 -6.84
N VAL D 557 26.08 25.35 -6.74
CA VAL D 557 25.51 26.30 -7.70
C VAL D 557 25.33 27.63 -6.97
N VAL D 558 25.91 28.69 -7.53
CA VAL D 558 25.81 30.04 -6.98
C VAL D 558 25.03 30.89 -7.97
N TYR D 559 24.01 31.58 -7.47
CA TYR D 559 23.13 32.34 -8.35
C TYR D 559 22.54 33.53 -7.61
N SER D 560 21.98 34.46 -8.38
CA SER D 560 21.25 35.59 -7.85
C SER D 560 20.03 35.82 -8.72
N ILE D 561 18.96 36.35 -8.11
CA ILE D 561 17.69 36.55 -8.78
C ILE D 561 17.46 38.04 -8.99
N ILE D 562 16.99 38.40 -10.19
CA ILE D 562 16.77 39.77 -10.59
C ILE D 562 15.31 39.91 -11.02
N VAL D 563 14.62 40.91 -10.47
CA VAL D 563 13.20 41.13 -10.78
C VAL D 563 13.02 42.57 -11.21
N LEU D 564 12.38 42.76 -12.37
CA LEU D 564 12.05 44.10 -12.85
C LEU D 564 10.56 44.33 -12.67
N HIS D 565 10.20 45.47 -12.08
CA HIS D 565 8.80 45.74 -11.81
C HIS D 565 8.51 47.23 -11.94
N LYS D 566 7.30 47.54 -12.38
CA LYS D 566 6.95 48.92 -12.70
C LYS D 566 7.05 49.81 -11.48
N GLU D 567 6.51 49.37 -10.34
CA GLU D 567 6.54 50.15 -9.12
C GLU D 567 6.96 49.27 -7.96
N GLU D 568 7.70 49.87 -7.02
CA GLU D 568 8.40 49.12 -5.99
C GLU D 568 7.41 48.60 -4.95
N GLU D 569 7.98 47.99 -3.90
CA GLU D 569 7.23 47.35 -2.80
C GLU D 569 6.07 46.49 -3.31
N ASN D 570 6.23 45.93 -4.50
CA ASN D 570 5.23 45.05 -5.09
C ASN D 570 5.82 43.71 -5.50
N ILE D 571 6.80 43.24 -4.73
CA ILE D 571 7.44 41.95 -4.98
C ILE D 571 7.24 41.06 -3.78
N PHE D 572 7.39 39.76 -4.02
CA PHE D 572 7.31 38.76 -2.94
C PHE D 572 8.70 38.60 -2.35
N ASN D 573 8.86 39.06 -1.11
CA ASN D 573 10.16 39.07 -0.45
C ASN D 573 10.14 38.13 0.75
N PRO D 574 10.60 36.88 0.55
CA PRO D 574 10.65 35.88 1.62
C PRO D 574 11.92 36.04 2.44
N GLY D 575 12.38 37.28 2.59
CA GLY D 575 13.59 37.56 3.33
C GLY D 575 14.83 37.09 2.59
N CYS D 576 14.98 37.58 1.36
CA CYS D 576 16.12 37.20 0.54
C CYS D 576 16.48 38.30 -0.46
N LEU D 577 15.83 39.45 -0.34
CA LEU D 577 16.09 40.57 -1.23
C LEU D 577 17.29 41.38 -0.76
N HIS D 578 18.31 41.45 -1.60
CA HIS D 578 19.52 42.19 -1.25
C HIS D 578 19.29 43.70 -1.36
N GLY D 579 18.57 44.12 -2.40
CA GLY D 579 18.29 45.54 -2.55
C GLY D 579 17.49 45.92 -3.77
N THR D 580 16.69 46.99 -3.65
CA THR D 580 15.87 47.48 -4.74
C THR D 580 16.40 48.85 -5.17
N PHE D 581 16.48 49.07 -6.48
CA PHE D 581 17.05 50.28 -7.03
C PHE D 581 16.18 50.81 -8.17
N LYS D 582 16.09 52.14 -8.26
CA LYS D 582 15.37 52.77 -9.35
C LYS D 582 16.09 52.55 -10.67
N CYS D 583 15.32 52.42 -11.74
CA CYS D 583 15.86 52.21 -13.07
C CYS D 583 14.79 52.60 -14.09
N MET D 584 15.18 52.64 -15.36
CA MET D 584 14.25 53.02 -16.41
C MET D 584 13.05 52.08 -16.40
N ASN D 585 11.87 52.66 -16.58
CA ASN D 585 10.60 51.94 -16.54
C ASN D 585 10.41 51.22 -15.19
N GLY D 586 10.93 51.80 -14.12
CA GLY D 586 10.54 51.33 -12.80
C GLY D 586 11.66 50.99 -11.84
N TYR D 587 11.68 49.75 -11.36
CA TYR D 587 12.60 49.33 -10.32
C TYR D 587 13.17 47.95 -10.64
N ILE D 588 14.37 47.71 -10.15
CA ILE D 588 15.05 46.42 -10.27
C ILE D 588 15.42 45.95 -8.87
N SER D 589 15.07 44.71 -8.56
CA SER D 589 15.31 44.13 -7.25
C SER D 589 16.31 42.99 -7.40
N ILE D 590 17.37 43.04 -6.60
CA ILE D 590 18.45 42.07 -6.63
C ILE D 590 18.39 41.27 -5.33
N SER D 591 18.43 39.95 -5.44
CA SER D 591 18.47 39.08 -4.28
C SER D 591 19.91 38.84 -3.84
N ARG D 592 20.05 38.41 -2.59
CA ARG D 592 21.37 38.05 -2.07
C ARG D 592 21.92 36.86 -2.83
N ALA D 593 23.24 36.79 -2.92
CA ALA D 593 23.88 35.64 -3.56
C ALA D 593 23.53 34.37 -2.80
N ILE D 594 23.09 33.35 -3.54
CA ILE D 594 22.62 32.10 -2.96
C ILE D 594 23.51 30.96 -3.46
N ARG D 595 24.06 30.19 -2.53
CA ARG D 595 24.83 29.00 -2.84
C ARG D 595 24.05 27.77 -2.40
N LEU D 596 23.98 26.76 -3.26
CA LEU D 596 23.13 25.61 -3.00
C LEU D 596 23.80 24.35 -3.54
N ASP D 597 23.36 23.21 -3.01
CA ASP D 597 23.80 21.92 -3.48
C ASP D 597 22.81 21.34 -4.48
N LYS D 598 23.31 20.42 -5.32
CA LYS D 598 22.51 19.91 -6.44
C LYS D 598 21.25 19.21 -5.96
N GLU D 599 21.30 18.54 -4.81
CA GLU D 599 20.13 17.85 -4.31
C GLU D 599 19.01 18.83 -3.96
N ARG D 600 19.35 19.92 -3.27
CA ARG D 600 18.36 20.95 -3.01
C ARG D 600 17.91 21.63 -4.29
N CYS D 601 18.80 21.70 -5.29
CA CYS D 601 18.41 22.23 -6.58
C CYS D 601 17.30 21.38 -7.20
N GLN D 602 17.48 20.05 -7.18
CA GLN D 602 16.46 19.17 -7.74
C GLN D 602 15.19 19.22 -6.91
N ARG D 603 15.32 19.37 -5.60
CA ARG D 603 14.13 19.53 -4.77
C ARG D 603 13.34 20.78 -5.17
N ILE D 604 14.03 21.89 -5.41
CA ILE D 604 13.36 23.10 -5.87
C ILE D 604 12.73 22.87 -7.24
N VAL D 605 13.42 22.13 -8.11
CA VAL D 605 12.87 21.86 -9.43
C VAL D 605 11.57 21.08 -9.32
N SER D 606 11.53 20.06 -8.46
CA SER D 606 10.35 19.24 -8.29
C SER D 606 9.31 19.86 -7.36
N SER D 607 9.62 21.01 -6.76
CA SER D 607 8.72 21.62 -5.79
C SER D 607 7.27 21.78 -6.22
N PRO D 608 6.93 22.21 -7.44
CA PRO D 608 5.50 22.45 -7.75
C PRO D 608 4.61 21.26 -7.48
N GLY D 609 5.09 20.04 -7.75
CA GLY D 609 4.30 18.87 -7.45
C GLY D 609 4.01 18.75 -5.96
N LEU D 610 5.04 18.96 -5.13
CA LEU D 610 4.84 18.91 -3.69
C LEU D 610 3.86 19.98 -3.23
N PHE D 611 3.99 21.19 -3.78
CA PHE D 611 3.11 22.28 -3.39
C PHE D 611 1.66 21.96 -3.73
N LEU D 612 1.41 21.52 -4.96
CA LEU D 612 0.04 21.21 -5.36
C LEU D 612 -0.53 20.05 -4.54
N THR D 613 0.28 19.01 -4.32
CA THR D 613 -0.19 17.87 -3.54
C THR D 613 -0.51 18.28 -2.11
N THR D 614 0.34 19.10 -1.50
CA THR D 614 0.10 19.56 -0.14
C THR D 614 -1.18 20.39 -0.06
N CYS D 615 -1.36 21.31 -1.01
CA CYS D 615 -2.55 22.14 -0.99
C CYS D 615 -3.81 21.29 -1.13
N LEU D 616 -3.80 20.35 -2.06
CA LEU D 616 -4.98 19.52 -2.28
C LEU D 616 -5.26 18.61 -1.08
N LEU D 617 -4.21 18.04 -0.48
CA LEU D 617 -4.41 17.20 0.69
C LEU D 617 -4.98 18.00 1.85
N PHE D 618 -4.45 19.19 2.11
CA PHE D 618 -4.93 19.98 3.23
C PHE D 618 -6.37 20.46 3.00
N LYS D 619 -6.68 20.88 1.78
CA LYS D 619 -8.00 21.42 1.48
C LYS D 619 -9.04 20.34 1.23
N HIS D 620 -8.62 19.09 1.01
CA HIS D 620 -9.52 18.03 0.57
C HIS D 620 -10.72 17.86 1.50
N ASP D 621 -11.91 18.15 0.97
CA ASP D 621 -13.18 17.96 1.67
C ASP D 621 -13.20 18.71 3.01
N ASN D 622 -13.06 20.03 2.92
CA ASN D 622 -13.12 20.87 4.11
C ASN D 622 -13.51 22.29 3.73
N PRO D 623 -14.81 22.61 3.74
CA PRO D 623 -15.24 23.95 3.33
C PRO D 623 -14.82 25.04 4.30
N THR D 624 -14.67 24.74 5.59
CA THR D 624 -14.33 25.77 6.56
C THR D 624 -12.94 26.35 6.36
N LEU D 625 -12.05 25.62 5.69
CA LEU D 625 -10.71 26.12 5.41
C LEU D 625 -10.74 27.08 4.23
N VAL D 626 -9.88 28.09 4.29
CA VAL D 626 -9.72 29.06 3.22
C VAL D 626 -8.47 28.68 2.42
N MET D 627 -8.61 28.67 1.10
CA MET D 627 -7.51 28.22 0.25
C MET D 627 -6.29 29.10 0.38
N SER D 628 -6.47 30.39 0.69
CA SER D 628 -5.35 31.31 0.74
C SER D 628 -4.34 30.93 1.81
N ASP D 629 -4.82 30.58 3.01
CA ASP D 629 -3.91 30.20 4.08
C ASP D 629 -3.16 28.92 3.75
N ILE D 630 -3.86 27.95 3.15
CA ILE D 630 -3.20 26.70 2.78
C ILE D 630 -2.13 26.96 1.74
N MET D 631 -2.42 27.82 0.76
CA MET D 631 -1.43 28.18 -0.25
C MET D 631 -0.21 28.83 0.41
N ASN D 632 -0.46 29.77 1.32
CA ASN D 632 0.62 30.50 1.96
C ASN D 632 1.51 29.55 2.76
N PHE D 633 0.90 28.61 3.49
CA PHE D 633 1.70 27.67 4.27
C PHE D 633 2.45 26.70 3.37
N SER D 634 1.79 26.20 2.32
CA SER D 634 2.40 25.20 1.45
C SER D 634 3.59 25.77 0.69
N ILE D 635 3.48 27.03 0.24
CA ILE D 635 4.57 27.59 -0.57
C ILE D 635 5.85 27.69 0.25
N TYR D 636 5.75 27.77 1.57
CA TYR D 636 6.92 27.73 2.43
C TYR D 636 7.32 26.32 2.82
N THR D 637 6.36 25.43 3.05
CA THR D 637 6.72 24.05 3.38
C THR D 637 7.41 23.36 2.21
N SER D 638 6.86 23.51 1.00
CA SER D 638 7.42 22.82 -0.15
C SER D 638 8.83 23.29 -0.47
N LEU D 639 9.06 24.60 -0.43
CA LEU D 639 10.34 25.17 -0.81
C LEU D 639 11.35 25.18 0.32
N SER D 640 10.97 24.73 1.51
CA SER D 640 11.88 24.72 2.65
C SER D 640 12.93 23.64 2.44
N ILE D 641 14.17 24.05 2.20
CA ILE D 641 15.28 23.12 1.98
C ILE D 641 16.36 23.30 3.05
N THR D 642 15.99 23.83 4.21
CA THR D 642 16.92 24.07 5.30
C THR D 642 16.50 23.26 6.53
N LYS D 643 17.46 23.02 7.40
CA LYS D 643 17.22 22.22 8.60
C LYS D 643 16.31 22.92 9.59
N SER D 644 16.02 24.21 9.39
CA SER D 644 15.16 24.93 10.32
C SER D 644 13.79 24.30 10.43
N VAL D 645 13.14 24.06 9.29
CA VAL D 645 11.83 23.40 9.32
C VAL D 645 11.97 21.93 9.68
N LEU D 646 13.14 21.33 9.46
CA LEU D 646 13.35 19.96 9.92
C LEU D 646 13.28 19.87 11.43
N SER D 647 13.85 20.85 12.12
CA SER D 647 13.83 20.87 13.58
C SER D 647 12.44 21.09 14.14
N LEU D 648 11.47 21.47 13.32
CA LEU D 648 10.12 21.75 13.77
C LEU D 648 9.11 20.67 13.36
N THR D 649 9.24 20.14 12.15
CA THR D 649 8.24 19.18 11.67
C THR D 649 8.24 17.91 12.52
N GLU D 650 9.41 17.41 12.88
CA GLU D 650 9.47 16.15 13.62
C GLU D 650 8.91 16.27 15.03
N PRO D 651 9.40 17.16 15.91
CA PRO D 651 8.90 17.18 17.29
C PRO D 651 7.44 17.56 17.41
N ALA D 652 6.88 18.24 16.41
CA ALA D 652 5.48 18.65 16.48
C ALA D 652 4.56 17.46 16.59
N ARG D 653 4.89 16.36 15.88
CA ARG D 653 4.08 15.15 15.97
C ARG D 653 3.94 14.70 17.42
N TYR D 654 5.06 14.54 18.11
CA TYR D 654 5.04 14.07 19.49
C TYR D 654 4.36 15.08 20.40
N MET D 655 4.63 16.36 20.19
CA MET D 655 4.06 17.37 21.11
C MET D 655 2.54 17.38 21.00
N ILE D 656 2.00 17.41 19.78
CA ILE D 656 0.55 17.49 19.61
C ILE D 656 -0.11 16.18 20.01
N MET D 657 0.50 15.03 19.67
CA MET D 657 -0.11 13.76 20.02
C MET D 657 -0.15 13.58 21.53
N ASN D 658 0.95 13.92 22.23
CA ASN D 658 0.96 13.82 23.68
C ASN D 658 -0.03 14.78 24.32
N SER D 659 -0.17 15.98 23.73
CA SER D 659 -1.17 16.92 24.23
C SER D 659 -2.57 16.34 24.08
N LEU D 660 -2.83 15.65 22.97
CA LEU D 660 -4.12 15.02 22.75
C LEU D 660 -4.27 13.71 23.54
N ALA D 661 -3.16 13.13 23.99
CA ALA D 661 -3.21 11.84 24.67
C ALA D 661 -3.79 11.97 26.06
N ILE D 662 -4.29 10.84 26.58
CA ILE D 662 -4.86 10.82 27.92
C ILE D 662 -3.77 11.01 28.96
N SER D 663 -2.65 10.29 28.82
CA SER D 663 -1.56 10.36 29.78
C SER D 663 -0.24 10.29 29.03
N SER D 664 0.61 11.30 29.24
CA SER D 664 1.92 11.34 28.59
C SER D 664 2.79 12.35 29.32
N ASN D 665 4.10 12.15 29.20
CA ASN D 665 5.08 13.04 29.81
C ASN D 665 5.57 14.06 28.78
N VAL D 666 4.64 14.88 28.31
CA VAL D 666 4.97 15.88 27.29
C VAL D 666 5.89 16.95 27.85
N LYS D 667 5.75 17.29 29.13
CA LYS D 667 6.52 18.38 29.70
C LYS D 667 8.02 18.09 29.63
N ASP D 668 8.40 16.88 30.02
CA ASP D 668 9.85 16.55 29.89
C ASP D 668 10.23 16.72 28.43
N TYR D 669 9.53 16.00 27.54
CA TYR D 669 9.88 16.08 26.09
C TYR D 669 10.22 17.52 25.71
N ILE D 670 9.30 18.45 25.96
CA ILE D 670 9.54 19.86 25.54
C ILE D 670 10.83 20.35 26.19
N ALA D 671 10.97 20.15 27.50
CA ALA D 671 12.13 20.72 28.23
C ALA D 671 13.47 20.08 27.83
N GLU D 672 13.50 18.79 27.47
CA GLU D 672 14.82 18.17 27.22
C GLU D 672 14.83 17.36 25.92
N LYS D 673 14.15 17.84 24.88
CA LYS D 673 14.21 17.15 23.56
C LYS D 673 13.84 18.12 22.45
N PHE D 674 12.67 18.76 22.53
CA PHE D 674 12.31 19.78 21.52
C PHE D 674 13.43 20.83 21.47
N SER D 675 14.26 20.77 20.43
CA SER D 675 15.36 21.75 20.28
C SER D 675 15.08 22.61 19.05
N PRO D 676 14.24 23.66 19.07
CA PRO D 676 13.98 24.41 17.83
C PRO D 676 15.25 25.03 17.25
N TYR D 677 15.27 25.15 15.93
CA TYR D 677 16.40 25.72 15.21
C TYR D 677 15.82 26.71 14.22
N THR D 678 15.57 27.93 14.66
CA THR D 678 14.84 28.92 13.87
C THR D 678 15.81 29.93 13.29
N LYS D 679 16.21 29.71 12.04
CA LYS D 679 17.04 30.66 11.31
C LYS D 679 16.25 31.46 10.29
N THR D 680 14.94 31.28 10.24
CA THR D 680 14.06 32.00 9.31
C THR D 680 12.84 32.49 10.06
N LEU D 681 12.21 33.54 9.51
CA LEU D 681 10.97 34.05 10.10
C LEU D 681 9.84 33.04 9.98
N PHE D 682 9.80 32.30 8.86
CA PHE D 682 8.81 31.24 8.75
C PHE D 682 8.99 30.19 9.83
N SER D 683 10.23 29.93 10.24
CA SER D 683 10.46 29.03 11.36
C SER D 683 9.85 29.58 12.64
N VAL D 684 9.97 30.88 12.87
CA VAL D 684 9.36 31.49 14.05
C VAL D 684 7.85 31.35 13.99
N TYR D 685 7.26 31.61 12.82
CA TYR D 685 5.82 31.47 12.65
C TYR D 685 5.37 30.05 12.95
N MET D 686 6.09 29.06 12.43
CA MET D 686 5.70 27.67 12.67
C MET D 686 5.92 27.27 14.12
N THR D 687 6.94 27.81 14.78
CA THR D 687 7.13 27.57 16.20
C THR D 687 5.96 28.10 17.00
N ARG D 688 5.51 29.31 16.68
CA ARG D 688 4.33 29.86 17.36
C ARG D 688 3.10 29.01 17.08
N LEU D 689 2.97 28.52 15.84
CA LEU D 689 1.85 27.66 15.50
C LEU D 689 1.85 26.39 16.34
N ILE D 690 3.03 25.77 16.49
CA ILE D 690 3.14 24.56 17.30
C ILE D 690 2.83 24.86 18.76
N LYS D 691 3.32 25.99 19.27
CA LYS D 691 3.07 26.35 20.65
C LYS D 691 1.57 26.53 20.91
N ASN D 692 0.88 27.24 20.02
CA ASN D 692 -0.57 27.39 20.18
C ASN D 692 -1.28 26.04 20.01
N ALA D 693 -0.79 25.20 19.10
CA ALA D 693 -1.42 23.92 18.84
C ALA D 693 -1.34 23.01 20.06
N CYS D 694 -0.25 23.09 20.82
CA CYS D 694 -0.15 22.27 22.03
C CYS D 694 -1.28 22.57 23.01
N PHE D 695 -1.46 23.85 23.33
CA PHE D 695 -2.53 24.24 24.25
C PHE D 695 -3.90 23.88 23.69
N ASP D 696 -4.14 24.21 22.42
CA ASP D 696 -5.47 23.99 21.86
C ASP D 696 -5.77 22.51 21.68
N ALA D 697 -4.73 21.68 21.53
CA ALA D 697 -4.93 20.23 21.47
C ALA D 697 -5.24 19.67 22.84
N TYR D 698 -4.58 20.18 23.89
CA TYR D 698 -4.96 19.80 25.24
C TYR D 698 -6.42 20.18 25.51
N ASP D 699 -6.85 21.35 25.02
CA ASP D 699 -8.19 21.83 25.32
C ASP D 699 -9.27 20.93 24.71
N GLN D 700 -9.07 20.44 23.50
CA GLN D 700 -10.14 19.83 22.72
C GLN D 700 -10.06 18.30 22.67
N ARG D 701 -9.34 17.68 23.61
CA ARG D 701 -9.19 16.23 23.56
C ARG D 701 -10.50 15.51 23.84
N GLN D 702 -11.47 16.17 24.46
CA GLN D 702 -12.75 15.54 24.79
C GLN D 702 -13.76 15.63 23.66
N ARG D 703 -13.46 16.35 22.59
CA ARG D 703 -14.40 16.53 21.50
C ARG D 703 -14.34 15.40 20.47
N VAL D 704 -13.51 14.40 20.70
CA VAL D 704 -13.46 13.22 19.83
C VAL D 704 -14.63 12.31 20.17
N GLN D 705 -15.40 11.92 19.15
CA GLN D 705 -16.56 11.07 19.35
C GLN D 705 -16.49 9.88 18.40
N LEU D 706 -16.87 8.72 18.91
CA LEU D 706 -16.82 7.48 18.14
C LEU D 706 -18.12 7.27 17.38
N ARG D 707 -18.02 6.44 16.34
CA ARG D 707 -19.21 6.12 15.53
C ARG D 707 -20.03 5.06 16.25
N ASP D 708 -21.23 4.79 15.75
CA ASP D 708 -22.11 3.78 16.32
C ASP D 708 -21.79 2.44 15.67
N ILE D 709 -21.31 1.49 16.48
CA ILE D 709 -20.84 0.23 15.93
C ILE D 709 -22.02 -0.62 15.50
N TYR D 710 -22.04 -1.00 14.23
CA TYR D 710 -23.09 -1.85 13.67
C TYR D 710 -22.58 -3.29 13.61
N LEU D 711 -22.51 -3.93 14.76
CA LEU D 711 -22.03 -5.31 14.81
C LEU D 711 -23.00 -6.23 14.09
N SER D 712 -22.49 -7.34 13.58
CA SER D 712 -23.31 -8.34 12.91
C SER D 712 -23.32 -9.67 13.65
N ASP D 713 -22.64 -9.75 14.80
CA ASP D 713 -22.44 -10.95 15.61
C ASP D 713 -21.51 -11.95 14.93
N TYR D 714 -21.07 -11.69 13.71
CA TYR D 714 -19.99 -12.45 13.07
C TYR D 714 -18.95 -11.55 12.44
N ASP D 715 -19.24 -10.26 12.24
CA ASP D 715 -18.29 -9.30 11.72
C ASP D 715 -18.74 -7.92 12.14
N ILE D 716 -17.82 -6.96 12.07
CA ILE D 716 -18.07 -5.60 12.53
C ILE D 716 -18.09 -4.68 11.32
N THR D 717 -19.23 -4.06 11.08
CA THR D 717 -19.38 -3.08 10.02
C THR D 717 -19.84 -1.75 10.60
N GLN D 718 -19.63 -0.68 9.83
CA GLN D 718 -19.95 0.69 10.24
C GLN D 718 -19.33 1.00 11.60
N LYS D 719 -17.99 0.98 11.63
CA LYS D 719 -17.24 1.26 12.84
C LYS D 719 -16.27 2.40 12.58
N GLY D 720 -15.52 2.77 13.61
CA GLY D 720 -14.55 3.84 13.49
C GLY D 720 -14.89 5.01 14.40
N ILE D 721 -14.48 6.20 13.98
CA ILE D 721 -14.64 7.42 14.74
C ILE D 721 -15.47 8.41 13.93
N LYS D 722 -16.44 9.04 14.58
CA LYS D 722 -17.33 9.97 13.90
C LYS D 722 -16.54 11.08 13.21
N ASP D 723 -17.11 11.61 12.13
CA ASP D 723 -16.44 12.61 11.29
C ASP D 723 -17.21 13.92 11.40
N ASN D 724 -16.81 14.74 12.37
CA ASN D 724 -17.37 16.08 12.56
C ASN D 724 -16.22 17.04 12.86
N ARG D 725 -16.30 18.23 12.29
CA ARG D 725 -15.23 19.22 12.39
C ARG D 725 -15.47 20.10 13.62
N GLU D 726 -14.78 19.78 14.71
CA GLU D 726 -14.81 20.64 15.89
C GLU D 726 -13.39 21.02 16.31
N LEU D 727 -12.42 20.17 15.99
CA LEU D 727 -11.04 20.45 16.33
C LEU D 727 -10.51 21.59 15.49
N THR D 728 -9.86 22.56 16.13
CA THR D 728 -9.28 23.67 15.42
C THR D 728 -8.06 23.22 14.62
N SER D 729 -7.99 23.65 13.37
CA SER D 729 -6.85 23.32 12.54
C SER D 729 -5.58 23.95 13.09
N ILE D 730 -4.46 23.31 12.82
CA ILE D 730 -3.19 23.69 13.46
C ILE D 730 -2.50 24.80 12.68
N TRP D 731 -2.18 24.53 11.41
CA TRP D 731 -1.34 25.44 10.64
C TRP D 731 -2.07 26.65 10.10
N PHE D 732 -3.41 26.68 10.18
CA PHE D 732 -4.18 27.77 9.62
C PHE D 732 -5.58 27.72 10.21
N PRO D 733 -6.32 28.84 10.22
CA PRO D 733 -7.64 28.84 10.82
C PRO D 733 -8.60 27.89 10.11
N GLY D 734 -9.51 27.32 10.89
CA GLY D 734 -10.52 26.43 10.35
C GLY D 734 -10.87 25.34 11.35
N SER D 735 -11.89 24.57 10.99
CA SER D 735 -12.34 23.44 11.79
C SER D 735 -12.14 22.16 10.98
N VAL D 736 -11.52 21.15 11.61
CA VAL D 736 -11.13 19.94 10.91
C VAL D 736 -11.64 18.72 11.66
N THR D 737 -11.73 17.62 10.93
CA THR D 737 -12.08 16.33 11.49
C THR D 737 -10.87 15.71 12.18
N LEU D 738 -11.13 14.71 13.03
CA LEU D 738 -10.03 14.04 13.73
C LEU D 738 -9.06 13.41 12.74
N LYS D 739 -9.57 12.79 11.68
CA LYS D 739 -8.69 12.26 10.65
C LYS D 739 -7.87 13.37 10.00
N GLU D 740 -8.52 14.49 9.68
CA GLU D 740 -7.80 15.63 9.14
C GLU D 740 -6.84 16.21 10.17
N TYR D 741 -7.20 16.17 11.45
CA TYR D 741 -6.30 16.64 12.49
C TYR D 741 -5.03 15.80 12.52
N LEU D 742 -5.19 14.47 12.47
CA LEU D 742 -4.04 13.58 12.45
C LEU D 742 -3.21 13.79 11.19
N THR D 743 -3.87 14.04 10.06
CA THR D 743 -3.14 14.34 8.83
C THR D 743 -2.30 15.60 8.99
N GLN D 744 -2.90 16.66 9.55
CA GLN D 744 -2.16 17.90 9.77
C GLN D 744 -1.01 17.69 10.74
N ILE D 745 -1.18 16.79 11.71
CA ILE D 745 -0.11 16.52 12.67
C ILE D 745 1.05 15.80 12.00
N TYR D 746 0.75 14.77 11.22
CA TYR D 746 1.77 13.83 10.77
C TYR D 746 2.36 14.13 9.40
N LEU D 747 1.59 14.73 8.49
CA LEU D 747 2.10 15.00 7.15
C LEU D 747 3.34 15.89 7.11
N PRO D 748 3.46 16.96 7.90
CA PRO D 748 4.63 17.84 7.77
C PRO D 748 5.96 17.13 7.92
N PHE D 749 6.02 16.00 8.61
CA PHE D 749 7.26 15.25 8.69
C PHE D 749 7.77 14.84 7.32
N TYR D 750 6.85 14.59 6.39
CA TYR D 750 7.24 14.17 5.04
C TYR D 750 7.58 15.34 4.12
N PHE D 751 7.43 16.58 4.60
CA PHE D 751 7.92 17.72 3.83
C PHE D 751 9.44 17.83 3.84
N ASN D 752 10.10 17.14 4.76
CA ASN D 752 11.54 17.21 4.88
C ASN D 752 12.21 16.52 3.69
N ALA D 753 13.48 16.86 3.47
CA ALA D 753 14.28 16.29 2.41
C ALA D 753 15.42 15.49 3.02
N LYS D 754 15.66 14.29 2.50
CA LYS D 754 16.73 13.43 2.99
C LYS D 754 18.07 13.91 2.44
N GLY D 755 19.13 13.68 3.21
CA GLY D 755 20.46 14.11 2.81
C GLY D 755 20.75 15.58 3.01
N LEU D 756 20.07 16.23 3.96
CA LEU D 756 20.34 17.63 4.24
C LEU D 756 21.49 17.82 5.21
N HIS D 757 22.02 16.75 5.79
CA HIS D 757 23.12 16.86 6.74
C HIS D 757 24.46 16.90 6.01
N GLU D 758 25.35 17.75 6.51
CA GLU D 758 26.73 17.79 6.03
C GLU D 758 27.51 16.68 6.71
N LYS D 759 28.32 15.97 5.92
CA LYS D 759 29.00 14.78 6.42
C LYS D 759 29.87 15.10 7.64
N HIS D 760 30.57 16.23 7.59
CA HIS D 760 31.47 16.62 8.67
C HIS D 760 30.74 16.68 10.01
N HIS D 761 29.78 17.60 10.12
CA HIS D 761 29.13 17.83 11.40
C HIS D 761 28.34 16.61 11.86
N VAL D 762 27.64 15.95 10.93
CA VAL D 762 26.80 14.82 11.33
C VAL D 762 27.67 13.66 11.79
N MET D 763 28.82 13.44 11.14
CA MET D 763 29.74 12.41 11.59
C MET D 763 30.26 12.73 12.99
N VAL D 764 30.63 13.99 13.22
CA VAL D 764 31.14 14.39 14.53
C VAL D 764 30.09 14.16 15.60
N ASP D 765 28.84 14.54 15.32
CA ASP D 765 27.79 14.38 16.32
C ASP D 765 27.47 12.92 16.58
N LEU D 766 27.47 12.08 15.53
CA LEU D 766 27.21 10.66 15.73
C LEU D 766 28.29 10.03 16.60
N ALA D 767 29.56 10.35 16.31
CA ALA D 767 30.64 9.85 17.14
C ALA D 767 30.50 10.35 18.58
N LYS D 768 30.13 11.62 18.74
CA LYS D 768 29.96 12.16 20.09
C LYS D 768 28.88 11.41 20.86
N THR D 769 27.75 11.13 20.22
CA THR D 769 26.67 10.42 20.89
C THR D 769 27.10 9.01 21.28
N ILE D 770 27.73 8.29 20.35
CA ILE D 770 28.15 6.92 20.65
C ILE D 770 29.14 6.90 21.80
N LEU D 771 30.14 7.78 21.75
CA LEU D 771 31.18 7.76 22.77
C LEU D 771 30.64 8.26 24.12
N GLU D 772 29.70 9.20 24.11
CA GLU D 772 29.08 9.62 25.36
C GLU D 772 28.29 8.49 26.00
N ILE D 773 27.56 7.72 25.18
CA ILE D 773 26.85 6.56 25.71
C ILE D 773 27.84 5.55 26.28
N GLU D 774 28.96 5.38 25.59
CA GLU D 774 29.99 4.46 26.04
C GLU D 774 30.52 4.89 27.40
N CYS D 775 30.82 6.18 27.53
CA CYS D 775 31.33 6.72 28.79
C CYS D 775 30.32 6.56 29.91
N GLU D 776 29.04 6.83 29.63
CA GLU D 776 28.01 6.68 30.64
C GLU D 776 27.91 5.23 31.11
N GLN D 777 28.10 4.29 30.18
CA GLN D 777 27.97 2.85 30.54
C GLN D 777 29.22 2.37 31.26
N ARG D 778 30.36 3.02 31.02
CA ARG D 778 31.59 2.63 31.73
C ARG D 778 31.61 3.19 33.14
N GLU D 779 31.30 4.48 33.32
CA GLU D 779 31.53 5.13 34.59
C GLU D 779 30.49 4.75 35.64
N ASN D 780 29.25 4.51 35.24
CA ASN D 780 28.15 4.33 36.18
C ASN D 780 27.58 2.93 36.21
N ILE D 781 27.24 2.37 35.04
CA ILE D 781 26.55 1.09 34.97
C ILE D 781 27.58 -0.01 35.24
N LYS D 782 27.53 -0.60 36.43
CA LYS D 782 28.45 -1.66 36.81
C LYS D 782 27.77 -2.94 37.27
N GLU D 783 26.53 -2.83 37.73
CA GLU D 783 25.79 -4.00 38.21
C GLU D 783 24.83 -4.48 37.13
N ILE D 784 24.64 -5.79 37.05
CA ILE D 784 23.86 -6.41 35.99
C ILE D 784 22.50 -6.87 36.49
N TRP D 785 22.43 -7.48 37.67
CA TRP D 785 21.20 -8.02 38.20
C TRP D 785 20.79 -7.25 39.45
N SER D 786 19.51 -6.88 39.51
CA SER D 786 18.96 -6.22 40.69
C SER D 786 17.46 -6.41 40.70
N THR D 787 16.85 -6.11 41.85
CA THR D 787 15.42 -6.24 42.03
C THR D 787 14.70 -4.90 42.11
N ASN D 788 15.41 -3.84 42.50
CA ASN D 788 14.82 -2.52 42.67
C ASN D 788 14.60 -1.78 41.35
N CYS D 789 14.69 -2.49 40.22
CA CYS D 789 14.47 -1.90 38.90
C CYS D 789 15.45 -0.76 38.63
N THR D 790 16.74 -1.06 38.82
CA THR D 790 17.79 -0.10 38.52
C THR D 790 17.86 0.14 37.02
N LYS D 791 18.23 1.37 36.65
CA LYS D 791 18.40 1.69 35.24
C LYS D 791 19.46 0.80 34.61
N GLN D 792 19.19 0.35 33.38
CA GLN D 792 20.08 -0.55 32.64
C GLN D 792 20.41 -1.80 33.47
N THR D 793 19.38 -2.37 34.09
CA THR D 793 19.54 -3.55 34.93
C THR D 793 18.37 -4.49 34.67
N VAL D 794 18.62 -5.78 34.86
CA VAL D 794 17.65 -6.83 34.55
C VAL D 794 17.38 -7.63 35.82
N ASN D 795 16.10 -7.86 36.10
CA ASN D 795 15.71 -8.77 37.17
C ASN D 795 15.95 -10.20 36.70
N LEU D 796 16.91 -10.88 37.33
CA LEU D 796 17.37 -12.16 36.81
C LEU D 796 16.31 -13.24 36.90
N LYS D 797 15.76 -13.43 38.09
CA LYS D 797 14.76 -14.46 38.34
C LYS D 797 13.56 -14.38 37.41
N ILE D 798 12.97 -13.20 37.31
CA ILE D 798 11.79 -12.99 36.49
C ILE D 798 12.12 -13.23 35.02
N LEU D 799 13.27 -12.74 34.56
CA LEU D 799 13.68 -12.95 33.18
C LEU D 799 13.84 -14.43 32.89
N ILE D 800 14.48 -15.17 33.79
CA ILE D 800 14.70 -16.59 33.56
C ILE D 800 13.38 -17.35 33.51
N HIS D 801 12.47 -17.06 34.44
CA HIS D 801 11.19 -17.75 34.46
C HIS D 801 10.38 -17.44 33.21
N SER D 802 10.34 -16.16 32.80
CA SER D 802 9.59 -15.80 31.61
C SER D 802 10.19 -16.43 30.36
N LEU D 803 11.53 -16.47 30.27
CA LEU D 803 12.17 -17.13 29.14
C LEU D 803 11.84 -18.61 29.10
N CYS D 804 11.86 -19.27 30.26
CA CYS D 804 11.51 -20.68 30.31
C CYS D 804 10.09 -20.91 29.82
N LYS D 805 9.15 -20.11 30.31
CA LYS D 805 7.76 -20.28 29.92
C LYS D 805 7.57 -20.05 28.42
N ASN D 806 8.18 -18.98 27.90
CA ASN D 806 8.01 -18.65 26.48
C ASN D 806 8.66 -19.70 25.58
N LEU D 807 9.86 -20.17 25.95
CA LEU D 807 10.49 -21.22 25.17
C LEU D 807 9.67 -22.50 25.19
N LEU D 808 9.12 -22.86 26.35
CA LEU D 808 8.27 -24.05 26.42
C LEU D 808 7.06 -23.90 25.52
N ALA D 809 6.40 -22.75 25.57
CA ALA D 809 5.23 -22.55 24.72
C ALA D 809 5.58 -22.61 23.24
N ASP D 810 6.68 -21.95 22.86
CA ASP D 810 7.06 -21.91 21.45
C ASP D 810 7.43 -23.29 20.94
N THR D 811 8.23 -24.04 21.68
CA THR D 811 8.61 -25.38 21.24
C THR D 811 7.46 -26.37 21.35
N SER D 812 6.44 -26.05 22.14
CA SER D 812 5.23 -26.87 22.14
C SER D 812 4.36 -26.57 20.92
N ARG D 813 4.41 -25.34 20.43
CA ARG D 813 3.62 -24.95 19.26
C ARG D 813 4.00 -25.77 18.03
N HIS D 814 5.31 -25.92 17.81
CA HIS D 814 5.83 -26.67 16.68
C HIS D 814 6.89 -27.64 17.16
N ASN D 815 6.89 -28.85 16.61
CA ASN D 815 7.77 -29.91 17.06
C ASN D 815 8.97 -30.14 16.14
N HIS D 816 8.96 -29.58 14.93
CA HIS D 816 10.06 -29.72 13.99
C HIS D 816 10.72 -28.38 13.73
N LEU D 817 10.96 -27.63 14.81
CA LEU D 817 11.49 -26.28 14.67
C LEU D 817 12.87 -26.26 14.04
N ARG D 818 13.75 -27.17 14.46
CA ARG D 818 15.12 -27.16 13.94
C ARG D 818 15.16 -27.42 12.45
N ASN D 819 14.35 -28.39 11.98
CA ASN D 819 14.31 -28.68 10.56
C ASN D 819 13.78 -27.49 9.77
N ARG D 820 12.77 -26.80 10.30
CA ARG D 820 12.24 -25.62 9.64
C ARG D 820 13.29 -24.52 9.57
N ILE D 821 14.04 -24.34 10.67
CA ILE D 821 15.12 -23.34 10.68
C ILE D 821 16.13 -23.66 9.59
N GLU D 822 16.55 -24.93 9.51
CA GLU D 822 17.56 -25.31 8.53
C GLU D 822 17.04 -25.14 7.10
N ASN D 823 15.79 -25.54 6.86
CA ASN D 823 15.25 -25.47 5.50
C ASN D 823 15.04 -24.03 5.05
N ARG D 824 14.40 -23.20 5.88
CA ARG D 824 14.01 -21.86 5.43
C ARG D 824 15.21 -20.95 5.30
N ASN D 825 16.22 -21.12 6.15
CA ASN D 825 17.37 -20.23 6.17
C ASN D 825 18.56 -20.78 5.39
N ASN D 826 18.37 -21.84 4.60
CA ASN D 826 19.41 -22.39 3.73
C ASN D 826 20.65 -22.79 4.51
N PHE D 827 20.45 -23.37 5.70
CA PHE D 827 21.58 -23.82 6.49
C PHE D 827 22.32 -24.99 5.83
N ARG D 828 21.59 -25.90 5.21
CA ARG D 828 22.22 -27.05 4.58
C ARG D 828 22.90 -26.67 3.27
N ARG D 829 22.35 -25.71 2.54
CA ARG D 829 22.84 -25.37 1.21
C ARG D 829 24.10 -24.52 1.34
N SER D 830 24.67 -24.12 0.21
CA SER D 830 25.97 -23.46 0.19
C SER D 830 25.85 -21.99 0.53
N ILE D 831 27.01 -21.36 0.78
CA ILE D 831 27.08 -19.94 1.09
C ILE D 831 26.56 -19.10 -0.06
N THR D 832 26.81 -19.52 -1.30
CA THR D 832 26.44 -18.72 -2.46
C THR D 832 24.94 -18.70 -2.70
N THR D 833 24.17 -19.52 -2.00
CA THR D 833 22.73 -19.59 -2.18
C THR D 833 21.95 -18.69 -1.23
N ILE D 834 22.64 -17.83 -0.49
CA ILE D 834 22.00 -16.91 0.45
C ILE D 834 22.17 -15.50 -0.09
N SER D 835 21.06 -14.76 -0.18
CA SER D 835 21.09 -13.44 -0.79
C SER D 835 21.94 -12.46 0.01
N THR D 836 21.78 -12.46 1.34
CA THR D 836 22.47 -11.47 2.17
C THR D 836 23.97 -11.66 2.19
N PHE D 837 24.49 -12.78 1.69
CA PHE D 837 25.92 -13.03 1.62
C PHE D 837 26.49 -12.79 0.23
N THR D 838 25.67 -12.34 -0.72
CA THR D 838 26.11 -12.18 -2.10
C THR D 838 25.72 -10.81 -2.68
N SER D 839 25.15 -9.92 -1.88
CA SER D 839 24.70 -8.63 -2.39
C SER D 839 25.91 -7.73 -2.64
N SER D 840 25.62 -6.49 -3.03
CA SER D 840 26.65 -5.48 -3.24
C SER D 840 26.62 -4.39 -2.18
N LYS D 841 26.15 -4.73 -0.98
CA LYS D 841 26.18 -3.77 0.12
C LYS D 841 27.61 -3.59 0.62
N SER D 842 27.82 -2.53 1.40
CA SER D 842 29.14 -2.27 1.93
C SER D 842 29.50 -3.26 3.03
N CYS D 843 30.78 -3.57 3.13
CA CYS D 843 31.29 -4.43 4.18
C CYS D 843 32.73 -4.04 4.47
N LEU D 844 33.21 -4.43 5.64
CA LEU D 844 34.49 -3.97 6.14
C LEU D 844 35.53 -5.07 6.04
N LYS D 845 36.76 -4.69 5.64
CA LYS D 845 37.88 -5.62 5.56
C LYS D 845 39.05 -5.06 6.34
N ILE D 846 39.74 -5.94 7.08
CA ILE D 846 40.83 -5.56 7.96
C ILE D 846 42.11 -6.22 7.47
N GLY D 847 43.18 -5.44 7.40
CA GLY D 847 44.46 -5.96 6.99
C GLY D 847 45.36 -4.85 6.49
N ASP D 848 46.57 -5.26 6.09
CA ASP D 848 47.57 -4.31 5.59
C ASP D 848 47.17 -3.88 4.19
N PHE D 849 46.45 -2.77 4.10
CA PHE D 849 45.92 -2.26 2.83
C PHE D 849 46.47 -0.87 2.54
N ARG D 850 47.78 -0.69 2.70
CA ARG D 850 48.40 0.62 2.53
C ARG D 850 48.25 1.14 1.11
N LYS D 851 48.45 0.26 0.11
CA LYS D 851 48.53 0.70 -1.27
C LYS D 851 47.17 1.18 -1.79
N GLU D 852 46.12 0.41 -1.52
CA GLU D 852 44.81 0.71 -2.09
C GLU D 852 44.25 2.01 -1.52
N LYS D 853 44.40 2.22 -0.21
CA LYS D 853 43.86 3.43 0.42
C LYS D 853 44.56 4.68 -0.10
N GLU D 854 45.87 4.60 -0.31
CA GLU D 854 46.64 5.73 -0.82
C GLU D 854 46.19 6.12 -2.23
N TYR D 893 46.24 10.53 3.56
CA TYR D 893 46.17 9.29 4.32
C TYR D 893 47.50 9.00 5.01
N GLU D 894 48.60 9.39 4.36
CA GLU D 894 49.91 9.17 4.93
C GLU D 894 50.10 9.93 6.24
N MET D 895 49.60 11.17 6.30
CA MET D 895 49.75 11.98 7.50
C MET D 895 49.04 11.35 8.69
N LEU D 896 47.90 10.70 8.45
CA LEU D 896 47.16 10.08 9.55
C LEU D 896 47.96 8.95 10.18
N ARG D 897 48.48 8.03 9.35
CA ARG D 897 49.25 6.92 9.87
C ARG D 897 50.56 7.38 10.48
N ASN D 898 51.18 8.41 9.89
CA ASN D 898 52.45 8.91 10.39
C ASN D 898 52.29 9.57 11.75
N ALA D 899 51.30 10.45 11.90
CA ALA D 899 51.11 11.14 13.16
C ALA D 899 50.48 10.23 14.21
N MET D 900 49.47 9.46 13.82
CA MET D 900 48.70 8.65 14.76
C MET D 900 49.11 7.19 14.60
N PRO D 901 49.79 6.60 15.59
CA PRO D 901 50.40 5.27 15.41
C PRO D 901 49.43 4.11 15.29
N ASN D 902 48.57 3.93 16.30
CA ASN D 902 47.77 2.71 16.44
C ASN D 902 46.57 2.79 15.51
N TYR D 903 46.82 2.47 14.23
CA TYR D 903 45.81 2.52 13.19
C TYR D 903 45.46 1.10 12.76
N THR D 904 44.28 0.64 13.17
CA THR D 904 43.77 -0.64 12.69
C THR D 904 43.32 -0.45 11.26
N ASP D 905 44.19 -0.79 10.31
CA ASP D 905 43.93 -0.51 8.90
C ASP D 905 42.67 -1.23 8.44
N TYR D 906 41.88 -0.52 7.62
CA TYR D 906 40.58 -1.04 7.19
C TYR D 906 40.28 -0.52 5.79
N ILE D 907 39.33 -1.19 5.14
CA ILE D 907 38.83 -0.75 3.84
C ILE D 907 37.36 -1.13 3.74
N SER D 908 36.63 -0.41 2.91
CA SER D 908 35.22 -0.66 2.69
C SER D 908 35.03 -1.23 1.28
N THR D 909 34.68 -2.51 1.20
CA THR D 909 34.48 -3.17 -0.08
C THR D 909 33.05 -3.66 -0.22
N LYS D 910 32.76 -4.43 -1.26
CA LYS D 910 31.44 -4.96 -1.49
C LYS D 910 31.33 -6.39 -0.97
N VAL D 911 30.10 -6.78 -0.62
CA VAL D 911 29.89 -8.11 -0.04
C VAL D 911 30.27 -9.20 -1.03
N PHE D 912 29.81 -9.07 -2.28
CA PHE D 912 30.08 -10.11 -3.27
C PHE D 912 31.58 -10.21 -3.56
N ASP D 913 32.27 -9.08 -3.63
CA ASP D 913 33.71 -9.11 -3.85
C ASP D 913 34.43 -9.76 -2.68
N ARG D 914 34.01 -9.47 -1.45
CA ARG D 914 34.63 -10.09 -0.29
C ARG D 914 34.39 -11.59 -0.29
N LEU D 915 33.19 -12.02 -0.67
CA LEU D 915 32.93 -13.45 -0.74
C LEU D 915 33.77 -14.11 -1.83
N TYR D 916 33.93 -13.45 -2.97
CA TYR D 916 34.78 -13.98 -4.02
C TYR D 916 36.22 -14.12 -3.55
N GLU D 917 36.72 -13.11 -2.83
CA GLU D 917 38.08 -13.17 -2.31
C GLU D 917 38.23 -14.30 -1.31
N LEU D 918 37.24 -14.47 -0.43
CA LEU D 918 37.31 -15.54 0.56
C LEU D 918 37.29 -16.91 -0.10
N LEU D 919 36.43 -17.09 -1.11
CA LEU D 919 36.38 -18.36 -1.83
C LEU D 919 37.68 -18.61 -2.57
N ASP D 920 38.27 -17.57 -3.16
CA ASP D 920 39.52 -17.72 -3.88
C ASP D 920 40.65 -18.13 -2.95
N LYS D 921 40.68 -17.57 -1.75
CA LYS D 921 41.72 -17.89 -0.77
C LYS D 921 41.41 -19.16 0.00
N LYS D 922 40.40 -19.92 -0.41
CA LYS D 922 40.06 -21.22 0.15
C LYS D 922 39.63 -21.15 1.62
N VAL D 923 39.38 -19.93 2.14
CA VAL D 923 38.91 -19.80 3.50
C VAL D 923 37.51 -20.41 3.64
N LEU D 924 36.63 -20.15 2.67
CA LEU D 924 35.30 -20.71 2.65
C LEU D 924 35.18 -21.71 1.51
N THR D 925 34.21 -22.62 1.64
CA THR D 925 34.01 -23.70 0.69
C THR D 925 32.53 -23.85 0.40
N ASP D 926 32.20 -24.87 -0.40
CA ASP D 926 30.83 -25.15 -0.81
C ASP D 926 30.11 -26.10 0.14
N LYS D 927 30.73 -26.45 1.26
CA LYS D 927 30.12 -27.30 2.28
C LYS D 927 28.89 -26.62 2.87
N PRO D 928 28.08 -27.34 3.65
CA PRO D 928 26.94 -26.67 4.30
C PRO D 928 27.38 -25.45 5.09
N VAL D 929 26.60 -24.37 4.96
CA VAL D 929 27.06 -23.07 5.44
C VAL D 929 27.22 -23.06 6.95
N ILE D 930 26.33 -23.75 7.67
CA ILE D 930 26.31 -23.62 9.13
C ILE D 930 27.58 -24.18 9.75
N GLU D 931 28.15 -25.24 9.16
CA GLU D 931 29.42 -25.76 9.66
C GLU D 931 30.53 -24.73 9.53
N GLN D 932 30.59 -24.04 8.40
CA GLN D 932 31.57 -22.97 8.23
C GLN D 932 31.27 -21.81 9.18
N ILE D 933 30.01 -21.56 9.49
CA ILE D 933 29.66 -20.51 10.45
C ILE D 933 30.23 -20.85 11.81
N MET D 934 30.06 -22.10 12.24
CA MET D 934 30.62 -22.53 13.52
C MET D 934 32.15 -22.46 13.51
N ASP D 935 32.76 -22.91 12.42
CA ASP D 935 34.22 -22.85 12.31
C ASP D 935 34.73 -21.42 12.42
N MET D 936 34.04 -20.48 11.77
CA MET D 936 34.45 -19.08 11.84
C MET D 936 34.16 -18.49 13.21
N MET D 937 33.08 -18.93 13.86
CA MET D 937 32.78 -18.49 15.21
C MET D 937 33.89 -18.87 16.16
N ILE D 938 34.43 -20.08 16.02
CA ILE D 938 35.60 -20.45 16.81
C ILE D 938 36.81 -19.62 16.40
N ASP D 939 37.07 -19.52 15.08
CA ASP D 939 38.34 -18.98 14.62
C ASP D 939 38.42 -17.47 14.78
N HIS D 940 37.42 -16.78 14.24
CA HIS D 940 37.39 -15.32 14.28
C HIS D 940 37.28 -14.84 15.70
N LYS D 941 38.39 -14.40 16.28
CA LYS D 941 38.33 -13.93 17.66
C LYS D 941 37.90 -12.48 17.77
N LYS D 942 38.44 -11.60 16.93
CA LYS D 942 38.26 -10.16 17.07
C LYS D 942 37.18 -9.67 16.13
N PHE D 943 36.41 -8.68 16.56
CA PHE D 943 35.38 -8.05 15.74
C PHE D 943 35.67 -6.56 15.63
N TYR D 944 35.47 -6.02 14.43
CA TYR D 944 35.66 -4.61 14.17
C TYR D 944 34.46 -4.05 13.44
N PHE D 945 34.13 -2.79 13.72
CA PHE D 945 32.97 -2.15 13.13
C PHE D 945 33.32 -0.71 12.77
N THR D 946 32.63 -0.19 11.76
CA THR D 946 32.72 1.22 11.40
C THR D 946 31.31 1.78 11.38
N PHE D 947 31.20 3.09 11.19
CA PHE D 947 29.88 3.70 11.14
C PHE D 947 29.89 4.88 10.19
N PHE D 948 28.69 5.26 9.76
CA PHE D 948 28.49 6.42 8.91
C PHE D 948 27.07 6.94 9.11
N ASN D 949 26.70 7.92 8.31
CA ASN D 949 25.44 8.63 8.47
C ASN D 949 24.39 8.06 7.52
N LYS D 950 23.21 7.77 8.06
CA LYS D 950 22.13 7.25 7.23
C LYS D 950 21.60 8.29 6.26
N GLY D 951 21.69 9.57 6.63
CA GLY D 951 21.11 10.63 5.82
C GLY D 951 19.59 10.60 5.80
N GLN D 952 18.95 10.35 6.93
CA GLN D 952 17.51 10.33 7.00
C GLN D 952 16.97 11.75 7.13
N LYS D 953 15.66 11.88 7.27
CA LYS D 953 14.98 13.16 7.31
C LYS D 953 14.70 13.65 8.72
N THR D 954 15.21 12.97 9.74
CA THR D 954 15.01 13.41 11.11
C THR D 954 15.92 14.60 11.43
N SER D 955 15.67 15.20 12.59
CA SER D 955 16.49 16.34 13.01
C SER D 955 17.95 15.95 13.17
N LYS D 956 18.19 14.81 13.81
CA LYS D 956 19.53 14.24 13.95
C LYS D 956 19.55 12.88 13.27
N ASP D 957 20.58 12.65 12.47
CA ASP D 957 20.66 11.42 11.71
C ASP D 957 20.89 10.22 12.63
N ARG D 958 20.49 9.05 12.15
CA ARG D 958 20.65 7.80 12.87
C ARG D 958 21.92 7.12 12.38
N GLU D 959 22.87 6.91 13.29
CA GLU D 959 24.14 6.30 12.92
C GLU D 959 23.93 4.89 12.40
N ILE D 960 24.73 4.50 11.42
CA ILE D 960 24.60 3.20 10.78
C ILE D 960 25.94 2.49 10.87
N PHE D 961 25.92 1.25 11.35
CA PHE D 961 27.13 0.49 11.62
C PHE D 961 27.33 -0.58 10.55
N VAL D 962 28.56 -0.68 10.06
CA VAL D 962 28.96 -1.67 9.08
C VAL D 962 29.99 -2.59 9.70
N GLY D 963 29.73 -3.90 9.62
CA GLY D 963 30.63 -4.90 10.15
C GLY D 963 31.21 -5.78 9.04
N GLU D 964 32.22 -6.55 9.45
CA GLU D 964 32.95 -7.47 8.58
C GLU D 964 32.13 -8.68 8.18
N TYR D 965 32.65 -9.43 7.22
CA TYR D 965 31.90 -10.58 6.70
C TYR D 965 31.65 -11.62 7.78
N GLU D 966 32.66 -11.90 8.60
CA GLU D 966 32.53 -12.96 9.60
C GLU D 966 31.46 -12.63 10.63
N ALA D 967 31.48 -11.40 11.14
CA ALA D 967 30.42 -10.96 12.03
C ALA D 967 29.08 -11.03 11.32
N LYS D 968 29.05 -10.68 10.04
CA LYS D 968 27.79 -10.74 9.28
C LYS D 968 27.22 -12.15 9.28
N MET D 969 28.05 -13.16 9.00
CA MET D 969 27.52 -14.51 8.89
C MET D 969 27.11 -15.07 10.25
N CYS D 970 27.93 -14.84 11.29
CA CYS D 970 27.57 -15.37 12.60
C CYS D 970 26.29 -14.72 13.12
N MET D 971 26.19 -13.39 12.97
CA MET D 971 24.98 -12.68 13.34
C MET D 971 23.79 -13.16 12.51
N TYR D 972 24.01 -13.47 11.23
CA TYR D 972 22.94 -14.02 10.41
C TYR D 972 22.42 -15.32 11.00
N ALA D 973 23.33 -16.21 11.38
CA ALA D 973 22.91 -17.50 11.96
C ALA D 973 22.09 -17.28 13.22
N VAL D 974 22.61 -16.48 14.16
CA VAL D 974 21.92 -16.30 15.43
C VAL D 974 20.56 -15.62 15.20
N GLU D 975 20.53 -14.58 14.37
CA GLU D 975 19.30 -13.84 14.15
C GLU D 975 18.26 -14.68 13.41
N ARG D 976 18.69 -15.57 12.50
CA ARG D 976 17.72 -16.44 11.84
C ARG D 976 17.16 -17.46 12.81
N ILE D 977 17.99 -17.98 13.72
CA ILE D 977 17.46 -18.84 14.77
C ILE D 977 16.39 -18.10 15.56
N ALA D 978 16.69 -16.87 15.97
CA ALA D 978 15.72 -16.08 16.73
C ALA D 978 14.47 -15.80 15.90
N LYS D 979 14.64 -15.54 14.61
CA LYS D 979 13.50 -15.21 13.76
C LYS D 979 12.57 -16.39 13.59
N GLU D 980 13.13 -17.57 13.34
CA GLU D 980 12.28 -18.75 13.19
C GLU D 980 11.64 -19.14 14.52
N ARG D 981 12.30 -18.83 15.65
CA ARG D 981 11.62 -18.98 16.93
C ARG D 981 10.45 -18.00 17.05
N CYS D 982 10.65 -16.75 16.64
CA CYS D 982 9.64 -15.72 16.77
C CYS D 982 8.45 -15.94 15.86
N LYS D 983 8.66 -16.61 14.72
CA LYS D 983 7.56 -16.80 13.78
C LYS D 983 6.38 -17.50 14.42
N LEU D 984 6.63 -18.41 15.37
CA LEU D 984 5.54 -19.07 16.07
C LEU D 984 4.90 -18.18 17.12
N ASN D 985 5.65 -17.21 17.65
CA ASN D 985 5.13 -16.36 18.72
C ASN D 985 4.07 -15.42 18.18
N PRO D 986 2.84 -15.47 18.69
CA PRO D 986 1.80 -14.56 18.19
C PRO D 986 2.10 -13.09 18.41
N ASP D 987 2.78 -12.75 19.51
CA ASP D 987 3.00 -11.34 19.83
C ASP D 987 4.04 -10.70 18.94
N GLU D 988 4.94 -11.49 18.37
CA GLU D 988 5.99 -10.93 17.52
C GLU D 988 5.42 -10.47 16.18
N MET D 989 5.80 -9.26 15.77
CA MET D 989 5.30 -8.65 14.54
C MET D 989 6.30 -8.63 13.38
N ILE D 990 7.60 -8.62 13.64
CA ILE D 990 8.55 -8.69 12.53
C ILE D 990 8.39 -10.01 11.78
N SER D 991 7.93 -11.05 12.49
CA SER D 991 7.62 -12.31 11.82
C SER D 991 6.55 -12.11 10.76
N GLU D 992 5.53 -11.31 11.07
CA GLU D 992 4.54 -10.96 10.07
C GLU D 992 5.18 -10.11 8.98
N PRO D 993 4.91 -10.41 7.71
CA PRO D 993 5.52 -9.64 6.62
C PRO D 993 5.07 -8.19 6.64
N GLY D 994 5.68 -7.41 5.76
CA GLY D 994 5.35 -6.00 5.69
C GLY D 994 3.90 -5.77 5.32
N ASP D 995 3.33 -4.71 5.90
CA ASP D 995 1.97 -4.24 5.69
C ASP D 995 0.91 -5.18 6.25
N GLY D 996 1.29 -6.35 6.77
CA GLY D 996 0.34 -7.16 7.50
C GLY D 996 0.08 -6.71 8.91
N LYS D 997 0.94 -5.83 9.43
CA LYS D 997 0.74 -5.28 10.76
C LYS D 997 -0.54 -4.47 10.84
N LEU D 998 -0.94 -3.82 9.74
CA LEU D 998 -2.23 -3.14 9.71
C LEU D 998 -3.36 -4.14 9.92
N LYS D 999 -3.29 -5.28 9.27
CA LYS D 999 -4.31 -6.31 9.45
C LYS D 999 -4.31 -6.84 10.87
N VAL D 1000 -3.12 -7.02 11.45
CA VAL D 1000 -3.03 -7.49 12.84
C VAL D 1000 -3.70 -6.48 13.77
N LEU D 1001 -3.42 -5.19 13.57
CA LEU D 1001 -4.04 -4.16 14.39
C LEU D 1001 -5.55 -4.17 14.24
N GLU D 1002 -6.04 -4.29 13.00
CA GLU D 1002 -7.48 -4.31 12.78
C GLU D 1002 -8.13 -5.50 13.48
N GLN D 1003 -7.52 -6.69 13.38
CA GLN D 1003 -8.07 -7.87 14.03
C GLN D 1003 -8.10 -7.70 15.54
N LYS D 1004 -7.01 -7.20 16.12
CA LYS D 1004 -6.97 -7.00 17.56
C LYS D 1004 -8.03 -6.00 18.00
N SER D 1005 -8.18 -4.90 17.26
CA SER D 1005 -9.15 -3.88 17.63
C SER D 1005 -10.57 -4.44 17.57
N GLU D 1006 -10.90 -5.15 16.51
CA GLU D 1006 -12.26 -5.67 16.39
C GLU D 1006 -12.55 -6.74 17.45
N GLN D 1007 -11.58 -7.62 17.73
CA GLN D 1007 -11.82 -8.64 18.73
C GLN D 1007 -11.94 -8.03 20.12
N GLU D 1008 -11.20 -6.96 20.39
CA GLU D 1008 -11.30 -6.32 21.70
C GLU D 1008 -12.60 -5.54 21.84
N ILE D 1009 -13.09 -4.95 20.75
CA ILE D 1009 -14.41 -4.33 20.80
C ILE D 1009 -15.47 -5.37 21.09
N ARG D 1010 -15.37 -6.52 20.42
CA ARG D 1010 -16.32 -7.60 20.67
C ARG D 1010 -16.27 -8.06 22.13
N PHE D 1011 -15.05 -8.23 22.66
CA PHE D 1011 -14.91 -8.64 24.05
C PHE D 1011 -15.52 -7.61 24.99
N LEU D 1012 -15.27 -6.33 24.72
CA LEU D 1012 -15.78 -5.27 25.58
C LEU D 1012 -17.30 -5.29 25.60
N VAL D 1013 -17.93 -5.33 24.43
CA VAL D 1013 -19.40 -5.27 24.39
C VAL D 1013 -20.00 -6.51 25.04
N GLU D 1014 -19.44 -7.69 24.73
CA GLU D 1014 -19.98 -8.93 25.29
C GLU D 1014 -19.85 -8.95 26.81
N THR D 1015 -18.67 -8.59 27.33
CA THR D 1015 -18.45 -8.61 28.76
C THR D 1015 -19.35 -7.59 29.46
N THR D 1016 -19.47 -6.39 28.88
CA THR D 1016 -20.31 -5.36 29.48
C THR D 1016 -21.76 -5.84 29.56
N ARG D 1017 -22.28 -6.39 28.47
CA ARG D 1017 -23.66 -6.87 28.47
C ARG D 1017 -23.84 -8.00 29.49
N GLN D 1018 -22.89 -8.93 29.53
CA GLN D 1018 -23.01 -10.06 30.44
C GLN D 1018 -23.00 -9.60 31.89
N LYS D 1019 -22.11 -8.66 32.22
CA LYS D 1019 -22.03 -8.17 33.59
C LYS D 1019 -23.25 -7.35 33.98
N ASN D 1020 -23.79 -6.57 33.04
CA ASN D 1020 -24.88 -5.66 33.36
C ASN D 1020 -26.26 -6.21 33.02
N ARG D 1021 -26.37 -7.50 32.68
CA ARG D 1021 -27.67 -8.11 32.50
C ARG D 1021 -28.61 -7.84 33.66
N GLU D 1022 -28.14 -8.10 34.88
CA GLU D 1022 -29.00 -7.98 36.07
C GLU D 1022 -29.41 -6.53 36.29
N ILE D 1023 -28.46 -5.60 36.17
CA ILE D 1023 -28.77 -4.19 36.39
C ILE D 1023 -29.74 -3.68 35.33
N ASP D 1024 -29.55 -4.08 34.07
CA ASP D 1024 -30.47 -3.66 33.02
C ASP D 1024 -31.86 -4.24 33.24
N GLU D 1025 -31.94 -5.49 33.70
CA GLU D 1025 -33.24 -6.07 34.01
C GLU D 1025 -33.91 -5.32 35.15
N ALA D 1026 -33.15 -4.93 36.16
CA ALA D 1026 -33.70 -4.17 37.27
C ALA D 1026 -34.17 -2.78 36.82
N ILE D 1027 -33.44 -2.17 35.89
CA ILE D 1027 -33.83 -0.85 35.38
C ILE D 1027 -35.17 -0.93 34.66
N GLU D 1028 -35.32 -1.93 33.79
CA GLU D 1028 -36.56 -2.12 33.05
C GLU D 1028 -37.07 -3.55 33.20
N ILE D 1055 -33.16 3.21 41.52
CA ILE D 1055 -32.67 2.59 40.29
C ILE D 1055 -31.37 3.24 39.85
N GLU D 1056 -31.20 4.52 40.21
CA GLU D 1056 -29.96 5.22 39.87
C GLU D 1056 -28.78 4.66 40.63
N LYS D 1057 -28.98 4.23 41.88
CA LYS D 1057 -27.90 3.60 42.63
C LYS D 1057 -27.48 2.28 42.00
N LEU D 1058 -28.42 1.57 41.37
CA LEU D 1058 -28.07 0.36 40.64
C LEU D 1058 -27.14 0.66 39.48
N SER D 1059 -27.41 1.74 38.74
CA SER D 1059 -26.51 2.16 37.69
C SER D 1059 -25.16 2.60 38.26
N LEU D 1060 -25.20 3.23 39.44
CA LEU D 1060 -23.95 3.61 40.11
C LEU D 1060 -23.10 2.40 40.41
N GLY D 1061 -23.71 1.33 40.92
CA GLY D 1061 -23.00 0.12 41.27
C GLY D 1061 -22.78 -0.85 40.14
N LYS D 1062 -23.31 -0.58 38.96
CA LYS D 1062 -23.12 -1.49 37.84
C LYS D 1062 -21.69 -1.40 37.30
N ALA D 1063 -21.27 -2.47 36.64
CA ALA D 1063 -19.91 -2.56 36.14
C ALA D 1063 -19.66 -1.54 35.03
N LYS D 1064 -18.41 -1.09 34.94
CA LYS D 1064 -18.01 -0.13 33.93
C LYS D 1064 -16.81 -0.66 33.17
N GLY D 1065 -16.66 -0.19 31.93
CA GLY D 1065 -15.60 -0.62 31.05
C GLY D 1065 -14.57 0.47 30.84
N LEU D 1066 -13.35 0.06 30.52
CA LEU D 1066 -12.23 0.95 30.28
C LEU D 1066 -11.38 0.39 29.16
N LYS D 1067 -11.23 1.16 28.09
CA LYS D 1067 -10.37 0.80 26.97
C LYS D 1067 -9.18 1.75 26.95
N MET D 1068 -7.98 1.19 26.99
CA MET D 1068 -6.75 1.97 27.08
C MET D 1068 -5.78 1.47 26.01
N GLU D 1069 -5.09 2.42 25.37
CA GLU D 1069 -4.11 2.09 24.34
C GLU D 1069 -2.78 2.75 24.65
N ILE D 1070 -1.79 1.94 25.00
CA ILE D 1070 -0.45 2.44 25.33
C ILE D 1070 0.41 2.29 24.08
N ASN D 1071 0.82 3.42 23.52
CA ASN D 1071 1.75 3.42 22.39
C ASN D 1071 3.09 3.89 22.93
N ALA D 1072 4.10 3.03 22.82
CA ALA D 1072 5.37 3.26 23.47
C ALA D 1072 6.53 2.96 22.54
N ASP D 1073 7.66 3.60 22.81
CA ASP D 1073 8.93 3.23 22.22
C ASP D 1073 9.98 3.27 23.31
N MET D 1074 11.08 2.56 23.10
CA MET D 1074 12.09 2.35 24.12
C MET D 1074 13.32 3.19 23.80
N SER D 1075 13.78 3.95 24.78
CA SER D 1075 14.94 4.82 24.59
C SER D 1075 16.20 3.98 24.44
N LYS D 1076 16.99 4.29 23.41
CA LYS D 1076 18.29 3.67 23.18
C LYS D 1076 18.18 2.14 23.22
N TRP D 1077 17.40 1.63 22.25
CA TRP D 1077 17.12 0.20 22.22
C TRP D 1077 18.39 -0.62 22.06
N SER D 1078 19.36 -0.10 21.30
CA SER D 1078 20.61 -0.83 21.08
C SER D 1078 21.71 -0.39 22.04
N ALA D 1079 21.80 0.91 22.33
CA ALA D 1079 22.88 1.41 23.18
C ALA D 1079 22.68 1.00 24.64
N GLN D 1080 21.49 1.17 25.17
CA GLN D 1080 21.19 0.90 26.57
C GLN D 1080 20.44 -0.43 26.65
N ASP D 1081 21.21 -1.52 26.70
CA ASP D 1081 20.62 -2.85 26.80
C ASP D 1081 21.62 -3.79 27.43
N VAL D 1082 21.15 -4.59 28.37
CA VAL D 1082 22.00 -5.59 29.03
C VAL D 1082 22.12 -6.79 28.10
N PHE D 1083 23.30 -6.94 27.49
CA PHE D 1083 23.50 -8.02 26.53
C PHE D 1083 23.44 -9.39 27.21
N TYR D 1084 23.86 -9.48 28.47
CA TYR D 1084 23.88 -10.76 29.17
C TYR D 1084 22.51 -11.44 29.17
N LYS D 1085 21.43 -10.66 29.16
CA LYS D 1085 20.10 -11.25 29.21
C LYS D 1085 19.82 -12.12 28.00
N TYR D 1086 20.52 -11.92 26.89
CA TYR D 1086 20.32 -12.79 25.73
C TYR D 1086 20.96 -14.15 25.95
N PHE D 1087 22.03 -14.21 26.75
CA PHE D 1087 22.76 -15.47 26.97
C PHE D 1087 21.80 -16.56 27.44
N TRP D 1088 20.98 -16.25 28.44
CA TRP D 1088 20.03 -17.23 28.95
C TRP D 1088 19.07 -17.69 27.86
N LEU D 1089 18.63 -16.76 27.01
CA LEU D 1089 17.74 -17.14 25.91
C LEU D 1089 18.35 -18.23 25.04
N ILE D 1090 19.67 -18.28 24.96
CA ILE D 1090 20.34 -19.36 24.24
C ILE D 1090 20.61 -20.55 25.17
N ALA D 1091 20.93 -20.29 26.44
CA ALA D 1091 21.25 -21.37 27.35
C ALA D 1091 20.06 -22.29 27.56
N LEU D 1092 18.86 -21.73 27.65
CA LEU D 1092 17.65 -22.50 27.88
C LEU D 1092 17.01 -22.99 26.59
N ASP D 1093 17.60 -22.70 25.45
CA ASP D 1093 17.03 -23.14 24.19
C ASP D 1093 17.10 -24.67 24.07
N PRO D 1094 15.99 -25.33 23.76
CA PRO D 1094 16.01 -26.80 23.73
C PRO D 1094 16.58 -27.40 22.45
N ILE D 1095 16.39 -26.73 21.32
CA ILE D 1095 16.65 -27.34 20.03
C ILE D 1095 18.11 -27.21 19.62
N LEU D 1096 18.95 -26.76 20.55
CA LEU D 1096 20.38 -26.60 20.28
C LEU D 1096 21.17 -27.63 21.07
N TYR D 1097 22.14 -28.25 20.39
CA TYR D 1097 23.04 -29.18 21.05
C TYR D 1097 24.03 -28.43 21.92
N PRO D 1098 24.57 -29.08 22.95
CA PRO D 1098 25.52 -28.37 23.84
C PRO D 1098 26.71 -27.77 23.12
N GLN D 1099 27.23 -28.44 22.09
CA GLN D 1099 28.33 -27.88 21.33
C GLN D 1099 27.91 -26.59 20.62
N GLU D 1100 26.72 -26.59 20.03
CA GLU D 1100 26.22 -25.38 19.39
C GLU D 1100 26.04 -24.25 20.40
N LYS D 1101 25.51 -24.59 21.59
CA LYS D 1101 25.36 -23.58 22.63
C LYS D 1101 26.71 -23.00 23.04
N GLU D 1102 27.71 -23.86 23.22
CA GLU D 1102 29.04 -23.39 23.59
C GLU D 1102 29.61 -22.47 22.51
N ARG D 1103 29.46 -22.87 21.24
CA ARG D 1103 30.01 -22.05 20.16
C ARG D 1103 29.32 -20.69 20.07
N ILE D 1104 27.99 -20.68 20.21
CA ILE D 1104 27.25 -19.42 20.13
C ILE D 1104 27.59 -18.51 21.32
N LEU D 1105 27.72 -19.10 22.51
CA LEU D 1105 28.09 -18.30 23.67
C LEU D 1105 29.50 -17.74 23.53
N TYR D 1106 30.44 -18.53 22.99
CA TYR D 1106 31.78 -18.01 22.73
C TYR D 1106 31.72 -16.89 21.70
N PHE D 1107 30.88 -17.04 20.68
CA PHE D 1107 30.66 -15.95 19.73
C PHE D 1107 30.22 -14.67 20.42
N MET D 1108 29.20 -14.75 21.27
CA MET D 1108 28.72 -13.52 21.90
C MET D 1108 29.72 -12.97 22.91
N CYS D 1109 30.49 -13.83 23.58
CA CYS D 1109 31.54 -13.34 24.46
C CYS D 1109 32.59 -12.57 23.68
N ASN D 1110 32.97 -13.08 22.51
CA ASN D 1110 33.89 -12.33 21.65
C ASN D 1110 33.24 -11.05 21.14
N TYR D 1111 31.95 -11.12 20.80
CA TYR D 1111 31.28 -9.97 20.21
C TYR D 1111 31.13 -8.83 21.20
N MET D 1112 30.95 -9.13 22.48
CA MET D 1112 30.88 -8.09 23.49
C MET D 1112 32.20 -7.34 23.61
N ASP D 1113 33.30 -7.92 23.12
CA ASP D 1113 34.60 -7.25 23.06
C ASP D 1113 34.84 -6.61 21.70
N LYS D 1114 33.79 -6.16 21.03
CA LYS D 1114 33.91 -5.53 19.74
C LYS D 1114 34.64 -4.19 19.85
N GLU D 1115 35.29 -3.80 18.75
CA GLU D 1115 36.00 -2.54 18.68
C GLU D 1115 35.47 -1.74 17.49
N LEU D 1116 34.94 -0.56 17.76
CA LEU D 1116 34.45 0.33 16.71
C LEU D 1116 35.59 1.18 16.19
N ILE D 1117 35.75 1.22 14.87
CA ILE D 1117 36.82 1.97 14.23
C ILE D 1117 36.28 3.32 13.80
N LEU D 1118 36.97 4.38 14.22
CA LEU D 1118 36.60 5.71 13.77
C LEU D 1118 36.89 5.85 12.28
N PRO D 1119 35.95 6.35 11.49
CA PRO D 1119 36.21 6.50 10.06
C PRO D 1119 37.34 7.48 9.78
N ASP D 1120 38.03 7.27 8.66
CA ASP D 1120 39.20 8.08 8.35
C ASP D 1120 38.86 9.55 8.20
N GLU D 1121 37.64 9.87 7.77
CA GLU D 1121 37.25 11.27 7.63
C GLU D 1121 37.15 11.96 8.99
N LEU D 1122 36.65 11.25 10.00
CA LEU D 1122 36.58 11.82 11.34
C LEU D 1122 37.97 12.10 11.88
N LEU D 1123 38.92 11.18 11.66
CA LEU D 1123 40.29 11.44 12.08
C LEU D 1123 40.90 12.60 11.29
N PHE D 1124 40.60 12.68 9.99
CA PHE D 1124 41.08 13.81 9.19
C PHE D 1124 40.62 15.13 9.77
N ASN D 1125 39.32 15.27 10.03
CA ASN D 1125 38.83 16.57 10.46
C ASN D 1125 39.02 16.82 11.95
N LEU D 1126 39.38 15.80 12.73
CA LEU D 1126 39.82 16.06 14.10
C LEU D 1126 41.28 16.47 14.16
N LEU D 1127 42.12 15.90 13.29
CA LEU D 1127 43.54 16.22 13.30
C LEU D 1127 43.86 17.57 12.67
N ASP D 1128 42.90 18.19 11.99
CA ASP D 1128 43.10 19.48 11.34
C ASP D 1128 42.31 20.59 12.03
N GLN D 1129 42.25 20.53 13.36
CA GLN D 1129 41.56 21.54 14.13
C GLN D 1129 42.49 22.68 14.56
N LYS D 1130 43.66 22.35 15.08
CA LYS D 1130 44.67 23.27 15.61
C LYS D 1130 44.23 23.95 16.90
N VAL D 1131 43.00 23.71 17.35
CA VAL D 1131 42.52 24.21 18.64
C VAL D 1131 41.76 23.05 19.29
N ALA D 1132 42.32 22.48 20.35
CA ALA D 1132 41.73 21.31 20.97
C ALA D 1132 40.40 21.66 21.64
N TYR D 1133 39.49 20.69 21.64
CA TYR D 1133 38.20 20.87 22.28
C TYR D 1133 38.36 20.87 23.80
N GLN D 1134 37.49 21.65 24.46
CA GLN D 1134 37.60 21.80 25.91
C GLN D 1134 37.36 20.49 26.64
N ASN D 1135 36.36 19.72 26.20
CA ASN D 1135 36.00 18.47 26.85
C ASN D 1135 35.89 17.34 25.84
N ASP D 1136 36.91 17.18 24.99
CA ASP D 1136 36.86 16.22 23.89
C ASP D 1136 36.75 14.79 24.43
N ILE D 1137 35.56 14.21 24.30
CA ILE D 1137 35.37 12.82 24.71
C ILE D 1137 36.09 11.87 23.75
N ILE D 1138 36.15 12.23 22.46
CA ILE D 1138 36.82 11.39 21.48
C ILE D 1138 38.30 11.24 21.82
N ALA D 1139 38.95 12.36 22.14
CA ALA D 1139 40.37 12.31 22.49
C ALA D 1139 40.59 11.47 23.75
N THR D 1140 39.71 11.61 24.74
CA THR D 1140 39.84 10.83 25.96
C THR D 1140 39.71 9.33 25.68
N MET D 1141 38.75 8.95 24.84
CA MET D 1141 38.58 7.54 24.51
C MET D 1141 39.64 7.04 23.54
N THR D 1142 40.23 7.92 22.75
CA THR D 1142 41.25 7.54 21.79
C THR D 1142 42.66 7.87 22.29
N ASN D 1143 42.81 8.16 23.58
CA ASN D 1143 44.11 8.52 24.17
C ASN D 1143 44.72 9.72 23.46
N GLN D 1144 43.95 10.80 23.41
CA GLN D 1144 44.31 12.02 22.68
C GLN D 1144 44.63 11.69 21.22
N LEU D 1145 43.77 10.86 20.63
CA LEU D 1145 43.94 10.36 19.26
C LEU D 1145 45.27 9.64 19.10
N ASN D 1146 45.45 8.60 19.92
CA ASN D 1146 46.56 7.68 19.78
C ASN D 1146 46.14 6.33 19.20
N SER D 1147 44.84 6.08 19.11
CA SER D 1147 44.31 4.89 18.44
C SER D 1147 42.96 5.23 17.85
N ASN D 1148 42.61 4.59 16.74
CA ASN D 1148 41.35 4.83 16.07
C ASN D 1148 40.31 3.76 16.37
N THR D 1149 40.52 2.96 17.41
CA THR D 1149 39.58 1.93 17.80
C THR D 1149 39.13 2.16 19.24
N VAL D 1150 37.82 2.04 19.46
CA VAL D 1150 37.23 2.22 20.78
C VAL D 1150 36.48 0.93 21.14
N LEU D 1151 36.76 0.40 22.32
CA LEU D 1151 36.12 -0.83 22.77
C LEU D 1151 34.70 -0.53 23.23
N ILE D 1152 33.72 -1.19 22.61
CA ILE D 1152 32.32 -1.06 22.97
C ILE D 1152 31.86 -2.38 23.58
N LYS D 1153 31.20 -2.31 24.72
CA LYS D 1153 30.86 -3.51 25.47
C LYS D 1153 29.36 -3.78 25.53
N ARG D 1154 28.57 -2.83 26.05
CA ARG D 1154 27.18 -3.09 26.34
C ARG D 1154 26.22 -2.60 25.26
N ASN D 1155 26.74 -2.05 24.16
CA ASN D 1155 25.92 -1.52 23.08
C ASN D 1155 25.99 -2.49 21.91
N TRP D 1156 25.14 -3.51 21.92
CA TRP D 1156 24.96 -4.32 20.73
C TRP D 1156 24.43 -3.43 19.62
N LEU D 1157 25.03 -3.54 18.44
CA LEU D 1157 24.97 -2.44 17.49
C LEU D 1157 23.56 -2.26 16.94
N GLN D 1158 23.33 -1.10 16.34
CA GLN D 1158 22.00 -0.68 15.94
C GLN D 1158 21.48 -1.57 14.80
N GLY D 1159 20.50 -2.41 15.12
CA GLY D 1159 19.85 -3.24 14.12
C GLY D 1159 20.41 -4.63 13.95
N ASN D 1160 21.40 -5.02 14.75
CA ASN D 1160 22.02 -6.32 14.57
C ASN D 1160 21.17 -7.46 15.12
N PHE D 1161 20.45 -7.24 16.20
CA PHE D 1161 19.72 -8.29 16.91
C PHE D 1161 18.26 -7.93 17.06
N ASN D 1162 17.62 -7.54 15.96
CA ASN D 1162 16.23 -7.12 16.00
C ASN D 1162 15.35 -8.24 16.55
N TYR D 1163 15.50 -9.46 16.02
CA TYR D 1163 14.62 -10.55 16.41
C TYR D 1163 14.82 -10.94 17.87
N THR D 1164 16.07 -11.03 18.29
CA THR D 1164 16.40 -11.39 19.67
C THR D 1164 15.82 -10.36 20.62
N SER D 1165 16.17 -9.10 20.41
CA SER D 1165 15.69 -8.02 21.25
C SER D 1165 14.16 -8.03 21.29
N SER D 1166 13.54 -8.10 20.12
CA SER D 1166 12.10 -8.11 20.02
C SER D 1166 11.51 -9.23 20.87
N TYR D 1167 12.06 -10.43 20.72
CA TYR D 1167 11.58 -11.58 21.48
C TYR D 1167 11.59 -11.30 22.98
N VAL D 1168 12.74 -10.86 23.49
CA VAL D 1168 12.86 -10.55 24.91
C VAL D 1168 11.80 -9.54 25.33
N HIS D 1169 11.56 -8.53 24.50
CA HIS D 1169 10.54 -7.53 24.83
C HIS D 1169 9.15 -8.15 24.82
N SER D 1170 8.92 -9.14 23.95
CA SER D 1170 7.66 -9.86 23.97
C SER D 1170 7.50 -10.66 25.26
N CYS D 1171 8.58 -11.26 25.75
CA CYS D 1171 8.52 -11.93 27.04
C CYS D 1171 8.18 -10.95 28.15
N ALA D 1172 8.77 -9.76 28.09
CA ALA D 1172 8.44 -8.72 29.07
C ALA D 1172 6.97 -8.35 29.01
N MET D 1173 6.43 -8.20 27.80
CA MET D 1173 5.01 -7.92 27.66
C MET D 1173 4.15 -9.06 28.19
N SER D 1174 4.60 -10.30 28.05
CA SER D 1174 3.87 -11.42 28.64
C SER D 1174 3.85 -11.32 30.15
N VAL D 1175 4.97 -10.93 30.74
CA VAL D 1175 5.01 -10.72 32.19
C VAL D 1175 4.03 -9.62 32.59
N TYR D 1176 4.00 -8.54 31.81
CA TYR D 1176 3.07 -7.45 32.09
C TYR D 1176 1.62 -7.94 31.98
N LYS D 1177 1.33 -8.78 30.99
CA LYS D 1177 0.00 -9.34 30.83
C LYS D 1177 -0.39 -10.16 32.06
N GLU D 1178 0.53 -10.99 32.55
CA GLU D 1178 0.24 -11.78 33.74
C GLU D 1178 0.00 -10.88 34.95
N ILE D 1179 0.81 -9.83 35.09
CA ILE D 1179 0.61 -8.90 36.20
C ILE D 1179 -0.77 -8.29 36.16
N LEU D 1180 -1.17 -7.81 34.98
CA LEU D 1180 -2.48 -7.17 34.85
C LEU D 1180 -3.61 -8.15 35.12
N LYS D 1181 -3.50 -9.37 34.59
CA LYS D 1181 -4.54 -10.36 34.81
C LYS D 1181 -4.67 -10.69 36.30
N GLU D 1182 -3.53 -10.86 36.99
CA GLU D 1182 -3.58 -11.16 38.41
C GLU D 1182 -4.20 -10.01 39.20
N ALA D 1183 -3.84 -8.77 38.84
CA ALA D 1183 -4.44 -7.63 39.52
C ALA D 1183 -5.94 -7.58 39.33
N ILE D 1184 -6.41 -7.86 38.12
CA ILE D 1184 -7.85 -7.84 37.88
C ILE D 1184 -8.54 -8.98 38.61
N THR D 1185 -7.88 -10.15 38.72
CA THR D 1185 -8.45 -11.22 39.53
C THR D 1185 -8.60 -10.79 40.98
N LEU D 1186 -7.59 -10.10 41.52
CA LEU D 1186 -7.75 -9.49 42.84
C LEU D 1186 -8.90 -8.47 42.86
N LEU D 1187 -9.18 -7.83 41.73
CA LEU D 1187 -10.29 -6.91 41.63
C LEU D 1187 -11.61 -7.58 41.25
N ASP D 1188 -11.57 -8.86 40.87
CA ASP D 1188 -12.77 -9.60 40.46
C ASP D 1188 -13.47 -8.91 39.29
N GLY D 1189 -12.75 -8.84 38.18
CA GLY D 1189 -13.29 -8.28 36.96
C GLY D 1189 -12.86 -9.08 35.74
N SER D 1190 -12.99 -8.49 34.56
CA SER D 1190 -12.54 -9.14 33.32
C SER D 1190 -11.55 -8.23 32.62
N ILE D 1191 -10.48 -8.83 32.07
CA ILE D 1191 -9.45 -8.07 31.39
C ILE D 1191 -9.03 -8.81 30.13
N LEU D 1192 -8.84 -8.05 29.05
CA LEU D 1192 -8.24 -8.56 27.82
C LEU D 1192 -7.08 -7.66 27.45
N VAL D 1193 -5.90 -8.25 27.27
CA VAL D 1193 -4.69 -7.50 26.97
C VAL D 1193 -4.09 -8.05 25.69
N ASN D 1194 -3.80 -7.16 24.74
CA ASN D 1194 -3.16 -7.52 23.49
C ASN D 1194 -1.92 -6.67 23.31
N SER D 1195 -0.75 -7.31 23.30
CA SER D 1195 0.52 -6.61 23.19
C SER D 1195 1.16 -6.98 21.86
N LEU D 1196 1.52 -5.95 21.08
CA LEU D 1196 2.18 -6.12 19.80
C LEU D 1196 3.55 -5.47 19.88
N VAL D 1197 4.57 -6.20 19.44
CA VAL D 1197 5.97 -5.82 19.62
C VAL D 1197 6.68 -5.99 18.29
N HIS D 1198 7.09 -4.88 17.67
CA HIS D 1198 7.86 -5.01 16.43
C HIS D 1198 9.34 -5.20 16.72
N SER D 1199 10.03 -4.12 17.11
CA SER D 1199 11.39 -4.22 17.62
C SER D 1199 11.55 -3.52 18.96
N ASP D 1200 11.14 -2.25 19.05
CA ASP D 1200 11.14 -1.51 20.29
C ASP D 1200 9.80 -0.80 20.42
N ASP D 1201 9.17 -0.51 19.28
CA ASP D 1201 7.86 0.10 19.28
C ASP D 1201 6.83 -0.92 19.75
N ASN D 1202 6.09 -0.57 20.79
CA ASN D 1202 5.16 -1.48 21.44
C ASN D 1202 3.79 -0.86 21.47
N GLN D 1203 2.77 -1.67 21.18
CA GLN D 1203 1.38 -1.25 21.24
C GLN D 1203 0.66 -2.20 22.18
N THR D 1204 0.21 -1.69 23.32
CA THR D 1204 -0.44 -2.52 24.34
C THR D 1204 -1.86 -2.03 24.54
N SER D 1205 -2.82 -2.88 24.20
CA SER D 1205 -4.24 -2.55 24.32
C SER D 1205 -4.83 -3.29 25.53
N ILE D 1206 -5.50 -2.54 26.40
CA ILE D 1206 -6.08 -3.07 27.62
C ILE D 1206 -7.58 -2.81 27.59
N THR D 1207 -8.37 -3.82 27.93
CA THR D 1207 -9.81 -3.68 28.07
C THR D 1207 -10.20 -4.28 29.41
N ILE D 1208 -10.64 -3.43 30.34
CA ILE D 1208 -10.90 -3.83 31.72
C ILE D 1208 -12.35 -3.50 32.04
N VAL D 1209 -13.12 -4.51 32.45
CA VAL D 1209 -14.48 -4.34 32.92
C VAL D 1209 -14.52 -4.69 34.40
N GLN D 1210 -14.91 -3.73 35.22
CA GLN D 1210 -14.93 -3.94 36.67
C GLN D 1210 -15.80 -2.87 37.31
N ASP D 1211 -16.04 -3.00 38.62
CA ASP D 1211 -16.94 -2.05 39.33
C ASP D 1211 -16.39 -1.73 40.73
N LYS D 1212 -15.08 -1.81 40.95
CA LYS D 1212 -14.56 -1.61 42.30
C LYS D 1212 -14.20 -0.15 42.55
N MET D 1213 -13.33 0.44 41.71
CA MET D 1213 -12.92 1.81 41.88
C MET D 1213 -12.94 2.52 40.52
N GLU D 1214 -12.66 3.81 40.55
CA GLU D 1214 -12.70 4.64 39.36
C GLU D 1214 -11.56 4.28 38.40
N ASN D 1215 -11.73 4.69 37.15
CA ASN D 1215 -10.79 4.31 36.10
C ASN D 1215 -9.43 4.95 36.29
N ASP D 1216 -9.36 6.10 36.98
CA ASP D 1216 -8.10 6.82 37.10
C ASP D 1216 -7.07 6.00 37.86
N LYS D 1217 -7.48 5.35 38.95
CA LYS D 1217 -6.55 4.52 39.71
C LYS D 1217 -6.05 3.35 38.86
N ILE D 1218 -6.95 2.74 38.08
CA ILE D 1218 -6.56 1.64 37.22
C ILE D 1218 -5.54 2.09 36.18
N ILE D 1219 -5.78 3.26 35.56
CA ILE D 1219 -4.86 3.76 34.55
C ILE D 1219 -3.50 4.07 35.16
N ASP D 1220 -3.48 4.71 36.33
CA ASP D 1220 -2.22 5.02 36.98
C ASP D 1220 -1.45 3.75 37.32
N PHE D 1221 -2.14 2.75 37.88
CA PHE D 1221 -1.49 1.49 38.20
C PHE D 1221 -0.96 0.81 36.94
N ALA D 1222 -1.75 0.82 35.87
CA ALA D 1222 -1.33 0.18 34.63
C ALA D 1222 -0.07 0.83 34.09
N MET D 1223 -0.03 2.17 34.06
CA MET D 1223 1.16 2.85 33.56
C MET D 1223 2.37 2.60 34.45
N LYS D 1224 2.19 2.68 35.78
CA LYS D 1224 3.31 2.47 36.68
C LYS D 1224 3.89 1.07 36.52
N GLU D 1225 3.01 0.06 36.46
CA GLU D 1225 3.51 -1.31 36.34
C GLU D 1225 4.01 -1.60 34.93
N PHE D 1226 3.51 -0.90 33.92
CA PHE D 1226 4.08 -1.02 32.58
C PHE D 1226 5.53 -0.53 32.57
N GLU D 1227 5.77 0.63 33.17
CA GLU D 1227 7.15 1.13 33.29
C GLU D 1227 8.01 0.16 34.09
N ARG D 1228 7.46 -0.36 35.19
CA ARG D 1228 8.23 -1.28 36.03
C ARG D 1228 8.59 -2.55 35.27
N ALA D 1229 7.64 -3.13 34.56
CA ALA D 1229 7.91 -4.35 33.80
C ALA D 1229 8.88 -4.09 32.66
N CYS D 1230 8.74 -2.95 31.98
CA CYS D 1230 9.68 -2.62 30.90
C CYS D 1230 11.08 -2.46 31.45
N LEU D 1231 11.23 -1.86 32.62
CA LEU D 1231 12.54 -1.73 33.24
C LEU D 1231 13.03 -3.06 33.82
N THR D 1232 12.12 -4.00 34.07
CA THR D 1232 12.53 -5.29 34.64
C THR D 1232 13.44 -6.05 33.69
N PHE D 1233 13.12 -6.07 32.39
CA PHE D 1233 13.87 -6.83 31.41
C PHE D 1233 15.02 -6.05 30.80
N GLY D 1234 15.44 -4.95 31.44
CA GLY D 1234 16.53 -4.15 30.94
C GLY D 1234 16.15 -3.12 29.90
N CYS D 1235 14.90 -3.09 29.47
CA CYS D 1235 14.44 -2.06 28.55
C CYS D 1235 14.14 -0.78 29.32
N GLN D 1236 13.85 0.28 28.57
CA GLN D 1236 13.55 1.57 29.19
C GLN D 1236 12.52 2.29 28.32
N ALA D 1237 11.29 2.37 28.80
CA ALA D 1237 10.23 3.03 28.06
C ALA D 1237 10.51 4.52 27.93
N ASN D 1238 10.44 5.04 26.70
CA ASN D 1238 10.63 6.46 26.44
C ASN D 1238 9.36 7.18 26.86
N MET D 1239 9.30 7.53 28.15
CA MET D 1239 8.11 8.21 28.67
C MET D 1239 7.85 9.53 27.97
N LYS D 1240 8.87 10.13 27.36
CA LYS D 1240 8.68 11.36 26.61
C LYS D 1240 7.80 11.11 25.38
N LYS D 1241 7.98 9.98 24.72
CA LYS D 1241 7.24 9.65 23.51
C LYS D 1241 6.16 8.61 23.73
N THR D 1242 6.13 7.97 24.90
CA THR D 1242 5.10 6.99 25.22
C THR D 1242 3.85 7.71 25.70
N TYR D 1243 2.70 7.34 25.13
CA TYR D 1243 1.46 8.01 25.49
C TYR D 1243 0.32 6.99 25.56
N VAL D 1244 -0.80 7.47 26.11
CA VAL D 1244 -1.98 6.66 26.37
C VAL D 1244 -3.17 7.34 25.71
N THR D 1245 -3.96 6.56 24.98
CA THR D 1245 -5.11 7.09 24.27
C THR D 1245 -6.31 6.18 24.50
N ASN D 1246 -7.50 6.78 24.55
CA ASN D 1246 -8.72 6.00 24.70
C ASN D 1246 -8.93 5.06 23.52
N CYS D 1247 -8.72 5.55 22.31
CA CYS D 1247 -9.06 4.76 21.13
C CYS D 1247 -7.92 4.65 20.12
N ILE D 1248 -7.15 5.71 19.92
CA ILE D 1248 -6.21 5.76 18.81
C ILE D 1248 -4.99 4.90 19.12
N LYS D 1249 -4.69 3.94 18.24
CA LYS D 1249 -3.54 3.02 18.44
C LYS D 1249 -2.53 3.22 17.30
N GLU D 1250 -1.51 4.05 17.52
CA GLU D 1250 -0.45 4.22 16.49
C GLU D 1250 0.62 3.14 16.69
N PHE D 1251 0.94 2.41 15.63
CA PHE D 1251 1.98 1.35 15.70
C PHE D 1251 2.78 1.37 14.39
N VAL D 1252 4.10 1.57 14.45
CA VAL D 1252 4.97 1.66 13.23
C VAL D 1252 4.28 2.44 12.09
N SER D 1253 3.84 3.68 12.37
CA SER D 1253 3.20 4.57 11.36
C SER D 1253 1.91 3.97 10.77
N LEU D 1254 1.20 3.13 11.54
CA LEU D 1254 -0.10 2.57 11.08
C LEU D 1254 -1.12 2.83 12.19
N PHE D 1255 -2.28 3.41 11.86
CA PHE D 1255 -3.25 3.80 12.92
C PHE D 1255 -4.49 2.91 12.90
N ASN D 1256 -5.15 2.79 14.06
CA ASN D 1256 -6.45 2.06 14.13
C ASN D 1256 -7.32 2.92 15.03
N LEU D 1257 -8.10 3.85 14.46
CA LEU D 1257 -8.84 4.81 15.26
C LEU D 1257 -9.76 4.10 16.24
N TYR D 1258 -10.75 3.38 15.72
CA TYR D 1258 -11.54 2.46 16.54
C TYR D 1258 -11.99 1.33 15.62
N GLY D 1259 -11.17 0.27 15.57
CA GLY D 1259 -11.41 -0.80 14.62
C GLY D 1259 -11.20 -0.44 13.18
N GLU D 1260 -11.05 0.85 12.86
CA GLU D 1260 -10.95 1.31 11.48
C GLU D 1260 -9.49 1.56 11.16
N PRO D 1261 -8.91 0.82 10.21
CA PRO D 1261 -7.51 1.07 9.84
C PRO D 1261 -7.36 2.43 9.18
N PHE D 1262 -6.16 3.00 9.33
CA PHE D 1262 -5.90 4.32 8.78
C PHE D 1262 -4.39 4.48 8.62
N SER D 1263 -4.01 5.23 7.59
CA SER D 1263 -2.62 5.51 7.33
C SER D 1263 -2.50 6.90 6.72
N ILE D 1264 -1.35 7.52 6.92
CA ILE D 1264 -1.09 8.83 6.33
C ILE D 1264 -0.58 8.59 4.91
N TYR D 1265 -1.50 8.50 3.95
CA TYR D 1265 -1.12 8.23 2.58
C TYR D 1265 -0.42 9.41 1.92
N GLY D 1266 -0.36 10.56 2.58
CA GLY D 1266 0.27 11.72 1.98
C GLY D 1266 1.74 11.53 1.69
N ARG D 1267 2.41 10.63 2.41
CA ARG D 1267 3.83 10.40 2.17
C ARG D 1267 4.07 9.82 0.78
N PHE D 1268 3.28 8.81 0.41
CA PHE D 1268 3.42 8.23 -0.92
C PHE D 1268 3.00 9.21 -2.00
N LEU D 1269 2.03 10.08 -1.71
CA LEU D 1269 1.67 11.12 -2.65
C LEU D 1269 2.83 12.09 -2.87
N LEU D 1270 3.52 12.47 -1.79
CA LEU D 1270 4.62 13.41 -1.91
C LEU D 1270 5.85 12.78 -2.56
N THR D 1271 6.01 11.47 -2.43
CA THR D 1271 7.13 10.80 -3.08
C THR D 1271 6.88 10.50 -4.56
N SER D 1272 5.91 11.17 -5.18
CA SER D 1272 5.67 10.97 -6.60
C SER D 1272 6.73 11.63 -7.47
N VAL D 1273 7.37 12.68 -6.95
CA VAL D 1273 8.41 13.39 -7.71
C VAL D 1273 9.78 13.07 -7.13
N GLY D 1274 9.92 11.90 -6.52
CA GLY D 1274 11.19 11.49 -5.97
C GLY D 1274 12.17 11.10 -7.07
N ASP D 1275 13.33 10.63 -6.62
CA ASP D 1275 14.37 10.21 -7.55
C ASP D 1275 13.93 8.95 -8.30
N CYS D 1276 14.64 8.67 -9.40
CA CYS D 1276 14.33 7.51 -10.23
C CYS D 1276 15.61 7.10 -10.94
N ALA D 1277 15.48 6.16 -11.88
CA ALA D 1277 16.65 5.64 -12.58
C ALA D 1277 17.18 6.61 -13.62
N TYR D 1278 16.31 7.43 -14.22
CA TYR D 1278 16.65 8.38 -15.27
C TYR D 1278 17.21 7.70 -16.52
N ILE D 1279 16.93 6.40 -16.70
CA ILE D 1279 17.37 5.72 -17.90
C ILE D 1279 16.56 6.19 -19.11
N GLY D 1280 15.26 6.38 -18.93
CA GLY D 1280 14.38 6.81 -19.99
C GLY D 1280 13.01 7.18 -19.47
N PRO D 1281 12.18 7.78 -20.33
CA PRO D 1281 10.88 8.28 -19.85
C PRO D 1281 9.97 7.20 -19.30
N TYR D 1282 9.87 6.08 -20.00
CA TYR D 1282 8.85 5.08 -19.65
C TYR D 1282 9.10 4.48 -18.28
N GLU D 1283 10.34 4.10 -17.98
CA GLU D 1283 10.59 3.41 -16.71
C GLU D 1283 10.51 4.38 -15.54
N ASP D 1284 10.82 5.66 -15.77
CA ASP D 1284 10.64 6.64 -14.70
C ASP D 1284 9.16 6.89 -14.43
N LEU D 1285 8.36 6.99 -15.49
CA LEU D 1285 6.92 7.04 -15.31
C LEU D 1285 6.43 5.82 -14.54
N ALA D 1286 6.99 4.65 -14.84
CA ALA D 1286 6.62 3.44 -14.12
C ALA D 1286 6.98 3.54 -12.64
N SER D 1287 8.19 4.02 -12.35
CA SER D 1287 8.65 4.10 -10.97
C SER D 1287 7.79 5.05 -10.16
N ARG D 1288 7.29 6.12 -10.77
CA ARG D 1288 6.43 7.04 -10.04
C ARG D 1288 4.99 6.55 -9.96
N ILE D 1289 4.50 5.87 -10.99
CA ILE D 1289 3.18 5.25 -10.90
C ILE D 1289 3.18 4.17 -9.83
N SER D 1290 4.36 3.65 -9.52
CA SER D 1290 4.49 2.67 -8.45
C SER D 1290 4.10 3.34 -7.13
N SER D 1291 4.65 4.53 -6.89
CA SER D 1291 4.32 5.28 -5.68
C SER D 1291 2.85 5.69 -5.67
N ALA D 1292 2.31 6.04 -6.84
CA ALA D 1292 0.89 6.37 -6.91
C ALA D 1292 0.02 5.18 -6.49
N GLN D 1293 0.39 4.00 -6.97
CA GLN D 1293 -0.33 2.78 -6.63
C GLN D 1293 -0.24 2.54 -5.12
N THR D 1294 0.97 2.67 -4.57
CA THR D 1294 1.17 2.47 -3.14
C THR D 1294 0.32 3.43 -2.32
N ALA D 1295 0.21 4.68 -2.79
CA ALA D 1295 -0.67 5.63 -2.12
C ALA D 1295 -2.12 5.18 -2.19
N ILE D 1296 -2.53 4.64 -3.34
CA ILE D 1296 -3.90 4.15 -3.47
C ILE D 1296 -4.15 3.01 -2.48
N LYS D 1297 -3.14 2.15 -2.28
CA LYS D 1297 -3.32 1.00 -1.42
C LYS D 1297 -3.52 1.37 0.04
N HIS D 1298 -3.17 2.59 0.43
CA HIS D 1298 -3.28 3.02 1.82
C HIS D 1298 -4.54 3.81 2.10
N GLY D 1299 -5.44 3.93 1.13
CA GLY D 1299 -6.69 4.63 1.33
C GLY D 1299 -6.80 6.00 0.70
N CYS D 1300 -5.90 6.35 -0.22
CA CYS D 1300 -5.95 7.65 -0.85
C CYS D 1300 -7.22 7.78 -1.69
N PRO D 1301 -7.90 8.92 -1.65
CA PRO D 1301 -9.09 9.09 -2.48
C PRO D 1301 -8.74 9.09 -3.95
N PRO D 1302 -9.67 8.67 -4.81
CA PRO D 1302 -9.35 8.58 -6.25
C PRO D 1302 -8.88 9.89 -6.88
N SER D 1303 -9.48 11.02 -6.51
CA SER D 1303 -9.09 12.29 -7.13
C SER D 1303 -7.64 12.64 -6.79
N LEU D 1304 -7.24 12.45 -5.54
CA LEU D 1304 -5.85 12.68 -5.17
C LEU D 1304 -4.92 11.69 -5.88
N ALA D 1305 -5.41 10.46 -6.12
CA ALA D 1305 -4.61 9.51 -6.89
C ALA D 1305 -4.38 10.01 -8.31
N TRP D 1306 -5.42 10.55 -8.95
CA TRP D 1306 -5.22 11.15 -10.26
C TRP D 1306 -4.27 12.32 -10.19
N VAL D 1307 -4.36 13.12 -9.13
CA VAL D 1307 -3.45 14.26 -8.99
C VAL D 1307 -2.01 13.78 -8.92
N SER D 1308 -1.76 12.74 -8.13
CA SER D 1308 -0.41 12.20 -8.03
C SER D 1308 0.08 11.64 -9.35
N ILE D 1309 -0.80 10.93 -10.08
CA ILE D 1309 -0.43 10.39 -11.38
C ILE D 1309 -0.09 11.51 -12.35
N ALA D 1310 -0.89 12.57 -12.34
CA ALA D 1310 -0.63 13.71 -13.21
C ALA D 1310 0.69 14.39 -12.85
N ILE D 1311 0.97 14.53 -11.56
CA ILE D 1311 2.23 15.12 -11.14
C ILE D 1311 3.40 14.26 -11.61
N SER D 1312 3.27 12.94 -11.49
CA SER D 1312 4.32 12.05 -11.97
C SER D 1312 4.54 12.21 -13.48
N HIS D 1313 3.44 12.28 -14.24
CA HIS D 1313 3.56 12.48 -15.68
C HIS D 1313 4.23 13.80 -16.00
N TRP D 1314 3.86 14.86 -15.27
CA TRP D 1314 4.46 16.17 -15.50
C TRP D 1314 5.95 16.15 -15.20
N MET D 1315 6.35 15.49 -14.11
CA MET D 1315 7.76 15.41 -13.78
C MET D 1315 8.53 14.64 -14.83
N THR D 1316 7.99 13.50 -15.29
CA THR D 1316 8.67 12.72 -16.31
C THR D 1316 8.79 13.52 -17.61
N SER D 1317 7.73 14.24 -17.99
CA SER D 1317 7.77 15.05 -19.19
C SER D 1317 8.81 16.17 -19.06
N LEU D 1318 8.86 16.82 -17.90
CA LEU D 1318 9.83 17.89 -17.70
C LEU D 1318 11.25 17.37 -17.69
N THR D 1319 11.45 16.11 -17.31
CA THR D 1319 12.79 15.55 -17.31
C THR D 1319 13.38 15.51 -18.71
N TYR D 1320 12.58 15.17 -19.72
CA TYR D 1320 13.07 15.01 -21.08
C TYR D 1320 12.48 16.04 -22.04
N ASN D 1321 12.02 17.18 -21.53
CA ASN D 1321 11.53 18.29 -22.35
C ASN D 1321 10.40 17.85 -23.27
N MET D 1322 9.38 17.24 -22.67
CA MET D 1322 8.25 16.68 -23.42
C MET D 1322 6.94 17.41 -23.12
N LEU D 1323 7.00 18.58 -22.49
CA LEU D 1323 5.80 19.32 -22.18
C LEU D 1323 5.14 19.78 -23.49
N PRO D 1324 3.82 20.00 -23.48
CA PRO D 1324 3.14 20.44 -24.69
C PRO D 1324 3.75 21.72 -25.24
N GLY D 1325 4.02 21.73 -26.54
CA GLY D 1325 4.64 22.85 -27.21
C GLY D 1325 6.16 22.83 -27.18
N GLN D 1326 6.76 22.00 -26.35
CA GLN D 1326 8.21 21.93 -26.28
C GLN D 1326 8.77 21.16 -27.47
N SER D 1327 10.09 20.99 -27.48
CA SER D 1327 10.75 20.41 -28.65
C SER D 1327 10.41 18.94 -28.82
N ASN D 1328 10.52 18.15 -27.76
CA ASN D 1328 10.29 16.72 -27.83
C ASN D 1328 8.83 16.34 -27.63
N ASP D 1329 7.91 17.28 -27.80
CA ASP D 1329 6.49 16.98 -27.66
C ASP D 1329 6.03 16.21 -28.90
N PRO D 1330 5.56 14.97 -28.75
CA PRO D 1330 5.24 14.14 -29.91
C PRO D 1330 3.79 14.17 -30.37
N ILE D 1331 2.96 15.07 -29.85
CA ILE D 1331 1.55 15.07 -30.24
C ILE D 1331 1.39 15.40 -31.71
N ASP D 1332 2.24 16.28 -32.25
CA ASP D 1332 2.12 16.66 -33.66
C ASP D 1332 2.49 15.51 -34.58
N TYR D 1333 3.45 14.68 -34.18
CA TYR D 1333 3.96 13.63 -35.04
C TYR D 1333 3.12 12.37 -35.04
N PHE D 1334 2.06 12.30 -34.25
CA PHE D 1334 1.20 11.13 -34.19
C PHE D 1334 -0.25 11.51 -34.44
N PRO D 1335 -1.05 10.60 -34.99
CA PRO D 1335 -2.46 10.94 -35.27
C PRO D 1335 -3.32 10.85 -34.01
N ALA D 1336 -3.13 11.84 -33.14
CA ALA D 1336 -3.80 11.85 -31.84
C ALA D 1336 -4.39 13.23 -31.59
N GLU D 1337 -5.64 13.26 -31.12
CA GLU D 1337 -6.25 14.51 -30.71
C GLU D 1337 -5.52 15.11 -29.51
N ASN D 1338 -5.12 14.26 -28.58
CA ASN D 1338 -4.38 14.68 -27.40
C ASN D 1338 -3.42 13.57 -27.00
N ARG D 1339 -2.62 13.84 -25.97
CA ARG D 1339 -1.58 12.90 -25.55
C ARG D 1339 -2.14 11.60 -24.98
N LYS D 1340 -3.44 11.53 -24.70
CA LYS D 1340 -4.02 10.29 -24.19
C LYS D 1340 -3.92 9.16 -25.21
N ASP D 1341 -4.03 9.48 -26.49
CA ASP D 1341 -4.05 8.45 -27.52
C ASP D 1341 -2.68 7.82 -27.75
N ILE D 1342 -1.61 8.56 -27.49
CA ILE D 1342 -0.26 8.03 -27.72
C ILE D 1342 0.03 6.96 -26.68
N PRO D 1343 0.61 5.83 -27.07
CA PRO D 1343 0.92 4.78 -26.08
C PRO D 1343 1.95 5.23 -25.06
N ILE D 1344 1.98 4.52 -23.94
CA ILE D 1344 2.86 4.89 -22.84
C ILE D 1344 4.32 4.81 -23.27
N GLU D 1345 4.70 3.74 -23.97
CA GLU D 1345 6.07 3.57 -24.39
C GLU D 1345 6.50 4.60 -25.42
N LEU D 1346 5.55 5.31 -26.03
CA LEU D 1346 5.85 6.40 -26.96
C LEU D 1346 5.61 7.76 -26.33
N ASN D 1347 6.02 7.89 -25.07
CA ASN D 1347 5.86 9.15 -24.33
C ASN D 1347 4.44 9.69 -24.29
N GLY D 1348 3.46 8.78 -24.13
CA GLY D 1348 2.08 9.15 -23.92
C GLY D 1348 1.77 9.37 -22.45
N VAL D 1349 0.48 9.35 -22.13
CA VAL D 1349 0.02 9.49 -20.76
C VAL D 1349 -0.95 8.36 -20.45
N LEU D 1350 -1.00 7.99 -19.17
CA LEU D 1350 -1.84 6.88 -18.75
C LEU D 1350 -3.32 7.23 -18.88
N ASP D 1351 -4.14 6.23 -19.17
CA ASP D 1351 -5.59 6.45 -19.34
C ASP D 1351 -6.36 5.15 -19.10
N ALA D 1352 -6.85 4.99 -17.87
CA ALA D 1352 -7.57 3.79 -17.46
C ALA D 1352 -8.23 4.06 -16.11
N PRO D 1353 -9.31 3.37 -15.78
CA PRO D 1353 -9.90 3.49 -14.45
C PRO D 1353 -8.94 3.01 -13.37
N LEU D 1354 -9.22 3.42 -12.13
CA LEU D 1354 -8.26 3.22 -11.05
C LEU D 1354 -7.97 1.75 -10.81
N SER D 1355 -9.00 0.91 -10.83
CA SER D 1355 -8.80 -0.52 -10.63
C SER D 1355 -7.82 -1.08 -11.66
N MET D 1356 -7.85 -0.54 -12.87
CA MET D 1356 -6.94 -0.99 -13.91
C MET D 1356 -5.49 -0.78 -13.50
N ILE D 1357 -5.15 0.44 -13.10
CA ILE D 1357 -3.77 0.73 -12.69
C ILE D 1357 -3.41 -0.04 -11.44
N SER D 1358 -4.31 -0.07 -10.46
CA SER D 1358 -3.99 -0.68 -9.17
C SER D 1358 -3.87 -2.20 -9.26
N THR D 1359 -4.46 -2.83 -10.28
CA THR D 1359 -4.45 -4.29 -10.39
C THR D 1359 -3.38 -4.80 -11.33
N VAL D 1360 -3.41 -4.36 -12.59
CA VAL D 1360 -2.52 -4.96 -13.59
C VAL D 1360 -1.16 -4.27 -13.68
N GLY D 1361 -1.04 -3.04 -13.19
CA GLY D 1361 0.26 -2.40 -13.13
C GLY D 1361 0.84 -1.98 -14.47
N LEU D 1362 0.24 -0.96 -15.09
CA LEU D 1362 0.65 -0.30 -16.32
C LEU D 1362 0.36 -1.09 -17.58
N GLU D 1363 -0.14 -2.33 -17.46
CA GLU D 1363 -0.79 -2.93 -18.61
C GLU D 1363 -2.15 -2.32 -18.87
N SER D 1364 -2.58 -1.42 -17.97
CA SER D 1364 -3.91 -0.83 -18.06
C SER D 1364 -4.08 0.01 -19.31
N GLY D 1365 -3.01 0.58 -19.85
CA GLY D 1365 -3.14 1.39 -21.05
C GLY D 1365 -3.60 0.59 -22.25
N ASN D 1366 -2.81 -0.41 -22.62
CA ASN D 1366 -3.17 -1.26 -23.75
C ASN D 1366 -4.48 -1.99 -23.48
N LEU D 1367 -4.66 -2.49 -22.25
CA LEU D 1367 -5.87 -3.22 -21.92
C LEU D 1367 -7.11 -2.34 -22.09
N TYR D 1368 -7.07 -1.11 -21.55
CA TYR D 1368 -8.20 -0.21 -21.67
C TYR D 1368 -8.44 0.18 -23.12
N PHE D 1369 -7.37 0.37 -23.89
CA PHE D 1369 -7.53 0.64 -25.31
C PHE D 1369 -8.28 -0.49 -26.01
N LEU D 1370 -7.92 -1.74 -25.69
CA LEU D 1370 -8.57 -2.88 -26.33
C LEU D 1370 -10.02 -3.03 -25.87
N ILE D 1371 -10.30 -2.71 -24.59
CA ILE D 1371 -11.70 -2.72 -24.15
C ILE D 1371 -12.50 -1.64 -24.85
N LYS D 1372 -11.92 -0.47 -25.06
CA LYS D 1372 -12.61 0.56 -25.83
C LYS D 1372 -12.89 0.09 -27.25
N LEU D 1373 -11.91 -0.58 -27.88
CA LEU D 1373 -12.12 -1.12 -29.21
C LEU D 1373 -13.25 -2.14 -29.22
N LEU D 1374 -13.26 -3.05 -28.25
CA LEU D 1374 -14.31 -4.06 -28.18
C LEU D 1374 -15.67 -3.42 -28.01
N SER D 1375 -15.78 -2.44 -27.10
CA SER D 1375 -17.06 -1.80 -26.87
C SER D 1375 -17.53 -1.04 -28.11
N LYS D 1376 -16.62 -0.42 -28.84
CA LYS D 1376 -17.00 0.38 -29.99
C LYS D 1376 -17.33 -0.45 -31.22
N TYR D 1377 -16.67 -1.59 -31.44
CA TYR D 1377 -16.77 -2.28 -32.72
C TYR D 1377 -17.47 -3.63 -32.67
N THR D 1378 -17.68 -4.23 -31.50
CA THR D 1378 -18.35 -5.52 -31.45
C THR D 1378 -19.83 -5.36 -31.79
N PRO D 1379 -20.45 -6.40 -32.34
CA PRO D 1379 -21.87 -6.30 -32.70
C PRO D 1379 -22.75 -6.12 -31.48
N VAL D 1380 -23.95 -5.59 -31.74
CA VAL D 1380 -24.87 -5.27 -30.65
C VAL D 1380 -25.30 -6.54 -29.92
N MET D 1381 -25.51 -7.63 -30.65
CA MET D 1381 -25.96 -8.87 -30.03
C MET D 1381 -24.93 -9.40 -29.03
N GLN D 1382 -23.65 -9.27 -29.36
CA GLN D 1382 -22.57 -9.73 -28.49
C GLN D 1382 -21.93 -8.58 -27.72
N LYS D 1383 -22.55 -7.40 -27.73
CA LYS D 1383 -21.94 -6.23 -27.09
C LYS D 1383 -21.76 -6.43 -25.59
N ARG D 1384 -22.82 -6.96 -24.98
CA ARG D 1384 -22.91 -7.20 -23.54
C ARG D 1384 -22.60 -8.63 -23.10
N GLU D 1385 -21.93 -9.40 -23.96
CA GLU D 1385 -21.50 -10.74 -23.61
C GLU D 1385 -20.15 -10.68 -22.89
N SER D 1386 -19.62 -11.86 -22.56
CA SER D 1386 -18.33 -11.92 -21.88
C SER D 1386 -17.22 -11.52 -22.84
N VAL D 1387 -16.03 -11.30 -22.27
CA VAL D 1387 -14.89 -10.87 -23.07
C VAL D 1387 -14.48 -11.96 -24.06
N VAL D 1388 -14.62 -13.23 -23.68
CA VAL D 1388 -14.21 -14.32 -24.56
C VAL D 1388 -15.05 -14.34 -25.83
N ASN D 1389 -16.37 -14.17 -25.69
CA ASN D 1389 -17.23 -14.21 -26.86
C ASN D 1389 -16.92 -13.08 -27.82
N GLN D 1390 -16.70 -11.89 -27.29
CA GLN D 1390 -16.37 -10.72 -28.11
C GLN D 1390 -15.01 -10.86 -28.77
N ILE D 1391 -14.03 -11.37 -28.03
CA ILE D 1391 -12.68 -11.55 -28.55
C ILE D 1391 -12.64 -12.69 -29.56
N ALA D 1392 -13.63 -13.57 -29.55
CA ALA D 1392 -13.73 -14.56 -30.61
C ALA D 1392 -14.46 -14.00 -31.83
N GLU D 1393 -15.48 -13.17 -31.61
CA GLU D 1393 -16.25 -12.58 -32.69
C GLU D 1393 -15.51 -11.44 -33.39
N VAL D 1394 -14.39 -10.99 -32.84
CA VAL D 1394 -13.61 -9.88 -33.40
C VAL D 1394 -13.27 -10.11 -34.86
N LYS D 1395 -13.27 -11.37 -35.30
CA LYS D 1395 -12.86 -11.69 -36.67
C LYS D 1395 -13.80 -11.10 -37.71
N ASN D 1396 -14.97 -10.65 -37.26
CA ASN D 1396 -15.98 -10.08 -38.14
C ASN D 1396 -15.95 -8.56 -38.25
N TRP D 1397 -14.91 -7.94 -37.70
CA TRP D 1397 -14.77 -6.49 -37.79
C TRP D 1397 -14.43 -6.07 -39.22
N LYS D 1398 -14.79 -4.84 -39.56
CA LYS D 1398 -14.44 -4.24 -40.84
C LYS D 1398 -13.25 -3.32 -40.61
N VAL D 1399 -12.08 -3.71 -41.10
CA VAL D 1399 -10.86 -2.96 -40.84
C VAL D 1399 -10.93 -1.56 -41.44
N GLU D 1400 -11.72 -1.38 -42.50
CA GLU D 1400 -11.85 -0.07 -43.12
C GLU D 1400 -12.54 0.93 -42.22
N ASP D 1401 -13.27 0.45 -41.21
CA ASP D 1401 -14.02 1.36 -40.31
C ASP D 1401 -13.06 1.95 -39.27
N LEU D 1402 -12.05 1.19 -38.85
CA LEU D 1402 -11.13 1.66 -37.78
C LEU D 1402 -10.59 3.05 -38.10
N THR D 1403 -10.52 3.92 -37.09
CA THR D 1403 -9.97 5.30 -37.29
C THR D 1403 -8.45 5.23 -37.26
N ASP D 1404 -7.78 6.25 -37.81
CA ASP D 1404 -6.29 6.23 -37.90
C ASP D 1404 -5.67 5.96 -36.52
N ASN D 1405 -6.08 6.72 -35.50
CA ASN D 1405 -5.45 6.57 -34.17
C ASN D 1405 -5.45 5.08 -33.81
N GLU D 1406 -6.62 4.44 -33.87
CA GLU D 1406 -6.74 3.05 -33.51
C GLU D 1406 -5.83 2.20 -34.38
N ILE D 1407 -5.83 2.49 -35.69
CA ILE D 1407 -4.99 1.75 -36.63
C ILE D 1407 -3.52 1.86 -36.23
N PHE D 1408 -3.10 3.08 -35.89
CA PHE D 1408 -1.72 3.30 -35.47
C PHE D 1408 -1.38 2.52 -34.20
N ARG D 1409 -2.29 2.56 -33.21
CA ARG D 1409 -2.02 1.85 -31.96
C ARG D 1409 -1.98 0.35 -32.19
N LEU D 1410 -2.89 -0.18 -33.03
CA LEU D 1410 -2.88 -1.60 -33.33
C LEU D 1410 -1.62 -2.01 -34.06
N LYS D 1411 -1.15 -1.16 -34.98
CA LYS D 1411 0.12 -1.43 -35.65
C LYS D 1411 1.26 -1.48 -34.66
N ILE D 1412 1.30 -0.53 -33.72
CA ILE D 1412 2.36 -0.49 -32.72
C ILE D 1412 2.34 -1.76 -31.87
N LEU D 1413 1.14 -2.17 -31.45
CA LEU D 1413 1.03 -3.38 -30.64
C LEU D 1413 1.44 -4.62 -31.43
N ARG D 1414 1.02 -4.70 -32.69
CA ARG D 1414 1.25 -5.91 -33.47
C ARG D 1414 2.72 -6.06 -33.85
N TYR D 1415 3.39 -4.98 -34.21
CA TYR D 1415 4.74 -5.06 -34.74
C TYR D 1415 5.83 -4.60 -33.78
N LEU D 1416 5.63 -3.49 -33.07
CA LEU D 1416 6.66 -3.03 -32.15
C LEU D 1416 6.72 -3.89 -30.89
N VAL D 1417 5.57 -4.31 -30.37
CA VAL D 1417 5.53 -5.09 -29.14
C VAL D 1417 5.59 -6.58 -29.44
N LEU D 1418 4.70 -7.06 -30.30
CA LEU D 1418 4.65 -8.48 -30.62
C LEU D 1418 5.63 -8.82 -31.73
N ASP D 1419 5.70 -10.11 -32.07
CA ASP D 1419 6.55 -10.60 -33.14
C ASP D 1419 5.69 -11.04 -34.32
N ALA D 1420 6.15 -10.73 -35.52
CA ALA D 1420 5.34 -10.99 -36.72
C ALA D 1420 5.18 -12.48 -37.00
N GLU D 1421 6.05 -13.33 -36.46
CA GLU D 1421 5.98 -14.76 -36.79
C GLU D 1421 4.85 -15.48 -36.08
N MET D 1422 4.19 -14.85 -35.11
CA MET D 1422 3.12 -15.52 -34.39
C MET D 1422 1.86 -15.61 -35.25
N ASP D 1423 1.02 -16.57 -34.90
CA ASP D 1423 -0.13 -16.96 -35.71
C ASP D 1423 -1.39 -16.99 -34.85
N PRO D 1424 -2.55 -16.63 -35.44
CA PRO D 1424 -3.80 -16.67 -34.65
C PRO D 1424 -4.19 -18.07 -34.23
N SER D 1425 -3.64 -19.11 -34.84
CA SER D 1425 -3.99 -20.49 -34.52
C SER D 1425 -3.16 -21.07 -33.39
N ASP D 1426 -2.34 -20.25 -32.75
CA ASP D 1426 -1.49 -20.74 -31.66
C ASP D 1426 -2.32 -21.12 -30.43
N ILE D 1427 -1.86 -22.14 -29.71
CA ILE D 1427 -2.56 -22.61 -28.52
C ILE D 1427 -1.85 -22.24 -27.23
N MET D 1428 -0.56 -21.92 -27.28
CA MET D 1428 0.18 -21.42 -26.13
C MET D 1428 1.10 -20.30 -26.59
N GLY D 1429 1.12 -19.21 -25.83
CA GLY D 1429 1.91 -18.06 -26.22
C GLY D 1429 2.38 -17.26 -25.04
N GLU D 1430 3.39 -16.42 -25.29
CA GLU D 1430 3.98 -15.62 -24.24
C GLU D 1430 3.01 -14.53 -23.78
N THR D 1431 3.04 -14.24 -22.48
CA THR D 1431 2.18 -13.24 -21.88
C THR D 1431 2.92 -11.91 -21.79
N SER D 1432 2.16 -10.83 -21.61
CA SER D 1432 2.75 -9.49 -21.53
C SER D 1432 3.78 -9.39 -20.41
N ASP D 1433 3.64 -10.21 -19.36
CA ASP D 1433 4.62 -10.20 -18.29
C ASP D 1433 5.98 -10.68 -18.76
N MET D 1434 6.02 -11.52 -19.79
CA MET D 1434 7.26 -12.11 -20.27
C MET D 1434 7.87 -11.33 -21.42
N ARG D 1435 7.35 -10.15 -21.72
CA ARG D 1435 7.89 -9.34 -22.79
C ARG D 1435 8.13 -7.92 -22.30
N GLY D 1436 9.13 -7.25 -22.86
CA GLY D 1436 9.44 -5.89 -22.47
C GLY D 1436 8.48 -4.90 -23.09
N ARG D 1437 8.60 -3.65 -22.64
CA ARG D 1437 7.75 -2.57 -23.13
C ARG D 1437 8.51 -1.32 -23.56
N SER D 1438 9.68 -1.07 -22.97
CA SER D 1438 10.43 0.12 -23.34
C SER D 1438 10.84 0.06 -24.80
N ILE D 1439 10.73 1.20 -25.49
CA ILE D 1439 11.07 1.30 -26.90
C ILE D 1439 12.19 2.32 -27.12
N LEU D 1440 12.02 3.53 -26.60
CA LEU D 1440 12.99 4.61 -26.75
C LEU D 1440 13.79 4.72 -25.46
N THR D 1441 15.09 4.54 -25.55
CA THR D 1441 15.98 4.58 -24.39
C THR D 1441 17.29 5.27 -24.76
N PRO D 1442 17.57 6.44 -24.20
CA PRO D 1442 18.84 7.12 -24.51
C PRO D 1442 20.03 6.33 -24.00
N ARG D 1443 21.14 6.46 -24.72
CA ARG D 1443 22.40 5.83 -24.36
C ARG D 1443 23.41 6.91 -24.02
N LYS D 1444 24.04 6.79 -22.85
CA LYS D 1444 24.99 7.77 -22.35
C LYS D 1444 26.37 7.16 -22.28
N PHE D 1445 27.36 7.86 -22.82
CA PHE D 1445 28.74 7.39 -22.85
C PHE D 1445 29.38 7.71 -21.50
N THR D 1446 29.04 6.89 -20.51
CA THR D 1446 29.49 7.11 -19.15
C THR D 1446 30.92 6.57 -18.96
N THR D 1447 31.67 7.23 -18.08
CA THR D 1447 33.03 6.82 -17.77
C THR D 1447 33.04 5.51 -17.00
N ALA D 1448 34.18 4.83 -17.04
CA ALA D 1448 34.28 3.50 -16.43
C ALA D 1448 34.26 3.59 -14.90
N GLY D 1449 34.94 4.58 -14.33
CA GLY D 1449 35.03 4.70 -12.89
C GLY D 1449 36.32 4.13 -12.35
N SER D 1450 36.42 4.11 -11.01
CA SER D 1450 37.63 3.66 -10.36
C SER D 1450 37.73 2.13 -10.36
N LEU D 1451 36.80 1.47 -9.67
CA LEU D 1451 36.74 0.01 -9.59
C LEU D 1451 38.03 -0.62 -9.08
N ARG D 1452 38.91 0.16 -8.45
CA ARG D 1452 40.22 -0.35 -8.08
C ARG D 1452 40.15 -1.26 -6.85
N LYS D 1453 39.33 -0.90 -5.86
CA LYS D 1453 39.27 -1.67 -4.62
C LYS D 1453 38.63 -3.04 -4.81
N LEU D 1454 38.04 -3.31 -5.97
CA LEU D 1454 37.33 -4.56 -6.20
C LEU D 1454 38.31 -5.65 -6.60
N TYR D 1455 38.57 -6.58 -5.68
CA TYR D 1455 39.46 -7.70 -5.98
C TYR D 1455 38.91 -8.55 -7.12
N SER D 1456 37.61 -8.81 -7.11
CA SER D 1456 36.99 -9.57 -8.20
C SER D 1456 37.16 -8.84 -9.53
N PHE D 1457 37.11 -7.51 -9.52
CA PHE D 1457 37.35 -6.78 -10.75
C PHE D 1457 38.78 -6.95 -11.23
N SER D 1458 39.74 -6.99 -10.31
CA SER D 1458 41.12 -7.25 -10.70
C SER D 1458 41.27 -8.63 -11.32
N LYS D 1459 40.63 -9.64 -10.72
CA LYS D 1459 40.68 -10.98 -11.30
C LYS D 1459 40.01 -11.01 -12.68
N TYR D 1460 38.90 -10.29 -12.83
CA TYR D 1460 38.21 -10.24 -14.11
C TYR D 1460 39.08 -9.56 -15.17
N GLN D 1461 39.78 -8.49 -14.80
CA GLN D 1461 40.68 -7.83 -15.74
C GLN D 1461 41.83 -8.74 -16.13
N ASP D 1462 42.37 -9.49 -15.17
CA ASP D 1462 43.43 -10.43 -15.49
C ASP D 1462 42.93 -11.52 -16.44
N ARG D 1463 41.71 -12.01 -16.21
CA ARG D 1463 41.13 -12.99 -17.13
C ARG D 1463 40.92 -12.39 -18.52
N LEU D 1464 40.48 -11.14 -18.57
CA LEU D 1464 40.28 -10.47 -19.85
C LEU D 1464 41.59 -10.34 -20.61
N SER D 1465 42.66 -9.95 -19.91
CA SER D 1465 43.97 -9.91 -20.54
C SER D 1465 44.53 -11.30 -20.80
N SER D 1466 44.02 -12.32 -20.12
CA SER D 1466 44.49 -13.67 -20.34
C SER D 1466 44.08 -14.15 -21.73
N PRO D 1467 44.93 -14.97 -22.37
CA PRO D 1467 44.59 -15.45 -23.72
C PRO D 1467 43.51 -16.51 -23.70
N GLY D 1468 42.35 -16.17 -24.27
CA GLY D 1468 41.28 -17.14 -24.41
C GLY D 1468 40.49 -17.44 -23.16
N GLY D 1469 40.64 -16.65 -22.11
CA GLY D 1469 39.86 -16.89 -20.90
C GLY D 1469 38.38 -16.62 -21.09
N MET D 1470 38.05 -15.54 -21.81
CA MET D 1470 36.66 -15.15 -21.96
C MET D 1470 35.86 -16.19 -22.72
N VAL D 1471 36.43 -16.76 -23.78
CA VAL D 1471 35.70 -17.78 -24.54
C VAL D 1471 35.48 -19.02 -23.68
N GLU D 1472 36.44 -19.37 -22.83
CA GLU D 1472 36.25 -20.49 -21.91
C GLU D 1472 35.14 -20.20 -20.92
N LEU D 1473 35.10 -18.97 -20.38
CA LEU D 1473 34.03 -18.61 -19.46
C LEU D 1473 32.67 -18.66 -20.14
N PHE D 1474 32.60 -18.16 -21.38
CA PHE D 1474 31.35 -18.19 -22.12
C PHE D 1474 30.91 -19.62 -22.41
N THR D 1475 31.86 -20.49 -22.75
CA THR D 1475 31.54 -21.89 -22.97
C THR D 1475 31.02 -22.53 -21.69
N TYR D 1476 31.64 -22.21 -20.56
CA TYR D 1476 31.15 -22.73 -19.29
C TYR D 1476 29.73 -22.25 -19.00
N LEU D 1477 29.46 -20.98 -19.27
CA LEU D 1477 28.11 -20.45 -19.06
C LEU D 1477 27.09 -21.13 -19.97
N LEU D 1478 27.47 -21.38 -21.23
CA LEU D 1478 26.59 -22.13 -22.13
C LEU D 1478 26.38 -23.55 -21.63
N GLU D 1479 27.39 -24.13 -20.98
CA GLU D 1479 27.26 -25.50 -20.49
C GLU D 1479 26.26 -25.59 -19.33
N LYS D 1480 26.15 -24.53 -18.52
CA LYS D 1480 25.13 -24.42 -17.48
C LYS D 1480 24.42 -23.08 -17.63
N PRO D 1481 23.55 -22.95 -18.63
CA PRO D 1481 22.89 -21.65 -18.86
C PRO D 1481 21.98 -21.20 -17.73
N GLU D 1482 21.52 -22.13 -16.88
CA GLU D 1482 20.61 -21.75 -15.81
C GLU D 1482 21.24 -20.79 -14.80
N LEU D 1483 22.58 -20.75 -14.75
CA LEU D 1483 23.25 -19.78 -13.89
C LEU D 1483 22.99 -18.35 -14.32
N LEU D 1484 22.61 -18.15 -15.59
CA LEU D 1484 22.40 -16.79 -16.09
C LEU D 1484 21.24 -16.10 -15.40
N VAL D 1485 20.19 -16.85 -15.06
CA VAL D 1485 19.01 -16.26 -14.42
C VAL D 1485 18.76 -16.79 -13.03
N THR D 1486 19.57 -17.71 -12.51
CA THR D 1486 19.39 -18.26 -11.19
C THR D 1486 20.69 -18.18 -10.41
N LYS D 1487 20.57 -18.14 -9.10
CA LYS D 1487 21.75 -18.12 -8.23
C LYS D 1487 22.49 -19.44 -8.32
N GLY D 1488 23.82 -19.36 -8.36
CA GLY D 1488 24.62 -20.56 -8.44
C GLY D 1488 24.65 -21.30 -7.12
N GLU D 1489 24.56 -22.62 -7.19
CA GLU D 1489 24.57 -23.46 -6.00
C GLU D 1489 25.96 -24.02 -5.68
N ASP D 1490 26.98 -23.63 -6.44
CA ASP D 1490 28.34 -24.11 -6.23
C ASP D 1490 29.30 -22.93 -6.19
N MET D 1491 30.43 -23.14 -5.51
CA MET D 1491 31.44 -22.10 -5.41
C MET D 1491 32.03 -21.75 -6.78
N LYS D 1492 32.29 -22.75 -7.61
CA LYS D 1492 32.78 -22.48 -8.97
C LYS D 1492 31.74 -21.73 -9.78
N ASP D 1493 30.48 -22.14 -9.68
CA ASP D 1493 29.41 -21.45 -10.40
C ASP D 1493 29.28 -20.01 -9.94
N TYR D 1494 29.36 -19.77 -8.64
CA TYR D 1494 29.28 -18.41 -8.13
C TYR D 1494 30.44 -17.56 -8.63
N MET D 1495 31.65 -18.10 -8.62
CA MET D 1495 32.79 -17.34 -9.13
C MET D 1495 32.61 -17.01 -10.62
N GLU D 1496 32.17 -17.99 -11.41
CA GLU D 1496 31.97 -17.74 -12.83
C GLU D 1496 30.90 -16.68 -13.05
N SER D 1497 29.80 -16.74 -12.29
CA SER D 1497 28.74 -15.76 -12.45
C SER D 1497 29.23 -14.36 -12.06
N VAL D 1498 29.98 -14.25 -10.98
CA VAL D 1498 30.49 -12.95 -10.54
C VAL D 1498 31.43 -12.38 -11.59
N ILE D 1499 32.32 -13.22 -12.13
CA ILE D 1499 33.24 -12.73 -13.16
C ILE D 1499 32.47 -12.29 -14.39
N PHE D 1500 31.46 -13.06 -14.80
CA PHE D 1500 30.70 -12.72 -15.99
C PHE D 1500 29.90 -11.44 -15.81
N ARG D 1501 29.45 -11.16 -14.58
CA ARG D 1501 28.62 -9.98 -14.35
C ARG D 1501 29.33 -8.69 -14.69
N TYR D 1502 30.67 -8.69 -14.75
CA TYR D 1502 31.39 -7.47 -15.07
C TYR D 1502 31.29 -7.09 -16.55
N ASN D 1503 30.87 -8.03 -17.41
CA ASN D 1503 30.76 -7.70 -18.83
C ASN D 1503 29.65 -6.70 -19.09
N SER D 1504 28.58 -6.76 -18.31
CA SER D 1504 27.49 -5.81 -18.47
C SER D 1504 27.92 -4.43 -17.97
N LYS D 1505 27.85 -3.43 -18.86
CA LYS D 1505 28.27 -2.09 -18.49
C LYS D 1505 27.35 -1.48 -17.44
N ARG D 1506 26.08 -1.90 -17.40
CA ARG D 1506 25.16 -1.38 -16.40
C ARG D 1506 25.61 -1.71 -14.99
N PHE D 1507 26.03 -2.96 -14.77
CA PHE D 1507 26.48 -3.35 -13.44
C PHE D 1507 27.74 -2.59 -13.03
N LYS D 1508 28.69 -2.44 -13.95
CA LYS D 1508 29.90 -1.69 -13.64
C LYS D 1508 29.59 -0.24 -13.32
N GLU D 1509 28.69 0.38 -14.08
CA GLU D 1509 28.31 1.76 -13.82
C GLU D 1509 27.61 1.89 -12.48
N SER D 1510 26.72 0.95 -12.15
CA SER D 1510 25.98 1.02 -10.90
C SER D 1510 26.86 0.72 -9.70
N LEU D 1511 27.95 -0.01 -9.90
CA LEU D 1511 28.81 -0.38 -8.78
C LEU D 1511 29.40 0.85 -8.11
N SER D 1512 29.87 1.82 -8.90
CA SER D 1512 30.42 3.03 -8.35
C SER D 1512 29.31 3.96 -7.87
N ILE D 1513 29.68 4.87 -6.96
CA ILE D 1513 28.72 5.82 -6.42
C ILE D 1513 28.34 6.82 -7.51
N GLN D 1514 27.09 7.30 -7.45
CA GLN D 1514 26.57 8.22 -8.45
C GLN D 1514 25.64 9.22 -7.77
N ASN D 1515 25.45 10.36 -8.43
CA ASN D 1515 24.57 11.41 -7.93
C ASN D 1515 23.30 11.43 -8.75
N PRO D 1516 22.14 11.18 -8.15
CA PRO D 1516 20.89 11.25 -8.94
C PRO D 1516 20.64 12.61 -9.56
N ALA D 1517 21.03 13.68 -8.87
CA ALA D 1517 20.88 15.02 -9.44
C ALA D 1517 21.73 15.18 -10.69
N GLN D 1518 22.96 14.64 -10.67
CA GLN D 1518 23.81 14.72 -11.84
C GLN D 1518 23.19 13.96 -13.02
N LEU D 1519 22.63 12.78 -12.77
CA LEU D 1519 21.97 12.04 -13.82
C LEU D 1519 20.79 12.82 -14.39
N PHE D 1520 19.99 13.43 -13.50
CA PHE D 1520 18.85 14.22 -13.95
C PHE D 1520 19.29 15.39 -14.82
N ILE D 1521 20.34 16.09 -14.42
CA ILE D 1521 20.82 17.23 -15.18
C ILE D 1521 21.36 16.79 -16.53
N GLU D 1522 22.12 15.68 -16.56
CA GLU D 1522 22.65 15.20 -17.83
C GLU D 1522 21.53 14.75 -18.76
N GLN D 1523 20.48 14.13 -18.21
CA GLN D 1523 19.36 13.73 -19.04
C GLN D 1523 18.64 14.94 -19.61
N ILE D 1524 18.54 16.03 -18.83
CA ILE D 1524 18.00 17.27 -19.38
C ILE D 1524 18.90 17.77 -20.50
N LEU D 1525 20.20 17.79 -20.27
CA LEU D 1525 21.14 18.41 -21.21
C LEU D 1525 21.18 17.66 -22.54
N PHE D 1526 21.14 16.33 -22.50
CA PHE D 1526 21.31 15.51 -23.69
C PHE D 1526 19.99 15.21 -24.39
N SER D 1527 18.99 16.08 -24.22
CA SER D 1527 17.69 15.84 -24.85
C SER D 1527 17.78 15.92 -26.36
N HIS D 1528 18.48 16.92 -26.90
CA HIS D 1528 18.49 17.16 -28.33
C HIS D 1528 19.59 16.41 -29.08
N LYS D 1529 20.52 15.79 -28.36
CA LYS D 1529 21.59 15.04 -29.02
C LYS D 1529 21.07 13.68 -29.47
N PRO D 1530 21.63 13.13 -30.56
CA PRO D 1530 21.16 11.82 -31.03
C PRO D 1530 21.40 10.74 -29.99
N VAL D 1531 20.33 10.27 -29.36
CA VAL D 1531 20.44 9.36 -28.22
C VAL D 1531 19.69 8.05 -28.43
N ILE D 1532 18.91 7.91 -29.51
CA ILE D 1532 18.15 6.70 -29.75
C ILE D 1532 18.82 5.91 -30.87
N ASP D 1533 19.11 4.64 -30.59
CA ASP D 1533 19.69 3.74 -31.59
C ASP D 1533 18.55 3.05 -32.33
N PHE D 1534 18.20 3.58 -33.51
CA PHE D 1534 17.06 3.10 -34.26
C PHE D 1534 17.25 1.71 -34.83
N SER D 1535 18.46 1.17 -34.78
CA SER D 1535 18.70 -0.18 -35.30
C SER D 1535 17.87 -1.21 -34.53
N GLY D 1536 17.83 -1.10 -33.20
CA GLY D 1536 17.04 -2.03 -32.42
C GLY D 1536 15.56 -1.94 -32.71
N ILE D 1537 15.05 -0.71 -32.86
CA ILE D 1537 13.63 -0.53 -33.16
C ILE D 1537 13.30 -1.08 -34.54
N ARG D 1538 14.24 -0.94 -35.48
CA ARG D 1538 14.02 -1.47 -36.84
C ARG D 1538 13.92 -2.99 -36.75
N ASP D 1539 14.80 -3.62 -35.98
CA ASP D 1539 14.82 -5.11 -35.91
C ASP D 1539 13.43 -5.64 -35.54
N LYS D 1540 12.72 -4.95 -34.66
CA LYS D 1540 11.39 -5.46 -34.20
C LYS D 1540 10.51 -5.74 -35.41
N TYR D 1541 10.58 -4.90 -36.45
CA TYR D 1541 9.81 -5.20 -37.68
C TYR D 1541 10.73 -5.88 -38.70
N ILE D 1542 10.14 -6.48 -39.74
CA ILE D 1542 10.92 -7.19 -40.75
C ILE D 1542 12.11 -6.35 -41.17
N ASN D 1543 13.29 -6.97 -41.18
CA ASN D 1543 14.53 -6.34 -41.62
C ASN D 1543 14.79 -5.01 -40.90
N LEU D 1557 23.65 5.16 -41.15
CA LEU D 1557 22.69 5.34 -40.07
C LEU D 1557 23.37 5.21 -38.71
N GLY D 1558 22.84 5.91 -37.71
CA GLY D 1558 23.41 5.87 -36.38
C GLY D 1558 22.39 6.27 -35.35
N LYS D 1559 22.86 6.98 -34.33
CA LYS D 1559 21.97 7.44 -33.27
C LYS D 1559 21.03 8.51 -33.80
N VAL D 1560 19.84 8.58 -33.21
CA VAL D 1560 18.74 9.40 -33.74
C VAL D 1560 18.10 10.14 -32.57
N THR D 1561 17.72 11.40 -32.81
CA THR D 1561 17.07 12.19 -31.78
C THR D 1561 15.62 11.73 -31.60
N PHE D 1562 14.99 12.22 -30.53
CA PHE D 1562 13.63 11.82 -30.20
C PHE D 1562 12.65 12.21 -31.31
N THR D 1563 12.71 13.46 -31.77
CA THR D 1563 11.81 13.91 -32.82
C THR D 1563 12.04 13.14 -34.11
N GLU D 1564 13.31 12.96 -34.49
CA GLU D 1564 13.62 12.17 -35.67
C GLU D 1564 13.21 10.72 -35.48
N ALA D 1565 13.29 10.20 -34.25
CA ALA D 1565 12.82 8.86 -33.98
C ALA D 1565 11.32 8.74 -34.24
N TYR D 1566 10.54 9.73 -33.77
CA TYR D 1566 9.11 9.71 -34.03
C TYR D 1566 8.82 9.78 -35.52
N ARG D 1567 9.53 10.65 -36.23
CA ARG D 1567 9.31 10.80 -37.66
C ARG D 1567 9.62 9.49 -38.39
N LEU D 1568 10.74 8.87 -38.08
CA LEU D 1568 11.11 7.60 -38.71
C LEU D 1568 10.13 6.51 -38.38
N LEU D 1569 9.66 6.45 -37.12
CA LEU D 1569 8.71 5.42 -36.73
C LEU D 1569 7.40 5.58 -37.48
N MET D 1570 6.91 6.82 -37.62
CA MET D 1570 5.70 7.04 -38.40
C MET D 1570 5.91 6.67 -39.86
N ARG D 1571 7.05 7.05 -40.44
CA ARG D 1571 7.31 6.73 -41.84
C ARG D 1571 7.34 5.23 -42.04
N ASP D 1572 7.90 4.48 -41.09
CA ASP D 1572 7.96 3.03 -41.21
C ASP D 1572 6.57 2.42 -41.03
N LEU D 1573 5.84 2.83 -40.00
CA LEU D 1573 4.52 2.25 -39.73
C LEU D 1573 3.51 2.62 -40.80
N SER D 1574 3.76 3.67 -41.58
CA SER D 1574 2.88 3.96 -42.71
C SER D 1574 2.92 2.84 -43.73
N SER D 1575 4.10 2.27 -43.98
CA SER D 1575 4.24 1.20 -44.95
C SER D 1575 3.65 -0.12 -44.49
N LEU D 1576 3.47 -0.30 -43.17
CA LEU D 1576 2.92 -1.54 -42.67
C LEU D 1576 1.43 -1.63 -42.96
N GLU D 1577 0.83 -2.76 -42.56
CA GLU D 1577 -0.56 -3.04 -42.87
C GLU D 1577 -1.18 -3.84 -41.73
N LEU D 1578 -2.51 -3.83 -41.68
CA LEU D 1578 -3.26 -4.58 -40.69
C LEU D 1578 -4.34 -5.41 -41.37
N THR D 1579 -4.73 -6.48 -40.70
CA THR D 1579 -5.78 -7.37 -41.19
C THR D 1579 -6.46 -8.00 -39.99
N ASN D 1580 -7.64 -8.58 -40.22
CA ASN D 1580 -8.41 -9.18 -39.13
C ASN D 1580 -7.58 -10.21 -38.37
N ASP D 1581 -6.74 -10.97 -39.07
CA ASP D 1581 -5.89 -11.94 -38.40
C ASP D 1581 -4.88 -11.26 -37.47
N ASP D 1582 -4.37 -10.09 -37.88
CA ASP D 1582 -3.46 -9.36 -37.01
C ASP D 1582 -4.15 -8.90 -35.73
N ILE D 1583 -5.40 -8.41 -35.86
CA ILE D 1583 -6.16 -8.00 -34.68
C ILE D 1583 -6.43 -9.21 -33.79
N GLN D 1584 -6.75 -10.35 -34.39
CA GLN D 1584 -6.94 -11.56 -33.61
C GLN D 1584 -5.67 -11.93 -32.85
N VAL D 1585 -4.52 -11.82 -33.52
CA VAL D 1585 -3.25 -12.13 -32.86
C VAL D 1585 -3.02 -11.18 -31.68
N ILE D 1586 -3.26 -9.89 -31.89
CA ILE D 1586 -3.06 -8.92 -30.82
C ILE D 1586 -3.95 -9.26 -29.62
N TYR D 1587 -5.24 -9.49 -29.88
CA TYR D 1587 -6.16 -9.74 -28.79
C TYR D 1587 -5.85 -11.06 -28.08
N SER D 1588 -5.45 -12.08 -28.83
CA SER D 1588 -5.13 -13.36 -28.21
C SER D 1588 -3.87 -13.28 -27.37
N TYR D 1589 -2.86 -12.58 -27.87
CA TYR D 1589 -1.58 -12.48 -27.17
C TYR D 1589 -1.52 -11.43 -26.05
N ILE D 1590 -2.51 -10.56 -25.99
CA ILE D 1590 -2.55 -9.52 -24.98
C ILE D 1590 -3.58 -9.83 -23.89
N ILE D 1591 -4.75 -10.31 -24.28
CA ILE D 1591 -5.85 -10.55 -23.34
C ILE D 1591 -5.94 -12.00 -22.93
N LEU D 1592 -6.02 -12.91 -23.91
CA LEU D 1592 -6.33 -14.31 -23.64
C LEU D 1592 -5.25 -15.04 -22.86
N ASN D 1593 -4.03 -14.51 -22.79
CA ASN D 1593 -2.94 -15.25 -22.15
C ASN D 1593 -3.15 -15.31 -20.64
N ASP D 1594 -3.14 -14.16 -19.98
CA ASP D 1594 -3.19 -14.11 -18.53
C ASP D 1594 -4.63 -14.15 -18.05
N PRO D 1595 -4.98 -15.08 -17.16
CA PRO D 1595 -6.33 -15.07 -16.59
C PRO D 1595 -6.66 -13.78 -15.86
N MET D 1596 -5.66 -13.11 -15.30
CA MET D 1596 -5.90 -11.82 -14.66
C MET D 1596 -6.41 -10.79 -15.67
N MET D 1597 -5.83 -10.79 -16.88
CA MET D 1597 -6.31 -9.87 -17.91
C MET D 1597 -7.75 -10.17 -18.29
N ILE D 1598 -8.10 -11.45 -18.41
CA ILE D 1598 -9.48 -11.82 -18.72
C ILE D 1598 -10.42 -11.36 -17.61
N THR D 1599 -10.02 -11.58 -16.36
CA THR D 1599 -10.86 -11.16 -15.24
C THR D 1599 -11.05 -9.65 -15.21
N ILE D 1600 -9.98 -8.91 -15.46
CA ILE D 1600 -10.07 -7.45 -15.46
C ILE D 1600 -10.95 -6.96 -16.59
N ALA D 1601 -10.79 -7.53 -17.79
CA ALA D 1601 -11.64 -7.14 -18.91
C ALA D 1601 -13.09 -7.43 -18.61
N ASN D 1602 -13.39 -8.59 -18.05
CA ASN D 1602 -14.77 -8.93 -17.72
C ASN D 1602 -15.33 -7.99 -16.66
N THR D 1603 -14.55 -7.71 -15.61
CA THR D 1603 -15.04 -6.85 -14.54
C THR D 1603 -15.20 -5.41 -15.00
N HIS D 1604 -14.53 -5.03 -16.08
CA HIS D 1604 -14.78 -3.70 -16.62
C HIS D 1604 -16.00 -3.69 -17.55
N ILE D 1605 -16.15 -4.72 -18.39
CA ILE D 1605 -17.25 -4.72 -19.35
C ILE D 1605 -18.58 -4.93 -18.66
N LEU D 1606 -18.65 -5.88 -17.73
CA LEU D 1606 -19.91 -6.33 -17.16
C LEU D 1606 -20.26 -5.65 -15.84
N SER D 1607 -19.52 -4.62 -15.43
CA SER D 1607 -19.76 -4.00 -14.15
C SER D 1607 -21.10 -3.27 -14.14
N ILE D 1608 -21.80 -3.34 -13.01
CA ILE D 1608 -23.01 -2.58 -12.76
C ILE D 1608 -22.90 -1.99 -11.36
N TYR D 1609 -23.11 -0.68 -11.26
CA TYR D 1609 -22.95 0.05 -10.02
C TYR D 1609 -24.31 0.21 -9.34
N GLY D 1610 -24.38 -0.14 -8.07
CA GLY D 1610 -25.61 -0.10 -7.31
C GLY D 1610 -25.79 1.20 -6.57
N SER D 1611 -26.50 1.12 -5.45
CA SER D 1611 -26.83 2.31 -4.68
C SER D 1611 -25.58 2.85 -3.99
N PRO D 1612 -25.21 4.11 -4.22
CA PRO D 1612 -24.05 4.67 -3.54
C PRO D 1612 -24.33 4.91 -2.07
N GLN D 1613 -23.27 4.91 -1.27
CA GLN D 1613 -23.42 5.23 0.14
C GLN D 1613 -22.08 5.72 0.69
N ARG D 1614 -22.16 6.47 1.78
CA ARG D 1614 -20.97 7.08 2.36
C ARG D 1614 -20.08 6.01 2.99
N ARG D 1615 -18.76 6.19 2.89
CA ARG D 1615 -17.80 5.27 3.49
C ARG D 1615 -17.84 5.44 5.01
N MET D 1616 -18.46 4.49 5.69
CA MET D 1616 -18.58 4.52 7.15
C MET D 1616 -17.45 3.79 7.84
N GLY D 1617 -17.18 2.55 7.45
CA GLY D 1617 -16.15 1.78 8.12
C GLY D 1617 -15.14 1.14 7.18
N MET D 1618 -13.88 1.52 7.31
CA MET D 1618 -12.82 0.90 6.53
C MET D 1618 -12.51 -0.49 7.07
N SER D 1619 -11.88 -1.30 6.22
CA SER D 1619 -11.35 -2.59 6.65
C SER D 1619 -10.27 -3.03 5.67
N CYS D 1620 -9.22 -3.62 6.21
CA CYS D 1620 -8.10 -4.09 5.41
C CYS D 1620 -8.42 -5.44 4.79
N SER D 1621 -7.82 -5.70 3.62
CA SER D 1621 -8.00 -6.98 2.96
C SER D 1621 -6.84 -7.21 2.01
N THR D 1622 -6.35 -8.44 1.95
CA THR D 1622 -5.26 -8.77 1.04
C THR D 1622 -5.82 -9.13 -0.33
N MET D 1623 -5.04 -8.86 -1.37
CA MET D 1623 -5.51 -9.11 -2.73
C MET D 1623 -5.45 -10.59 -3.03
N PRO D 1624 -6.55 -11.20 -3.45
CA PRO D 1624 -6.51 -12.63 -3.80
C PRO D 1624 -5.72 -12.87 -5.08
N GLU D 1625 -5.16 -14.07 -5.17
CA GLU D 1625 -4.43 -14.46 -6.38
C GLU D 1625 -5.40 -14.62 -7.53
N PHE D 1626 -5.04 -14.04 -8.68
CA PHE D 1626 -5.89 -14.09 -9.86
C PHE D 1626 -5.64 -15.31 -10.74
N ARG D 1627 -4.62 -16.11 -10.44
CA ARG D 1627 -4.30 -17.31 -11.19
C ARG D 1627 -4.35 -18.50 -10.23
N ASN D 1628 -5.55 -19.07 -10.07
CA ASN D 1628 -5.71 -20.20 -9.16
C ASN D 1628 -4.98 -21.43 -9.66
N LEU D 1629 -5.11 -21.74 -10.94
CA LEU D 1629 -4.53 -22.97 -11.47
C LEU D 1629 -3.01 -22.90 -11.43
N LYS D 1630 -2.40 -24.03 -11.09
CA LYS D 1630 -0.95 -24.16 -11.03
C LYS D 1630 -0.54 -25.42 -11.80
N LEU D 1631 0.28 -25.23 -12.83
CA LEU D 1631 0.72 -26.35 -13.66
C LEU D 1631 2.08 -26.89 -13.23
N ILE D 1632 2.86 -26.11 -12.49
CA ILE D 1632 4.18 -26.51 -12.02
C ILE D 1632 4.15 -26.61 -10.51
N HIS D 1633 4.79 -27.65 -9.98
CA HIS D 1633 4.84 -27.88 -8.54
C HIS D 1633 6.16 -27.47 -7.89
N HIS D 1634 7.28 -27.79 -8.52
CA HIS D 1634 8.57 -27.52 -7.92
C HIS D 1634 8.90 -26.02 -8.00
N SER D 1635 9.94 -25.63 -7.27
CA SER D 1635 10.40 -24.26 -7.31
C SER D 1635 10.95 -23.92 -8.70
N PRO D 1636 10.75 -22.69 -9.17
CA PRO D 1636 11.18 -22.36 -10.54
C PRO D 1636 12.67 -22.55 -10.77
N ALA D 1637 13.50 -22.24 -9.78
CA ALA D 1637 14.94 -22.46 -9.93
C ALA D 1637 15.25 -23.93 -10.13
N LEU D 1638 14.60 -24.80 -9.35
CA LEU D 1638 14.81 -26.24 -9.50
C LEU D 1638 14.38 -26.70 -10.88
N VAL D 1639 13.22 -26.22 -11.36
CA VAL D 1639 12.73 -26.65 -12.67
C VAL D 1639 13.68 -26.19 -13.77
N LEU D 1640 14.18 -24.97 -13.67
CA LEU D 1640 15.16 -24.50 -14.66
C LEU D 1640 16.43 -25.33 -14.61
N ARG D 1641 16.89 -25.69 -13.41
CA ARG D 1641 18.06 -26.54 -13.28
C ARG D 1641 17.83 -27.89 -13.94
N ALA D 1642 16.65 -28.47 -13.73
CA ALA D 1642 16.34 -29.75 -14.35
C ALA D 1642 16.27 -29.62 -15.87
N TYR D 1643 15.69 -28.53 -16.37
CA TYR D 1643 15.56 -28.34 -17.81
C TYR D 1643 16.89 -28.06 -18.48
N SER D 1644 17.87 -27.53 -17.74
CA SER D 1644 19.20 -27.33 -18.31
C SER D 1644 19.77 -28.65 -18.81
N LYS D 1645 19.65 -29.69 -18.01
CA LYS D 1645 19.92 -31.05 -18.45
C LYS D 1645 18.61 -31.69 -18.89
N ASN D 1646 18.61 -33.02 -19.06
CA ASN D 1646 17.38 -33.76 -19.32
C ASN D 1646 17.12 -34.80 -18.23
N ASN D 1647 17.68 -34.58 -17.03
CA ASN D 1647 17.53 -35.52 -15.94
C ASN D 1647 16.49 -35.01 -14.96
N PRO D 1648 15.31 -35.63 -14.87
CA PRO D 1648 14.35 -35.22 -13.83
C PRO D 1648 14.85 -35.46 -12.42
N ASP D 1649 15.82 -36.34 -12.23
CA ASP D 1649 16.34 -36.66 -10.90
C ASP D 1649 17.55 -35.78 -10.61
N ILE D 1650 17.31 -34.70 -9.86
CA ILE D 1650 18.36 -33.80 -9.40
C ILE D 1650 18.27 -33.72 -7.89
N GLN D 1651 19.31 -33.18 -7.26
CA GLN D 1651 19.33 -33.05 -5.81
C GLN D 1651 18.11 -32.27 -5.33
N GLY D 1652 17.42 -32.82 -4.34
CA GLY D 1652 16.24 -32.17 -3.81
C GLY D 1652 15.07 -32.11 -4.76
N ALA D 1653 14.97 -33.04 -5.70
CA ALA D 1653 13.90 -33.06 -6.69
C ALA D 1653 13.15 -34.37 -6.62
N ASP D 1654 11.83 -34.28 -6.43
CA ASP D 1654 10.98 -35.46 -6.48
C ASP D 1654 10.93 -35.97 -7.92
N PRO D 1655 11.18 -37.26 -8.15
CA PRO D 1655 11.39 -37.72 -9.54
C PRO D 1655 10.17 -37.57 -10.44
N THR D 1656 9.02 -38.13 -10.05
CA THR D 1656 7.85 -38.07 -10.93
C THR D 1656 7.30 -36.66 -11.08
N GLU D 1657 7.26 -35.89 -10.00
CA GLU D 1657 6.78 -34.51 -10.10
C GLU D 1657 7.72 -33.67 -10.95
N MET D 1658 9.02 -33.88 -10.81
CA MET D 1658 9.99 -33.17 -11.65
C MET D 1658 9.82 -33.56 -13.11
N ALA D 1659 9.55 -34.83 -13.39
CA ALA D 1659 9.31 -35.26 -14.76
C ALA D 1659 8.08 -34.58 -15.33
N ARG D 1660 7.01 -34.48 -14.54
CA ARG D 1660 5.81 -33.80 -15.00
C ARG D 1660 6.09 -32.33 -15.30
N ASP D 1661 6.83 -31.66 -14.41
CA ASP D 1661 7.16 -30.26 -14.63
C ASP D 1661 8.01 -30.08 -15.88
N LEU D 1662 8.99 -30.96 -16.08
CA LEU D 1662 9.83 -30.89 -17.28
C LEU D 1662 9.00 -31.10 -18.54
N VAL D 1663 8.07 -32.05 -18.50
CA VAL D 1663 7.19 -32.28 -19.66
C VAL D 1663 6.38 -31.04 -19.96
N HIS D 1664 5.82 -30.41 -18.91
CA HIS D 1664 5.03 -29.21 -19.14
C HIS D 1664 5.87 -28.08 -19.72
N LEU D 1665 7.08 -27.89 -19.19
CA LEU D 1665 7.95 -26.83 -19.71
C LEU D 1665 8.34 -27.11 -21.16
N LYS D 1666 8.63 -28.37 -21.50
CA LYS D 1666 8.96 -28.72 -22.87
C LYS D 1666 7.78 -28.48 -23.79
N GLU D 1667 6.57 -28.80 -23.34
CA GLU D 1667 5.38 -28.51 -24.14
C GLU D 1667 5.24 -27.03 -24.39
N PHE D 1668 5.43 -26.21 -23.35
CA PHE D 1668 5.34 -24.77 -23.52
C PHE D 1668 6.38 -24.27 -24.53
N VAL D 1669 7.62 -24.75 -24.40
CA VAL D 1669 8.69 -24.29 -25.30
C VAL D 1669 8.38 -24.69 -26.73
N GLU D 1670 7.95 -25.93 -26.96
CA GLU D 1670 7.70 -26.39 -28.31
C GLU D 1670 6.46 -25.74 -28.92
N ASN D 1671 5.48 -25.38 -28.08
CA ASN D 1671 4.29 -24.72 -28.60
C ASN D 1671 4.56 -23.26 -28.95
N THR D 1672 5.39 -22.59 -28.15
CA THR D 1672 5.70 -21.19 -28.44
C THR D 1672 6.78 -21.04 -29.51
N ASN D 1673 7.41 -22.13 -29.93
CA ASN D 1673 8.48 -22.10 -30.93
C ASN D 1673 9.64 -21.20 -30.49
N LEU D 1674 9.76 -20.97 -29.19
CA LEU D 1674 10.75 -20.04 -28.68
C LEU D 1674 12.16 -20.53 -28.94
N GLU D 1675 12.39 -21.84 -28.77
CA GLU D 1675 13.69 -22.41 -29.09
C GLU D 1675 14.02 -22.25 -30.57
N GLU D 1676 13.05 -22.51 -31.45
CA GLU D 1676 13.28 -22.37 -32.88
C GLU D 1676 13.55 -20.92 -33.25
N LYS D 1677 12.79 -19.98 -32.67
CA LYS D 1677 13.01 -18.57 -32.96
C LYS D 1677 14.40 -18.13 -32.50
N MET D 1678 14.81 -18.57 -31.31
CA MET D 1678 16.15 -18.23 -30.83
C MET D 1678 17.22 -18.80 -31.75
N LYS D 1679 17.05 -20.05 -32.18
CA LYS D 1679 18.04 -20.67 -33.05
C LYS D 1679 18.13 -19.94 -34.38
N VAL D 1680 16.97 -19.57 -34.95
CA VAL D 1680 16.98 -18.83 -36.21
C VAL D 1680 17.66 -17.47 -36.02
N ARG D 1681 17.36 -16.79 -34.92
CA ARG D 1681 17.96 -15.47 -34.68
C ARG D 1681 19.47 -15.57 -34.56
N ILE D 1682 19.96 -16.53 -33.77
CA ILE D 1682 21.40 -16.63 -33.57
C ILE D 1682 22.08 -17.07 -34.87
N ALA D 1683 21.46 -17.97 -35.63
CA ALA D 1683 22.04 -18.40 -36.90
C ALA D 1683 22.12 -17.25 -37.89
N MET D 1684 21.06 -16.44 -37.98
CA MET D 1684 21.07 -15.31 -38.91
C MET D 1684 22.08 -14.26 -38.48
N ASN D 1685 22.21 -14.03 -37.17
CA ASN D 1685 23.22 -13.08 -36.72
C ASN D 1685 24.64 -13.59 -37.01
N GLU D 1686 24.87 -14.89 -36.82
CA GLU D 1686 26.16 -15.48 -37.16
C GLU D 1686 26.45 -15.33 -38.64
N ALA D 1687 25.46 -15.60 -39.49
CA ALA D 1687 25.65 -15.46 -40.93
C ALA D 1687 25.94 -14.01 -41.30
N GLU D 1688 25.23 -13.06 -40.68
CA GLU D 1688 25.47 -11.65 -40.94
C GLU D 1688 26.88 -11.24 -40.54
N LYS D 1689 27.32 -11.64 -39.35
CA LYS D 1689 28.65 -11.27 -38.89
C LYS D 1689 29.73 -12.10 -39.57
N GLY D 1690 29.48 -13.39 -39.79
CA GLY D 1690 30.47 -14.29 -40.32
C GLY D 1690 31.25 -15.04 -39.28
N GLN D 1691 31.19 -14.63 -38.02
CA GLN D 1691 31.82 -15.32 -36.91
C GLN D 1691 30.83 -15.40 -35.75
N ARG D 1692 31.04 -16.38 -34.87
CA ARG D 1692 30.14 -16.59 -33.75
C ARG D 1692 30.25 -15.44 -32.77
N ASP D 1693 29.24 -14.56 -32.77
CA ASP D 1693 29.14 -13.50 -31.77
C ASP D 1693 28.67 -14.14 -30.48
N ILE D 1694 29.63 -14.62 -29.69
CA ILE D 1694 29.31 -15.43 -28.52
C ILE D 1694 28.53 -14.62 -27.49
N VAL D 1695 28.82 -13.33 -27.35
CA VAL D 1695 28.07 -12.51 -26.39
C VAL D 1695 26.60 -12.43 -26.79
N PHE D 1696 26.33 -12.36 -28.09
CA PHE D 1696 24.95 -12.43 -28.55
C PHE D 1696 24.32 -13.76 -28.18
N GLU D 1697 25.09 -14.84 -28.25
CA GLU D 1697 24.58 -16.14 -27.84
C GLU D 1697 24.23 -16.15 -26.35
N LEU D 1698 25.09 -15.54 -25.52
CA LEU D 1698 24.79 -15.44 -24.10
C LEU D 1698 23.52 -14.64 -23.86
N LYS D 1699 23.36 -13.53 -24.58
CA LYS D 1699 22.17 -12.70 -24.39
C LYS D 1699 20.90 -13.42 -24.82
N GLU D 1700 20.96 -14.14 -25.95
CA GLU D 1700 19.79 -14.90 -26.39
C GLU D 1700 19.46 -16.03 -25.42
N MET D 1701 20.49 -16.71 -24.90
CA MET D 1701 20.25 -17.74 -23.89
C MET D 1701 19.62 -17.13 -22.65
N THR D 1702 20.08 -15.94 -22.24
CA THR D 1702 19.51 -15.26 -21.10
C THR D 1702 18.03 -14.93 -21.33
N ARG D 1703 17.70 -14.43 -22.53
CA ARG D 1703 16.31 -14.13 -22.84
C ARG D 1703 15.46 -15.40 -22.80
N PHE D 1704 15.98 -16.49 -23.38
CA PHE D 1704 15.25 -17.75 -23.38
C PHE D 1704 14.98 -18.24 -21.96
N TYR D 1705 16.02 -18.27 -21.12
CA TYR D 1705 15.85 -18.76 -19.76
C TYR D 1705 15.01 -17.80 -18.93
N GLN D 1706 15.06 -16.51 -19.22
CA GLN D 1706 14.23 -15.55 -18.51
C GLN D 1706 12.76 -15.78 -18.81
N VAL D 1707 12.43 -15.99 -20.09
CA VAL D 1707 11.04 -16.28 -20.46
C VAL D 1707 10.60 -17.59 -19.82
N CYS D 1708 11.47 -18.60 -19.84
CA CYS D 1708 11.13 -19.87 -19.20
C CYS D 1708 10.87 -19.68 -17.71
N TYR D 1709 11.71 -18.88 -17.05
CA TYR D 1709 11.55 -18.65 -15.62
C TYR D 1709 10.23 -17.95 -15.31
N GLU D 1710 9.92 -16.90 -16.07
CA GLU D 1710 8.67 -16.20 -15.83
C GLU D 1710 7.46 -17.06 -16.16
N TYR D 1711 7.60 -18.03 -17.06
CA TYR D 1711 6.50 -18.95 -17.29
C TYR D 1711 6.36 -19.94 -16.14
N VAL D 1712 7.48 -20.38 -15.58
CA VAL D 1712 7.48 -21.47 -14.62
C VAL D 1712 7.30 -20.91 -13.21
N LYS D 1713 6.95 -19.62 -13.12
CA LYS D 1713 6.68 -19.02 -11.82
C LYS D 1713 5.44 -19.63 -11.19
N SER D 1714 5.57 -20.08 -9.95
CA SER D 1714 4.43 -20.52 -9.17
C SER D 1714 3.82 -19.30 -8.48
N THR D 1715 2.93 -19.53 -7.53
CA THR D 1715 2.37 -18.43 -6.76
C THR D 1715 3.48 -17.73 -5.99
N GLU D 1716 3.51 -16.40 -6.06
CA GLU D 1716 4.58 -15.64 -5.43
C GLU D 1716 4.20 -15.14 -4.04
N HIS D 1717 2.92 -15.23 -3.66
CA HIS D 1717 2.46 -14.91 -2.31
C HIS D 1717 2.83 -13.47 -1.92
N LYS D 1718 2.67 -12.55 -2.84
CA LYS D 1718 2.89 -11.14 -2.54
C LYS D 1718 1.87 -10.67 -1.51
N ILE D 1719 2.32 -9.83 -0.58
CA ILE D 1719 1.47 -9.36 0.51
C ILE D 1719 1.09 -7.92 0.18
N LYS D 1720 -0.10 -7.76 -0.39
CA LYS D 1720 -0.63 -6.45 -0.75
C LYS D 1720 -1.94 -6.20 0.02
N VAL D 1721 -1.95 -5.17 0.85
CA VAL D 1721 -3.12 -4.85 1.66
C VAL D 1721 -3.81 -3.64 1.06
N PHE D 1722 -5.13 -3.71 1.00
CA PHE D 1722 -5.96 -2.62 0.51
C PHE D 1722 -6.99 -2.27 1.57
N ILE D 1723 -7.23 -0.98 1.73
CA ILE D 1723 -8.24 -0.48 2.67
C ILE D 1723 -9.52 -0.28 1.88
N LEU D 1724 -10.51 -1.12 2.13
CA LEU D 1724 -11.74 -1.15 1.37
C LEU D 1724 -12.94 -0.93 2.28
N PRO D 1725 -14.05 -0.42 1.74
CA PRO D 1725 -15.21 -0.14 2.59
C PRO D 1725 -15.82 -1.36 3.26
N ALA D 1726 -15.56 -2.56 2.75
CA ALA D 1726 -16.15 -3.76 3.33
C ALA D 1726 -15.12 -4.88 3.31
N LYS D 1727 -15.45 -5.98 3.98
CA LYS D 1727 -14.59 -7.16 3.98
C LYS D 1727 -14.71 -7.91 2.68
N SER D 1728 -13.57 -8.27 2.10
CA SER D 1728 -13.52 -9.04 0.87
C SER D 1728 -12.85 -10.37 1.14
N TYR D 1729 -13.54 -11.46 0.80
CA TYR D 1729 -12.99 -12.81 0.94
C TYR D 1729 -12.67 -13.47 -0.39
N THR D 1730 -13.61 -13.48 -1.32
CA THR D 1730 -13.40 -14.08 -2.63
C THR D 1730 -12.81 -13.06 -3.60
N THR D 1731 -12.35 -13.56 -4.75
CA THR D 1731 -11.78 -12.68 -5.76
C THR D 1731 -12.83 -11.73 -6.33
N THR D 1732 -14.03 -12.24 -6.61
CA THR D 1732 -15.07 -11.39 -7.19
C THR D 1732 -15.51 -10.30 -6.22
N ASP D 1733 -15.59 -10.62 -4.92
CA ASP D 1733 -15.93 -9.60 -3.93
C ASP D 1733 -14.84 -8.53 -3.86
N PHE D 1734 -13.58 -8.95 -3.92
CA PHE D 1734 -12.48 -7.99 -3.90
C PHE D 1734 -12.54 -7.07 -5.11
N CYS D 1735 -12.79 -7.64 -6.29
CA CYS D 1735 -12.90 -6.82 -7.49
C CYS D 1735 -14.08 -5.85 -7.40
N SER D 1736 -15.22 -6.33 -6.88
CA SER D 1736 -16.38 -5.46 -6.74
C SER D 1736 -16.09 -4.31 -5.79
N LEU D 1737 -15.46 -4.59 -4.65
CA LEU D 1737 -15.14 -3.53 -3.70
C LEU D 1737 -14.14 -2.54 -4.30
N MET D 1738 -13.14 -3.04 -5.03
CA MET D 1738 -12.16 -2.16 -5.65
C MET D 1738 -12.81 -1.26 -6.69
N GLN D 1739 -13.72 -1.82 -7.50
CA GLN D 1739 -14.41 -1.02 -8.50
C GLN D 1739 -15.30 0.03 -7.84
N GLY D 1740 -16.01 -0.35 -6.77
CA GLY D 1740 -16.90 0.59 -6.12
C GLY D 1740 -16.22 1.65 -5.29
N ASN D 1741 -15.01 1.38 -4.80
CA ASN D 1741 -14.32 2.31 -3.92
C ASN D 1741 -13.57 3.41 -4.68
N LEU D 1742 -13.16 3.15 -5.93
CA LEU D 1742 -12.27 4.02 -6.66
C LEU D 1742 -12.97 4.73 -7.81
N ILE D 1743 -14.21 5.18 -7.59
CA ILE D 1743 -14.96 5.92 -8.59
C ILE D 1743 -15.30 7.34 -8.14
N LYS D 1744 -15.70 7.50 -6.88
CA LYS D 1744 -16.09 8.80 -6.36
C LYS D 1744 -15.50 9.00 -4.98
N ASP D 1745 -15.11 10.24 -4.68
CA ASP D 1745 -14.55 10.55 -3.37
C ASP D 1745 -15.62 10.48 -2.28
N LYS D 1746 -16.77 11.10 -2.53
CA LYS D 1746 -17.77 11.29 -1.47
C LYS D 1746 -18.38 9.98 -1.00
N GLU D 1747 -18.54 9.01 -1.90
CA GLU D 1747 -19.27 7.80 -1.58
C GLU D 1747 -18.75 6.64 -2.42
N TRP D 1748 -19.05 5.43 -1.98
CA TRP D 1748 -18.66 4.22 -2.67
C TRP D 1748 -19.91 3.44 -3.10
N TYR D 1749 -19.73 2.62 -4.13
CA TYR D 1749 -20.83 1.95 -4.82
C TYR D 1749 -20.77 0.45 -4.59
N THR D 1750 -21.93 -0.18 -4.66
CA THR D 1750 -22.03 -1.64 -4.64
C THR D 1750 -22.03 -2.13 -6.08
N VAL D 1751 -21.04 -2.95 -6.44
CA VAL D 1751 -20.82 -3.36 -7.82
C VAL D 1751 -21.13 -4.84 -7.95
N HIS D 1752 -21.94 -5.18 -8.95
CA HIS D 1752 -22.21 -6.57 -9.29
C HIS D 1752 -22.12 -6.74 -10.81
N TYR D 1753 -21.85 -7.96 -11.25
CA TYR D 1753 -21.52 -8.21 -12.64
C TYR D 1753 -22.64 -8.98 -13.34
N LEU D 1754 -22.84 -8.66 -14.62
CA LEU D 1754 -23.89 -9.31 -15.40
C LEU D 1754 -23.62 -10.81 -15.55
N LYS D 1755 -22.36 -11.18 -15.75
CA LYS D 1755 -21.97 -12.57 -15.90
C LYS D 1755 -20.75 -12.84 -15.04
N GLN D 1756 -20.40 -14.12 -14.90
CA GLN D 1756 -19.35 -14.52 -13.99
C GLN D 1756 -18.00 -14.15 -14.58
N ILE D 1757 -17.28 -13.25 -13.90
CA ILE D 1757 -16.12 -12.60 -14.51
C ILE D 1757 -14.96 -13.57 -14.65
N LEU D 1758 -14.72 -14.43 -13.66
CA LEU D 1758 -13.51 -15.23 -13.64
C LEU D 1758 -13.49 -16.24 -14.78
N SER D 1759 -12.28 -16.60 -15.21
CA SER D 1759 -12.08 -17.58 -16.25
C SER D 1759 -11.08 -18.62 -15.77
N GLY D 1760 -11.35 -19.89 -16.07
CA GLY D 1760 -10.45 -20.96 -15.68
C GLY D 1760 -9.40 -21.24 -16.73
N GLY D 1761 -8.19 -20.74 -16.50
CA GLY D 1761 -7.12 -20.95 -17.45
C GLY D 1761 -5.77 -20.82 -16.78
N HIS D 1762 -4.73 -21.20 -17.53
CA HIS D 1762 -3.37 -21.16 -17.03
C HIS D 1762 -2.72 -19.84 -17.44
N LYS D 1763 -1.48 -19.65 -16.99
CA LYS D 1763 -0.83 -18.34 -17.12
C LYS D 1763 -0.56 -17.99 -18.57
N ALA D 1764 -0.13 -18.95 -19.38
CA ALA D 1764 0.32 -18.67 -20.74
C ALA D 1764 -0.37 -19.57 -21.75
N ILE D 1765 -1.66 -19.83 -21.56
CA ILE D 1765 -2.46 -20.62 -22.49
C ILE D 1765 -3.68 -19.80 -22.89
N MET D 1766 -3.88 -19.62 -24.19
CA MET D 1766 -5.04 -18.88 -24.66
C MET D 1766 -6.32 -19.64 -24.35
N GLN D 1767 -7.33 -18.91 -23.89
CA GLN D 1767 -8.61 -19.48 -23.51
C GLN D 1767 -9.65 -19.11 -24.55
N HIS D 1768 -10.28 -20.12 -25.15
CA HIS D 1768 -11.29 -19.91 -26.18
C HIS D 1768 -12.67 -20.38 -25.75
N ASN D 1769 -12.87 -20.66 -24.48
CA ASN D 1769 -14.14 -21.17 -23.98
C ASN D 1769 -14.66 -20.28 -22.85
N ALA D 1770 -15.95 -20.00 -22.88
CA ALA D 1770 -16.58 -19.18 -21.85
C ALA D 1770 -16.97 -20.05 -20.66
N THR D 1771 -17.50 -19.40 -19.61
CA THR D 1771 -17.91 -20.09 -18.41
C THR D 1771 -19.41 -20.44 -18.51
N SER D 1772 -19.98 -20.89 -17.40
CA SER D 1772 -21.37 -21.31 -17.35
C SER D 1772 -22.24 -20.20 -16.78
N GLU D 1773 -23.53 -20.51 -16.60
CA GLU D 1773 -24.51 -19.55 -16.08
C GLU D 1773 -25.15 -20.03 -14.79
N GLN D 1774 -24.58 -21.04 -14.14
CA GLN D 1774 -25.22 -21.61 -12.94
C GLN D 1774 -25.28 -20.59 -11.80
N ASN D 1775 -24.23 -19.81 -11.60
CA ASN D 1775 -24.23 -18.83 -10.52
C ASN D 1775 -25.26 -17.73 -10.76
N ILE D 1776 -25.46 -17.34 -12.03
CA ILE D 1776 -26.49 -16.34 -12.33
C ILE D 1776 -27.86 -16.86 -11.94
N ALA D 1777 -28.16 -18.12 -12.27
CA ALA D 1777 -29.44 -18.70 -11.88
C ALA D 1777 -29.56 -18.79 -10.36
N PHE D 1778 -28.48 -19.16 -9.69
CA PHE D 1778 -28.49 -19.21 -8.22
C PHE D 1778 -28.86 -17.85 -7.65
N GLU D 1779 -28.17 -16.80 -8.10
CA GLU D 1779 -28.42 -15.46 -7.59
C GLU D 1779 -29.86 -15.04 -7.87
N CYS D 1780 -30.32 -15.26 -9.10
CA CYS D 1780 -31.66 -14.82 -9.48
C CYS D 1780 -32.72 -15.49 -8.62
N PHE D 1781 -32.61 -16.81 -8.44
CA PHE D 1781 -33.66 -17.52 -7.74
C PHE D 1781 -33.60 -17.27 -6.23
N LYS D 1782 -32.39 -17.14 -5.68
CA LYS D 1782 -32.29 -16.74 -4.28
C LYS D 1782 -32.95 -15.39 -4.04
N LEU D 1783 -32.65 -14.42 -4.91
CA LEU D 1783 -33.24 -13.10 -4.77
C LEU D 1783 -34.76 -13.16 -4.90
N ILE D 1784 -35.27 -13.92 -5.87
CA ILE D 1784 -36.71 -13.98 -6.09
C ILE D 1784 -37.40 -14.59 -4.88
N THR D 1785 -36.90 -15.72 -4.40
CA THR D 1785 -37.54 -16.39 -3.27
C THR D 1785 -37.52 -15.50 -2.03
N HIS D 1786 -36.36 -14.90 -1.73
CA HIS D 1786 -36.27 -14.09 -0.53
C HIS D 1786 -37.13 -12.83 -0.63
N PHE D 1787 -37.17 -12.21 -1.81
CA PHE D 1787 -38.03 -11.04 -1.99
C PHE D 1787 -39.49 -11.41 -1.82
N ALA D 1788 -39.91 -12.53 -2.42
CA ALA D 1788 -41.31 -12.93 -2.29
C ALA D 1788 -41.65 -13.19 -0.83
N ASP D 1789 -40.74 -13.83 -0.09
CA ASP D 1789 -41.02 -14.13 1.31
C ASP D 1789 -41.05 -12.87 2.16
N SER D 1790 -40.21 -11.88 1.84
CA SER D 1790 -40.03 -10.74 2.72
C SER D 1790 -40.98 -9.58 2.42
N PHE D 1791 -41.33 -9.36 1.15
CA PHE D 1791 -42.04 -8.15 0.76
C PHE D 1791 -43.38 -8.41 0.09
N ILE D 1792 -43.82 -9.65 -0.01
CA ILE D 1792 -45.05 -9.99 -0.72
C ILE D 1792 -45.95 -10.81 0.20
N ASP D 1793 -47.25 -10.56 0.12
CA ASP D 1793 -48.21 -11.30 0.91
C ASP D 1793 -48.12 -12.78 0.60
N SER D 1794 -48.29 -13.61 1.64
CA SER D 1794 -48.10 -15.05 1.50
C SER D 1794 -49.09 -15.65 0.51
N LEU D 1795 -50.34 -15.17 0.52
CA LEU D 1795 -51.36 -15.77 -0.33
C LEU D 1795 -51.02 -15.61 -1.81
N SER D 1796 -50.54 -14.45 -2.20
CA SER D 1796 -50.22 -14.18 -3.60
C SER D 1796 -48.79 -14.52 -3.98
N ARG D 1797 -48.01 -15.07 -3.03
CA ARG D 1797 -46.60 -15.33 -3.30
C ARG D 1797 -46.41 -16.35 -4.41
N SER D 1798 -47.17 -17.45 -4.37
CA SER D 1798 -47.01 -18.48 -5.39
C SER D 1798 -47.41 -17.97 -6.76
N ALA D 1799 -48.52 -17.22 -6.84
CA ALA D 1799 -48.93 -16.66 -8.11
C ALA D 1799 -47.91 -15.67 -8.65
N PHE D 1800 -47.35 -14.84 -7.77
CA PHE D 1800 -46.33 -13.88 -8.21
C PHE D 1800 -45.09 -14.61 -8.71
N LEU D 1801 -44.68 -15.67 -8.02
CA LEU D 1801 -43.53 -16.45 -8.46
C LEU D 1801 -43.80 -17.08 -9.82
N GLN D 1802 -44.99 -17.64 -10.02
CA GLN D 1802 -45.32 -18.24 -11.30
C GLN D 1802 -45.30 -17.20 -12.41
N LEU D 1803 -45.86 -16.01 -12.15
CA LEU D 1803 -45.87 -14.97 -13.17
C LEU D 1803 -44.46 -14.51 -13.52
N ILE D 1804 -43.63 -14.29 -12.50
CA ILE D 1804 -42.29 -13.78 -12.75
C ILE D 1804 -41.43 -14.82 -13.45
N ILE D 1805 -41.64 -16.11 -13.15
CA ILE D 1805 -40.99 -17.16 -13.93
C ILE D 1805 -41.52 -17.16 -15.36
N ASP D 1806 -42.80 -16.86 -15.52
CA ASP D 1806 -43.42 -16.91 -16.85
C ASP D 1806 -42.80 -15.89 -17.79
N GLU D 1807 -42.75 -14.61 -17.39
CA GLU D 1807 -42.45 -13.59 -18.37
C GLU D 1807 -41.19 -12.76 -18.14
N PHE D 1808 -40.69 -12.65 -16.92
CA PHE D 1808 -39.56 -11.74 -16.71
C PHE D 1808 -38.26 -12.35 -17.21
N SER D 1809 -37.19 -11.57 -17.08
CA SER D 1809 -35.85 -11.99 -17.45
C SER D 1809 -34.86 -11.29 -16.52
N TYR D 1810 -33.77 -11.98 -16.21
CA TYR D 1810 -32.77 -11.49 -15.26
C TYR D 1810 -31.44 -11.33 -15.96
N LYS D 1811 -30.85 -10.14 -15.85
CA LYS D 1811 -29.54 -9.84 -16.44
C LYS D 1811 -29.52 -10.18 -17.92
N ASP D 1812 -30.61 -9.82 -18.61
CA ASP D 1812 -30.83 -10.08 -20.04
C ASP D 1812 -30.92 -11.57 -20.39
N VAL D 1813 -31.15 -12.41 -19.38
CA VAL D 1813 -31.32 -13.84 -19.57
C VAL D 1813 -32.73 -14.19 -19.12
N LYS D 1814 -33.46 -14.89 -19.97
CA LYS D 1814 -34.83 -15.25 -19.64
C LYS D 1814 -34.85 -16.15 -18.40
N VAL D 1815 -35.72 -15.80 -17.44
CA VAL D 1815 -35.76 -16.55 -16.20
C VAL D 1815 -36.25 -17.98 -16.44
N SER D 1816 -37.01 -18.19 -17.52
CA SER D 1816 -37.39 -19.55 -17.89
C SER D 1816 -36.15 -20.38 -18.24
N LYS D 1817 -35.19 -19.77 -18.92
CA LYS D 1817 -33.94 -20.46 -19.22
C LYS D 1817 -33.19 -20.80 -17.94
N LEU D 1818 -33.17 -19.88 -16.98
CA LEU D 1818 -32.51 -20.16 -15.70
C LEU D 1818 -33.20 -21.29 -14.96
N TYR D 1819 -34.53 -21.31 -14.99
CA TYR D 1819 -35.28 -22.40 -14.36
C TYR D 1819 -34.97 -23.73 -15.04
N ASP D 1820 -34.87 -23.73 -16.37
CA ASP D 1820 -34.51 -24.95 -17.09
C ASP D 1820 -33.10 -25.40 -16.70
N ILE D 1821 -32.18 -24.44 -16.54
CA ILE D 1821 -30.81 -24.79 -16.16
C ILE D 1821 -30.78 -25.41 -14.77
N ILE D 1822 -31.48 -24.80 -13.83
CA ILE D 1822 -31.44 -25.30 -12.45
C ILE D 1822 -32.16 -26.64 -12.34
N LYS D 1823 -33.26 -26.82 -13.08
CA LYS D 1823 -33.99 -28.08 -13.01
C LYS D 1823 -33.16 -29.24 -13.57
N ASN D 1824 -32.54 -29.03 -14.72
CA ASN D 1824 -31.69 -30.04 -15.33
C ASN D 1824 -30.24 -29.88 -14.89
N GLY D 1825 -30.04 -29.82 -13.57
CA GLY D 1825 -28.72 -29.68 -13.01
C GLY D 1825 -28.63 -30.44 -11.70
N TYR D 1826 -27.41 -30.84 -11.37
CA TYR D 1826 -27.18 -31.65 -10.17
C TYR D 1826 -27.25 -30.85 -8.88
N ASN D 1827 -27.32 -29.52 -8.96
CA ASN D 1827 -27.39 -28.67 -7.78
C ASN D 1827 -28.86 -28.33 -7.52
N ARG D 1828 -29.65 -29.37 -7.25
CA ARG D 1828 -31.07 -29.21 -6.98
C ARG D 1828 -31.42 -29.20 -5.50
N THR D 1829 -30.55 -29.70 -4.63
CA THR D 1829 -30.85 -29.73 -3.21
C THR D 1829 -30.84 -28.35 -2.57
N ASP D 1830 -30.33 -27.34 -3.27
CA ASP D 1830 -30.30 -25.98 -2.75
C ASP D 1830 -31.56 -25.19 -3.09
N PHE D 1831 -32.51 -25.79 -3.78
CA PHE D 1831 -33.73 -25.12 -4.20
C PHE D 1831 -34.95 -26.00 -3.95
N ILE D 1832 -34.94 -26.70 -2.82
CA ILE D 1832 -36.08 -27.54 -2.47
C ILE D 1832 -37.38 -26.75 -2.35
N PRO D 1833 -37.44 -25.62 -1.63
CA PRO D 1833 -38.73 -24.92 -1.54
C PRO D 1833 -39.23 -24.39 -2.88
N LEU D 1834 -38.34 -23.86 -3.71
CA LEU D 1834 -38.76 -23.34 -5.00
C LEU D 1834 -39.31 -24.46 -5.89
N LEU D 1835 -38.65 -25.60 -5.90
CA LEU D 1835 -39.16 -26.74 -6.66
C LEU D 1835 -40.50 -27.20 -6.11
N PHE D 1836 -40.60 -27.32 -4.78
CA PHE D 1836 -41.85 -27.77 -4.16
C PHE D 1836 -43.00 -26.85 -4.48
N ARG D 1837 -42.73 -25.54 -4.62
CA ARG D 1837 -43.78 -24.61 -5.00
C ARG D 1837 -44.23 -24.79 -6.44
N THR D 1838 -43.51 -25.61 -7.22
CA THR D 1838 -43.95 -26.00 -8.55
C THR D 1838 -44.07 -27.51 -8.70
N GLY D 1839 -44.12 -28.24 -7.59
CA GLY D 1839 -44.21 -29.69 -7.64
C GLY D 1839 -42.83 -30.31 -7.79
N ASP D 1840 -42.68 -31.15 -8.81
CA ASP D 1840 -41.37 -31.63 -9.26
C ASP D 1840 -40.70 -32.40 -8.12
N LEU D 1841 -39.38 -32.30 -7.98
CA LEU D 1841 -38.55 -32.90 -6.94
C LEU D 1841 -38.39 -34.41 -7.11
N ARG D 1842 -39.17 -35.01 -8.01
CA ARG D 1842 -39.00 -36.39 -8.49
C ARG D 1842 -38.80 -37.40 -7.35
N GLN D 1843 -39.14 -37.02 -6.12
CA GLN D 1843 -39.05 -37.87 -4.94
C GLN D 1843 -37.60 -38.20 -4.59
N ALA D 1844 -36.66 -37.78 -5.44
CA ALA D 1844 -35.25 -38.10 -5.22
C ALA D 1844 -34.50 -36.97 -4.51
N ASP D 1845 -34.97 -35.73 -4.66
CA ASP D 1845 -34.32 -34.62 -3.97
C ASP D 1845 -34.42 -34.80 -2.46
N LEU D 1846 -35.56 -35.31 -1.97
CA LEU D 1846 -35.68 -35.61 -0.55
C LEU D 1846 -34.66 -36.65 -0.12
N ASP D 1847 -34.47 -37.69 -0.93
CA ASP D 1847 -33.50 -38.72 -0.60
C ASP D 1847 -32.09 -38.14 -0.53
N LYS D 1848 -31.72 -37.31 -1.51
CA LYS D 1848 -30.40 -36.71 -1.49
C LYS D 1848 -30.23 -35.78 -0.30
N TYR D 1849 -31.25 -35.00 0.02
CA TYR D 1849 -31.17 -34.10 1.18
C TYR D 1849 -31.02 -34.89 2.47
N ASP D 1850 -31.74 -36.00 2.60
CA ASP D 1850 -31.58 -36.85 3.77
C ASP D 1850 -30.17 -37.43 3.83
N ALA D 1851 -29.62 -37.81 2.68
CA ALA D 1851 -28.24 -38.29 2.66
C ALA D 1851 -27.26 -37.20 3.06
N MET D 1852 -27.56 -35.94 2.75
CA MET D 1852 -26.65 -34.85 3.06
C MET D 1852 -26.46 -34.69 4.57
N LYS D 1853 -27.54 -34.76 5.33
CA LYS D 1853 -27.47 -34.57 6.78
C LYS D 1853 -26.79 -35.76 7.44
N ILE D 1995 -40.00 -39.15 5.28
CA ILE D 1995 -39.43 -38.25 4.30
C ILE D 1995 -40.08 -38.50 2.94
N LEU D 1996 -41.33 -38.07 2.80
CA LEU D 1996 -42.09 -38.28 1.58
C LEU D 1996 -42.78 -36.99 1.18
N ILE D 1997 -43.09 -36.90 -0.12
CA ILE D 1997 -43.75 -35.71 -0.66
C ILE D 1997 -45.14 -35.55 -0.04
N ARG D 1998 -45.82 -36.66 0.22
CA ARG D 1998 -47.15 -36.60 0.82
C ARG D 1998 -47.09 -35.95 2.20
N SER D 1999 -46.05 -36.28 2.98
CA SER D 1999 -45.87 -35.61 4.27
C SER D 1999 -45.59 -34.12 4.07
N LEU D 2000 -44.79 -33.79 3.04
CA LEU D 2000 -44.43 -32.40 2.79
C LEU D 2000 -45.68 -31.56 2.50
N ASP D 2001 -46.60 -32.11 1.72
CA ASP D 2001 -47.81 -31.37 1.35
C ASP D 2001 -48.56 -30.90 2.59
N TYR D 2002 -48.83 -31.82 3.51
CA TYR D 2002 -49.56 -31.46 4.72
C TYR D 2002 -48.72 -30.57 5.62
N LEU D 2003 -47.42 -30.84 5.73
CA LEU D 2003 -46.57 -30.07 6.62
C LEU D 2003 -46.50 -28.61 6.19
N ASN D 2004 -46.43 -28.37 4.88
CA ASN D 2004 -46.32 -27.02 4.37
C ASN D 2004 -47.66 -26.46 3.89
N ASN D 2005 -48.77 -27.15 4.16
CA ASN D 2005 -50.08 -26.58 3.90
C ASN D 2005 -50.27 -25.28 4.67
N ASP D 2006 -49.68 -25.17 5.85
CA ASP D 2006 -49.76 -23.95 6.64
C ASP D 2006 -48.69 -22.96 6.22
N ILE D 2007 -47.42 -23.39 6.23
CA ILE D 2007 -46.30 -22.52 5.91
C ILE D 2007 -46.36 -22.10 4.45
N PHE D 2008 -46.40 -20.79 4.21
CA PHE D 2008 -46.55 -20.24 2.87
C PHE D 2008 -45.27 -19.61 2.35
N SER D 2009 -44.16 -19.79 3.04
CA SER D 2009 -42.90 -19.21 2.60
C SER D 2009 -42.40 -19.87 1.32
N LEU D 2010 -41.75 -19.10 0.48
CA LEU D 2010 -41.21 -19.60 -0.78
C LEU D 2010 -39.75 -20.04 -0.68
N SER D 2011 -38.99 -19.47 0.26
CA SER D 2011 -37.61 -19.88 0.47
C SER D 2011 -37.44 -20.76 1.70
N ARG D 2012 -38.36 -20.69 2.65
CA ARG D 2012 -38.30 -21.50 3.87
C ARG D 2012 -39.30 -22.63 3.75
N ILE D 2013 -38.83 -23.86 3.92
CA ILE D 2013 -39.68 -25.05 3.94
C ILE D 2013 -39.22 -25.94 5.08
N LYS D 2014 -40.15 -26.73 5.60
CA LYS D 2014 -39.86 -27.68 6.67
C LYS D 2014 -40.07 -29.09 6.14
N VAL D 2015 -38.97 -29.81 5.93
CA VAL D 2015 -39.07 -31.19 5.46
C VAL D 2015 -39.63 -32.10 6.55
N GLY D 2016 -39.22 -31.87 7.81
CA GLY D 2016 -39.67 -32.65 8.93
C GLY D 2016 -40.61 -31.89 9.84
N LEU D 2017 -40.93 -32.54 10.97
CA LEU D 2017 -41.78 -31.89 11.96
C LEU D 2017 -41.11 -30.64 12.53
N ASP D 2018 -39.79 -30.64 12.60
CA ASP D 2018 -39.02 -29.44 12.96
C ASP D 2018 -37.86 -29.16 12.03
N GLU D 2019 -37.39 -30.13 11.25
CA GLU D 2019 -36.31 -29.87 10.30
C GLU D 2019 -36.75 -28.85 9.27
N PHE D 2020 -35.89 -27.87 9.02
CA PHE D 2020 -36.17 -26.78 8.11
C PHE D 2020 -35.14 -26.75 7.00
N ALA D 2021 -35.60 -26.60 5.76
CA ALA D 2021 -34.74 -26.43 4.60
C ALA D 2021 -34.98 -25.04 4.01
N THR D 2022 -33.90 -24.31 3.77
CA THR D 2022 -33.99 -22.93 3.31
C THR D 2022 -33.04 -22.71 2.14
N ILE D 2023 -33.05 -21.48 1.62
CA ILE D 2023 -32.18 -21.06 0.54
C ILE D 2023 -31.37 -19.86 1.02
N LYS D 2024 -30.09 -19.83 0.70
CA LYS D 2024 -29.19 -18.82 1.23
C LYS D 2024 -29.61 -17.43 0.78
N LYS D 2025 -29.40 -16.46 1.67
CA LYS D 2025 -29.81 -15.08 1.40
C LYS D 2025 -28.89 -14.45 0.35
N ALA D 2026 -29.38 -13.36 -0.23
CA ALA D 2026 -28.61 -12.60 -1.21
C ALA D 2026 -28.90 -11.12 -1.04
N HIS D 2027 -27.93 -10.29 -1.40
CA HIS D 2027 -28.09 -8.84 -1.28
C HIS D 2027 -29.09 -8.34 -2.31
N PHE D 2028 -30.03 -7.53 -1.84
CA PHE D 2028 -31.12 -7.06 -2.70
C PHE D 2028 -30.69 -6.00 -3.70
N SER D 2029 -29.47 -5.47 -3.58
CA SER D 2029 -29.04 -4.40 -4.48
C SER D 2029 -28.94 -4.87 -5.92
N LYS D 2030 -28.74 -6.16 -6.14
CA LYS D 2030 -28.72 -6.70 -7.50
C LYS D 2030 -30.10 -6.74 -8.13
N MET D 2031 -31.15 -6.45 -7.36
CA MET D 2031 -32.51 -6.54 -7.87
C MET D 2031 -32.76 -5.62 -9.05
N VAL D 2032 -31.94 -4.58 -9.23
CA VAL D 2032 -32.08 -3.68 -10.36
C VAL D 2032 -31.94 -4.42 -11.68
N SER D 2033 -31.37 -5.63 -11.66
CA SER D 2033 -31.14 -6.39 -12.88
C SER D 2033 -32.38 -7.12 -13.38
N PHE D 2034 -33.56 -6.77 -12.92
CA PHE D 2034 -34.80 -7.42 -13.33
C PHE D 2034 -35.59 -6.50 -14.25
N GLU D 2035 -36.26 -7.10 -15.24
CA GLU D 2035 -37.09 -6.35 -16.18
C GLU D 2035 -38.24 -7.22 -16.64
N GLY D 2036 -39.31 -6.59 -17.11
CA GLY D 2036 -40.44 -7.29 -17.64
C GLY D 2036 -41.72 -6.48 -17.64
N PRO D 2037 -42.82 -7.11 -18.05
CA PRO D 2037 -44.10 -6.40 -18.06
C PRO D 2037 -44.51 -6.03 -16.65
N PRO D 2038 -45.22 -4.91 -16.49
CA PRO D 2038 -45.62 -4.49 -15.14
C PRO D 2038 -46.54 -5.51 -14.49
N ILE D 2039 -46.40 -5.65 -13.17
CA ILE D 2039 -47.26 -6.51 -12.36
C ILE D 2039 -48.15 -5.57 -11.53
N LYS D 2040 -49.36 -5.35 -12.01
CA LYS D 2040 -50.27 -4.41 -11.36
C LYS D 2040 -51.18 -5.16 -10.39
N THR D 2041 -51.04 -4.87 -9.11
CA THR D 2041 -51.90 -5.41 -8.06
C THR D 2041 -52.51 -4.24 -7.31
N GLY D 2042 -53.82 -4.11 -7.40
CA GLY D 2042 -54.48 -2.96 -6.78
C GLY D 2042 -53.98 -1.68 -7.39
N LEU D 2043 -53.43 -0.81 -6.55
CA LEU D 2043 -52.82 0.43 -7.01
C LEU D 2043 -51.29 0.36 -7.03
N LEU D 2044 -50.73 -0.83 -6.87
CA LEU D 2044 -49.28 -1.00 -6.79
C LEU D 2044 -48.76 -1.77 -7.99
N ASP D 2045 -47.61 -1.34 -8.50
CA ASP D 2045 -46.91 -2.02 -9.58
C ASP D 2045 -45.61 -2.57 -9.01
N LEU D 2046 -45.58 -3.87 -8.72
CA LEU D 2046 -44.44 -4.48 -8.06
C LEU D 2046 -43.18 -4.42 -8.91
N THR D 2047 -43.32 -4.28 -10.23
CA THR D 2047 -42.13 -4.18 -11.08
C THR D 2047 -41.28 -2.98 -10.69
N GLU D 2048 -41.93 -1.84 -10.42
CA GLU D 2048 -41.21 -0.70 -9.90
C GLU D 2048 -40.62 -0.99 -8.52
N LEU D 2049 -41.29 -1.85 -7.74
CA LEU D 2049 -40.76 -2.21 -6.43
C LEU D 2049 -39.42 -2.95 -6.57
N MET D 2050 -39.33 -3.87 -7.53
CA MET D 2050 -38.02 -4.44 -7.84
C MET D 2050 -37.07 -3.37 -8.35
N LYS D 2051 -37.56 -2.48 -9.22
CA LYS D 2051 -36.71 -1.41 -9.74
C LYS D 2051 -36.45 -0.31 -8.72
N SER D 2052 -37.11 -0.32 -7.58
CA SER D 2052 -36.94 0.74 -6.60
C SER D 2052 -35.60 0.60 -5.89
N GLN D 2053 -35.24 1.63 -5.13
CA GLN D 2053 -33.99 1.67 -4.38
C GLN D 2053 -34.20 1.80 -2.89
N ASP D 2054 -35.03 2.74 -2.45
CA ASP D 2054 -35.16 3.04 -1.03
C ASP D 2054 -35.97 1.98 -0.28
N LEU D 2055 -37.04 1.49 -0.89
CA LEU D 2055 -37.98 0.60 -0.20
C LEU D 2055 -37.52 -0.84 -0.17
N LEU D 2056 -36.25 -1.12 -0.42
CA LEU D 2056 -35.71 -2.47 -0.36
C LEU D 2056 -34.97 -2.74 0.94
N ASN D 2057 -34.97 -1.80 1.87
CA ASN D 2057 -34.28 -2.01 3.13
C ASN D 2057 -35.07 -2.96 4.03
N LEU D 2058 -34.37 -3.60 4.96
CA LEU D 2058 -34.98 -4.57 5.86
C LEU D 2058 -35.43 -3.96 7.18
N ASN D 2059 -34.86 -2.82 7.58
CA ASN D 2059 -35.22 -2.20 8.85
C ASN D 2059 -36.63 -1.63 8.78
N TYR D 2060 -37.45 -1.96 9.78
CA TYR D 2060 -38.81 -1.43 9.83
C TYR D 2060 -38.80 0.08 9.99
N ASP D 2061 -37.93 0.60 10.85
CA ASP D 2061 -37.85 2.05 11.05
C ASP D 2061 -37.39 2.76 9.79
N ASN D 2062 -36.43 2.17 9.07
CA ASN D 2062 -35.96 2.78 7.82
C ASN D 2062 -37.07 2.84 6.78
N ILE D 2063 -37.87 1.77 6.68
CA ILE D 2063 -38.97 1.77 5.72
C ILE D 2063 -40.02 2.79 6.12
N ARG D 2064 -40.40 2.79 7.40
CA ARG D 2064 -41.44 3.69 7.89
C ARG D 2064 -41.07 5.18 7.95
N ASN D 2065 -39.78 5.48 7.75
CA ASN D 2065 -39.30 6.86 7.80
C ASN D 2065 -38.74 7.31 6.46
N SER D 2066 -39.26 6.77 5.37
CA SER D 2066 -38.83 7.15 4.03
C SER D 2066 -39.56 8.43 3.61
N ASN D 2067 -39.46 8.77 2.33
CA ASN D 2067 -40.13 9.94 1.78
C ASN D 2067 -41.16 9.52 0.74
N LEU D 2068 -42.12 10.41 0.49
CA LEU D 2068 -43.15 10.13 -0.50
C LEU D 2068 -42.59 10.02 -1.92
N ILE D 2069 -41.43 10.63 -2.17
CA ILE D 2069 -40.84 10.57 -3.51
C ILE D 2069 -40.54 9.13 -3.91
N SER D 2070 -39.91 8.38 -3.00
CA SER D 2070 -39.57 6.99 -3.30
C SER D 2070 -40.81 6.13 -3.44
N PHE D 2071 -41.82 6.34 -2.60
CA PHE D 2071 -43.03 5.55 -2.67
C PHE D 2071 -43.84 5.87 -3.91
N SER D 2072 -43.71 7.10 -4.41
CA SER D 2072 -44.46 7.55 -5.58
C SER D 2072 -44.27 6.67 -6.81
N LYS D 2073 -43.12 6.01 -6.90
CA LYS D 2073 -42.83 5.17 -8.05
C LYS D 2073 -43.78 3.97 -8.14
N LEU D 2074 -44.45 3.61 -7.06
CA LEU D 2074 -45.28 2.42 -6.99
C LEU D 2074 -46.74 2.68 -7.34
N ILE D 2075 -47.10 3.91 -7.72
CA ILE D 2075 -48.49 4.29 -7.87
C ILE D 2075 -48.95 3.94 -9.29
N CYS D 2076 -49.88 2.99 -9.40
CA CYS D 2076 -50.55 2.67 -10.66
C CYS D 2076 -52.00 2.32 -10.30
N CYS D 2077 -52.88 3.31 -10.32
CA CYS D 2077 -54.22 3.13 -9.77
C CYS D 2077 -55.16 2.44 -10.76
N GLU D 2078 -55.48 3.12 -11.86
CA GLU D 2078 -56.47 2.65 -12.83
C GLU D 2078 -57.77 2.23 -12.14
N GLY D 2079 -58.27 3.09 -11.26
CA GLY D 2079 -59.58 2.91 -10.68
C GLY D 2079 -59.63 2.17 -9.36
N SER D 2080 -58.91 2.65 -8.35
CA SER D 2080 -58.99 2.11 -7.01
C SER D 2080 -59.80 3.04 -6.11
N ASP D 2081 -60.24 2.52 -4.97
CA ASP D 2081 -61.08 3.26 -4.03
C ASP D 2081 -60.39 3.55 -2.71
N ASN D 2082 -59.79 2.54 -2.09
CA ASN D 2082 -59.16 2.68 -0.78
C ASN D 2082 -57.72 2.18 -0.83
N ILE D 2083 -56.92 2.64 0.12
CA ILE D 2083 -55.50 2.25 0.15
C ILE D 2083 -55.35 0.82 0.65
N ASN D 2084 -56.20 0.41 1.61
CA ASN D 2084 -55.94 -0.83 2.33
C ASN D 2084 -56.06 -2.05 1.42
N ASP D 2085 -57.07 -2.08 0.56
CA ASP D 2085 -57.31 -3.28 -0.29
C ASP D 2085 -56.15 -3.42 -1.27
N GLY D 2086 -55.69 -2.31 -1.82
CA GLY D 2086 -54.54 -2.37 -2.72
C GLY D 2086 -53.26 -2.77 -2.00
N LEU D 2087 -53.07 -2.26 -0.78
CA LEU D 2087 -51.91 -2.62 0.01
C LEU D 2087 -51.98 -4.05 0.56
N GLU D 2088 -53.14 -4.71 0.45
CA GLU D 2088 -53.29 -6.05 0.99
C GLU D 2088 -52.27 -7.01 0.40
N PHE D 2089 -51.90 -6.82 -0.88
CA PHE D 2089 -50.93 -7.69 -1.53
C PHE D 2089 -49.50 -7.28 -1.15
N LEU D 2090 -49.24 -7.31 0.15
CA LEU D 2090 -47.92 -7.03 0.71
C LEU D 2090 -47.68 -7.95 1.89
N SER D 2091 -46.41 -8.23 2.17
CA SER D 2091 -46.06 -9.16 3.22
C SER D 2091 -46.56 -8.67 4.58
N ASP D 2092 -47.24 -9.56 5.30
CA ASP D 2092 -47.77 -9.25 6.62
C ASP D 2092 -46.97 -9.88 7.75
N ASP D 2093 -45.92 -10.62 7.44
CA ASP D 2093 -45.08 -11.18 8.49
C ASP D 2093 -44.20 -10.10 9.10
N PRO D 2094 -44.02 -10.09 10.41
CA PRO D 2094 -43.14 -9.10 11.03
C PRO D 2094 -41.72 -9.22 10.52
N MET D 2095 -41.07 -8.09 10.32
CA MET D 2095 -39.71 -8.03 9.83
C MET D 2095 -38.74 -7.73 10.97
N ASN D 2096 -37.47 -7.53 10.63
CA ASN D 2096 -36.43 -7.18 11.58
C ASN D 2096 -36.31 -5.67 11.65
N PHE D 2097 -36.05 -5.16 12.85
CA PHE D 2097 -35.79 -3.75 13.05
C PHE D 2097 -34.53 -3.60 13.87
N THR D 2098 -33.77 -2.54 13.61
CA THR D 2098 -32.51 -2.30 14.30
C THR D 2098 -32.74 -1.39 15.49
N GLU D 2099 -32.30 -1.84 16.66
CA GLU D 2099 -32.36 -1.05 17.87
C GLU D 2099 -30.97 -0.95 18.49
N GLY D 2100 -30.80 0.00 19.40
CA GLY D 2100 -29.51 0.30 19.97
C GLY D 2100 -29.52 0.39 21.49
N GLU D 2101 -28.34 0.18 22.07
CA GLU D 2101 -28.16 0.29 23.50
C GLU D 2101 -26.82 0.98 23.78
N ALA D 2102 -26.74 1.64 24.94
CA ALA D 2102 -25.53 2.32 25.35
C ALA D 2102 -24.54 1.30 25.89
N ILE D 2103 -23.25 1.52 25.66
CA ILE D 2103 -22.22 0.59 26.13
C ILE D 2103 -21.76 0.90 27.55
N HIS D 2104 -22.02 2.13 27.99
CA HIS D 2104 -21.63 2.58 29.34
C HIS D 2104 -20.16 2.27 29.66
N SER D 2105 -19.26 2.80 28.84
CA SER D 2105 -17.83 2.60 29.04
C SER D 2105 -17.12 3.94 29.00
N THR D 2106 -15.84 3.96 29.36
CA THR D 2106 -15.08 5.20 29.37
C THR D 2106 -15.12 5.90 28.01
N PRO D 2107 -14.86 5.23 26.87
CA PRO D 2107 -15.26 5.83 25.58
C PRO D 2107 -16.73 5.52 25.32
N ILE D 2108 -17.58 6.53 25.41
CA ILE D 2108 -19.01 6.32 25.30
C ILE D 2108 -19.39 6.15 23.85
N PHE D 2109 -20.17 5.11 23.55
CA PHE D 2109 -20.62 4.84 22.20
C PHE D 2109 -21.85 3.95 22.26
N ASN D 2110 -22.60 3.94 21.15
CA ASN D 2110 -23.83 3.17 21.04
C ASN D 2110 -23.57 1.89 20.25
N ILE D 2111 -24.45 0.91 20.46
CA ILE D 2111 -24.42 -0.36 19.75
C ILE D 2111 -25.77 -0.54 19.06
N TYR D 2112 -25.75 -0.68 17.75
CA TYR D 2112 -26.95 -0.85 16.94
C TYR D 2112 -26.92 -2.23 16.32
N TYR D 2113 -28.00 -2.99 16.50
CA TYR D 2113 -28.12 -4.28 15.84
C TYR D 2113 -29.58 -4.58 15.56
N SER D 2114 -29.83 -5.46 14.59
CA SER D 2114 -31.18 -5.80 14.18
C SER D 2114 -31.70 -7.01 14.95
N LYS D 2115 -33.01 -7.01 15.20
CA LYS D 2115 -33.66 -8.13 15.88
C LYS D 2115 -35.10 -8.20 15.39
N ARG D 2116 -35.72 -9.36 15.64
CA ARG D 2116 -37.09 -9.58 15.19
C ARG D 2116 -38.06 -8.67 15.91
N GLY D 2117 -38.83 -7.90 15.15
CA GLY D 2117 -39.87 -7.09 15.73
C GLY D 2117 -41.13 -7.89 16.02
N GLU D 2118 -42.00 -7.29 16.81
CA GLU D 2118 -43.25 -7.95 17.18
C GLU D 2118 -44.26 -7.80 16.05
N ARG D 2119 -45.51 -8.21 16.31
CA ARG D 2119 -46.50 -8.31 15.24
C ARG D 2119 -46.89 -6.96 14.66
N HIS D 2120 -47.01 -5.92 15.49
CA HIS D 2120 -47.60 -4.68 15.02
C HIS D 2120 -46.71 -3.93 14.04
N MET D 2121 -45.45 -4.33 13.87
CA MET D 2121 -44.56 -3.72 12.88
C MET D 2121 -44.32 -4.73 11.76
N THR D 2122 -44.88 -4.43 10.58
CA THR D 2122 -44.69 -5.24 9.40
C THR D 2122 -44.47 -4.32 8.20
N TYR D 2123 -44.21 -4.92 7.05
CA TYR D 2123 -44.08 -4.12 5.83
C TYR D 2123 -45.39 -3.41 5.51
N ARG D 2124 -46.52 -4.10 5.69
CA ARG D 2124 -47.82 -3.45 5.50
C ARG D 2124 -47.98 -2.27 6.44
N ASN D 2125 -47.66 -2.46 7.73
CA ASN D 2125 -47.83 -1.39 8.70
C ASN D 2125 -46.85 -0.25 8.45
N ALA D 2126 -45.61 -0.58 8.09
CA ALA D 2126 -44.64 0.47 7.78
C ALA D 2126 -45.08 1.29 6.58
N ILE D 2127 -45.57 0.61 5.53
CA ILE D 2127 -46.06 1.32 4.35
C ILE D 2127 -47.26 2.18 4.72
N LYS D 2128 -48.16 1.67 5.57
CA LYS D 2128 -49.33 2.43 5.97
C LYS D 2128 -48.94 3.69 6.73
N LEU D 2129 -48.01 3.57 7.68
CA LEU D 2129 -47.58 4.75 8.43
C LEU D 2129 -46.89 5.75 7.51
N LEU D 2130 -46.01 5.27 6.63
CA LEU D 2130 -45.31 6.16 5.72
C LEU D 2130 -46.29 6.89 4.81
N ILE D 2131 -47.26 6.15 4.26
CA ILE D 2131 -48.18 6.77 3.32
C ILE D 2131 -49.08 7.78 4.03
N GLU D 2132 -49.57 7.45 5.22
CA GLU D 2132 -50.44 8.41 5.91
C GLU D 2132 -49.67 9.67 6.29
N ARG D 2133 -48.45 9.52 6.80
CA ARG D 2133 -47.69 10.69 7.21
C ARG D 2133 -47.32 11.56 6.00
N GLU D 2134 -46.80 10.94 4.95
CA GLU D 2134 -46.38 11.71 3.78
C GLU D 2134 -47.56 12.34 3.07
N THR D 2135 -48.69 11.62 3.00
CA THR D 2135 -49.88 12.20 2.40
C THR D 2135 -50.38 13.39 3.20
N LYS D 2136 -50.35 13.29 4.54
CA LYS D 2136 -50.74 14.45 5.33
C LYS D 2136 -49.80 15.63 5.09
N ILE D 2137 -48.49 15.37 5.04
CA ILE D 2137 -47.54 16.45 4.83
C ILE D 2137 -47.78 17.12 3.48
N PHE D 2138 -47.90 16.32 2.42
CA PHE D 2138 -48.07 16.87 1.08
C PHE D 2138 -49.45 17.52 0.93
N GLU D 2139 -50.46 16.99 1.61
CA GLU D 2139 -51.78 17.60 1.63
C GLU D 2139 -51.74 18.99 2.25
N GLU D 2140 -51.18 19.11 3.46
CA GLU D 2140 -51.08 20.43 4.06
C GLU D 2140 -50.10 21.33 3.32
N ALA D 2141 -49.23 20.75 2.48
CA ALA D 2141 -48.37 21.57 1.63
C ALA D 2141 -49.14 22.15 0.46
N PHE D 2142 -50.23 21.52 0.03
CA PHE D 2142 -50.98 21.96 -1.14
C PHE D 2142 -52.40 22.38 -0.77
N THR D 2143 -52.62 22.83 0.47
CA THR D 2143 -53.91 23.41 0.86
C THR D 2143 -53.99 24.84 0.33
N PHE D 2144 -54.20 24.93 -0.98
CA PHE D 2144 -54.22 26.25 -1.63
C PHE D 2144 -55.39 27.09 -1.10
N SER D 2145 -56.56 26.50 -0.98
CA SER D 2145 -57.74 27.19 -0.50
C SER D 2145 -57.93 26.95 0.99
N GLU D 2146 -58.45 27.95 1.68
CA GLU D 2146 -58.63 27.86 3.12
C GLU D 2146 -59.76 26.91 3.51
N ASN D 2147 -60.70 26.68 2.58
CA ASN D 2147 -61.82 25.79 2.84
C ASN D 2147 -61.34 24.39 3.21
N GLY D 2148 -60.43 23.86 2.39
CA GLY D 2148 -59.86 22.54 2.62
C GLY D 2148 -59.37 21.93 1.33
N PHE D 2149 -58.71 20.78 1.47
CA PHE D 2149 -58.22 20.05 0.31
C PHE D 2149 -59.36 19.50 -0.52
N ILE D 2150 -60.41 18.98 0.14
CA ILE D 2150 -61.57 18.44 -0.59
C ILE D 2150 -62.54 19.53 -0.99
N SER D 2151 -62.23 20.79 -0.72
CA SER D 2151 -63.10 21.89 -1.13
C SER D 2151 -63.21 21.93 -2.65
N PRO D 2152 -64.37 22.28 -3.20
CA PRO D 2152 -64.53 22.28 -4.65
C PRO D 2152 -63.56 23.20 -5.37
N GLU D 2153 -63.19 24.33 -4.77
CA GLU D 2153 -62.23 25.22 -5.41
C GLU D 2153 -60.84 24.59 -5.47
N ASN D 2154 -60.40 23.96 -4.38
CA ASN D 2154 -59.12 23.26 -4.42
C ASN D 2154 -59.17 22.08 -5.39
N LEU D 2155 -60.30 21.40 -5.46
CA LEU D 2155 -60.46 20.32 -6.44
C LEU D 2155 -60.35 20.84 -7.86
N GLY D 2156 -60.96 22.00 -8.14
CA GLY D 2156 -60.81 22.59 -9.46
C GLY D 2156 -59.39 23.00 -9.76
N CYS D 2157 -58.68 23.52 -8.76
CA CYS D 2157 -57.28 23.87 -8.95
C CYS D 2157 -56.44 22.63 -9.26
N LEU D 2158 -56.71 21.53 -8.55
CA LEU D 2158 -55.99 20.29 -8.82
C LEU D 2158 -56.33 19.74 -10.21
N GLU D 2159 -57.58 19.85 -10.63
CA GLU D 2159 -57.95 19.45 -11.99
C GLU D 2159 -57.20 20.29 -13.01
N ALA D 2160 -57.09 21.60 -12.75
CA ALA D 2160 -56.34 22.47 -13.64
C ALA D 2160 -54.88 22.04 -13.73
N VAL D 2161 -54.27 21.73 -12.58
CA VAL D 2161 -52.85 21.39 -12.60
C VAL D 2161 -52.62 20.04 -13.27
N VAL D 2162 -53.54 19.08 -13.10
CA VAL D 2162 -53.36 17.80 -13.78
C VAL D 2162 -53.55 17.97 -15.28
N SER D 2163 -54.49 18.82 -15.70
CA SER D 2163 -54.65 19.10 -17.11
C SER D 2163 -53.38 19.72 -17.68
N LEU D 2164 -52.81 20.68 -16.96
CA LEU D 2164 -51.59 21.33 -17.42
C LEU D 2164 -50.45 20.33 -17.55
N ILE D 2165 -50.22 19.52 -16.51
CA ILE D 2165 -49.09 18.59 -16.54
C ILE D 2165 -49.30 17.52 -17.61
N LYS D 2166 -50.52 17.08 -17.83
CA LYS D 2166 -50.77 16.08 -18.87
C LYS D 2166 -50.55 16.66 -20.26
N LEU D 2167 -51.00 17.90 -20.48
CA LEU D 2167 -50.92 18.46 -21.83
C LEU D 2167 -49.49 18.79 -22.23
N LEU D 2168 -48.72 19.41 -21.32
CA LEU D 2168 -47.36 19.78 -21.66
C LEU D 2168 -46.43 18.57 -21.55
N LYS D 2169 -45.16 18.78 -21.89
CA LYS D 2169 -44.21 17.68 -21.94
C LYS D 2169 -44.00 17.07 -20.56
N THR D 2170 -44.00 15.74 -20.52
CA THR D 2170 -43.87 15.03 -19.25
C THR D 2170 -42.52 15.32 -18.61
N ASN D 2171 -42.54 15.60 -17.31
CA ASN D 2171 -41.35 15.88 -16.54
C ASN D 2171 -41.36 15.04 -15.27
N GLU D 2172 -40.18 14.64 -14.82
CA GLU D 2172 -40.08 13.79 -13.63
C GLU D 2172 -40.70 14.45 -12.41
N TRP D 2173 -40.47 15.76 -12.24
CA TRP D 2173 -41.16 16.49 -11.18
C TRP D 2173 -42.66 16.50 -11.40
N SER D 2174 -43.08 16.68 -12.65
CA SER D 2174 -44.51 16.62 -12.97
C SER D 2174 -45.08 15.25 -12.64
N THR D 2175 -44.36 14.19 -12.98
CA THR D 2175 -44.84 12.84 -12.68
C THR D 2175 -44.95 12.60 -11.18
N VAL D 2176 -43.95 13.04 -10.42
CA VAL D 2176 -43.98 12.79 -8.98
C VAL D 2176 -45.10 13.61 -8.32
N ILE D 2177 -45.33 14.84 -8.80
CA ILE D 2177 -46.43 15.64 -8.28
C ILE D 2177 -47.77 14.97 -8.60
N ASP D 2178 -47.91 14.48 -9.83
CA ASP D 2178 -49.14 13.79 -10.21
C ASP D 2178 -49.38 12.57 -9.34
N LYS D 2179 -48.33 11.76 -9.11
CA LYS D 2179 -48.49 10.58 -8.28
C LYS D 2179 -48.86 10.95 -6.85
N CYS D 2180 -48.22 12.01 -6.31
CA CYS D 2180 -48.50 12.41 -4.93
C CYS D 2180 -49.93 12.90 -4.77
N ILE D 2181 -50.40 13.75 -5.69
CA ILE D 2181 -51.78 14.23 -5.59
C ILE D 2181 -52.76 13.08 -5.82
N HIS D 2182 -52.42 12.15 -6.70
CA HIS D 2182 -53.29 11.00 -6.94
C HIS D 2182 -53.41 10.15 -5.68
N ILE D 2183 -52.30 9.89 -5.01
CA ILE D 2183 -52.37 9.08 -3.79
C ILE D 2183 -53.07 9.84 -2.68
N CYS D 2184 -52.94 11.17 -2.66
CA CYS D 2184 -53.72 11.95 -1.70
C CYS D 2184 -55.22 11.79 -1.95
N LEU D 2185 -55.63 11.83 -3.22
CA LEU D 2185 -57.04 11.62 -3.56
C LEU D 2185 -57.48 10.21 -3.21
N ILE D 2186 -56.58 9.24 -3.38
CA ILE D 2186 -56.88 7.86 -2.98
C ILE D 2186 -57.13 7.80 -1.48
N LYS D 2187 -56.28 8.46 -0.70
CA LYS D 2187 -56.48 8.51 0.75
C LYS D 2187 -57.80 9.16 1.10
N ASN D 2188 -58.17 10.23 0.40
CA ASN D 2188 -59.44 10.88 0.63
C ASN D 2188 -60.58 10.26 -0.15
N GLY D 2189 -60.31 9.20 -0.92
CA GLY D 2189 -61.37 8.50 -1.65
C GLY D 2189 -62.03 9.32 -2.73
N MET D 2190 -61.26 10.04 -3.53
CA MET D 2190 -61.79 10.90 -4.58
C MET D 2190 -61.28 10.47 -5.95
N ASP D 2191 -60.69 9.30 -5.99
CA ASP D 2191 -60.09 8.80 -7.24
C ASP D 2191 -61.06 8.87 -8.42
N HIS D 2192 -62.33 8.58 -8.20
CA HIS D 2192 -63.30 8.54 -9.29
C HIS D 2192 -63.32 9.85 -10.05
N MET D 2193 -63.23 10.97 -9.33
CA MET D 2193 -63.11 12.26 -9.98
C MET D 2193 -61.71 12.45 -10.58
N TYR D 2194 -60.68 11.89 -9.95
CA TYR D 2194 -59.33 11.99 -10.49
C TYR D 2194 -59.24 11.38 -11.88
N HIS D 2195 -59.82 10.19 -12.04
CA HIS D 2195 -59.90 9.56 -13.35
C HIS D 2195 -60.92 10.26 -14.24
N SER D 2196 -61.74 11.15 -13.68
CA SER D 2196 -62.64 12.00 -14.45
C SER D 2196 -62.06 13.39 -14.71
N PHE D 2197 -60.83 13.64 -14.26
CA PHE D 2197 -60.19 14.93 -14.52
C PHE D 2197 -59.99 15.13 -16.02
N ASP D 2198 -60.05 16.39 -16.44
CA ASP D 2198 -59.90 16.77 -17.83
C ASP D 2198 -59.54 18.25 -17.88
N VAL D 2199 -59.34 18.77 -19.08
CA VAL D 2199 -59.09 20.19 -19.27
C VAL D 2199 -60.37 20.93 -18.90
N PRO D 2200 -60.32 21.89 -17.98
CA PRO D 2200 -61.54 22.58 -17.58
C PRO D 2200 -62.20 23.30 -18.75
N LYS D 2201 -63.53 23.19 -18.82
CA LYS D 2201 -64.26 23.86 -19.88
C LYS D 2201 -64.15 25.37 -19.78
N CYS D 2202 -64.00 25.88 -18.56
CA CYS D 2202 -63.78 27.31 -18.35
C CYS D 2202 -62.42 27.77 -18.86
N PHE D 2203 -61.53 26.85 -19.20
CA PHE D 2203 -60.22 27.21 -19.71
C PHE D 2203 -60.23 27.25 -21.24
N ILE D 2212 -56.65 25.62 -27.69
CA ILE D 2212 -56.22 25.73 -26.30
C ILE D 2212 -55.64 27.11 -26.03
N ASN D 2213 -56.14 27.78 -25.01
CA ASN D 2213 -55.73 29.14 -24.66
C ASN D 2213 -54.60 29.10 -23.64
N TRP D 2214 -53.37 28.93 -24.13
CA TRP D 2214 -52.21 28.79 -23.27
C TRP D 2214 -51.93 30.05 -22.43
N VAL D 2215 -52.37 31.21 -22.90
CA VAL D 2215 -52.06 32.45 -22.19
C VAL D 2215 -52.68 32.44 -20.80
N MET D 2216 -53.94 32.03 -20.70
CA MET D 2216 -54.57 31.98 -19.40
C MET D 2216 -54.04 30.81 -18.56
N PHE D 2217 -53.51 29.76 -19.20
CA PHE D 2217 -52.78 28.75 -18.44
C PHE D 2217 -51.55 29.34 -17.78
N ARG D 2218 -50.79 30.16 -18.50
CA ARG D 2218 -49.67 30.86 -17.89
C ARG D 2218 -50.14 31.78 -16.78
N GLU D 2219 -51.25 32.48 -17.02
CA GLU D 2219 -51.82 33.35 -15.98
C GLU D 2219 -52.16 32.57 -14.72
N PHE D 2220 -52.78 31.40 -14.88
CA PHE D 2220 -53.18 30.61 -13.73
C PHE D 2220 -51.97 30.05 -12.98
N ILE D 2221 -50.98 29.52 -13.71
CA ILE D 2221 -49.82 28.95 -13.03
C ILE D 2221 -49.01 30.05 -12.34
N ASN D 2222 -48.94 31.24 -12.96
CA ASN D 2222 -48.30 32.35 -12.29
C ASN D 2222 -49.07 32.81 -11.06
N SER D 2223 -50.36 32.52 -11.01
CA SER D 2223 -51.21 32.85 -9.85
C SER D 2223 -51.15 31.79 -8.76
N LEU D 2224 -50.41 30.71 -8.98
CA LEU D 2224 -50.37 29.62 -8.00
C LEU D 2224 -49.53 30.04 -6.79
N PRO D 2225 -50.09 30.02 -5.58
CA PRO D 2225 -49.33 30.40 -4.36
C PRO D 2225 -48.41 29.30 -3.87
N GLY D 2226 -47.21 29.26 -4.45
CA GLY D 2226 -46.19 28.30 -4.04
C GLY D 2226 -45.87 28.38 -2.57
N THR D 2227 -46.24 27.35 -1.82
CA THR D 2227 -46.09 27.37 -0.38
C THR D 2227 -44.62 27.25 0.04
N ASP D 2228 -44.34 27.67 1.26
CA ASP D 2228 -42.99 27.66 1.82
C ASP D 2228 -42.75 26.46 2.72
N ILE D 2229 -43.42 25.34 2.45
CA ILE D 2229 -43.26 24.12 3.23
C ILE D 2229 -41.84 23.61 3.02
N PRO D 2230 -41.07 23.41 4.08
CA PRO D 2230 -39.62 23.16 3.93
C PRO D 2230 -39.32 21.98 3.02
N PRO D 2231 -40.06 20.86 3.09
CA PRO D 2231 -39.76 19.76 2.15
C PRO D 2231 -40.17 20.05 0.72
N TRP D 2232 -41.39 20.55 0.52
CA TRP D 2232 -42.01 20.57 -0.79
C TRP D 2232 -41.80 21.88 -1.55
N ASN D 2233 -41.33 22.94 -0.89
CA ASN D 2233 -41.21 24.23 -1.55
C ASN D 2233 -40.23 24.17 -2.71
N VAL D 2234 -39.11 23.47 -2.52
CA VAL D 2234 -38.08 23.41 -3.55
C VAL D 2234 -38.63 22.75 -4.82
N MET D 2235 -39.25 21.58 -4.66
CA MET D 2235 -39.80 20.89 -5.83
C MET D 2235 -40.94 21.67 -6.45
N THR D 2236 -41.79 22.30 -5.63
CA THR D 2236 -42.91 23.06 -6.18
C THR D 2236 -42.40 24.22 -7.03
N GLU D 2237 -41.42 24.97 -6.51
CA GLU D 2237 -40.91 26.12 -7.26
C GLU D 2237 -40.14 25.68 -8.49
N ASN D 2238 -39.36 24.60 -8.38
CA ASN D 2238 -38.64 24.09 -9.56
C ASN D 2238 -39.61 23.63 -10.64
N PHE D 2239 -40.69 22.96 -10.23
CA PHE D 2239 -41.73 22.56 -11.16
C PHE D 2239 -42.37 23.77 -11.83
N LYS D 2240 -42.64 24.80 -11.04
CA LYS D 2240 -43.24 26.02 -11.56
C LYS D 2240 -42.34 26.67 -12.60
N LYS D 2241 -41.05 26.77 -12.28
CA LYS D 2241 -40.08 27.37 -13.20
C LYS D 2241 -39.94 26.55 -14.48
N LYS D 2242 -39.86 25.23 -14.35
CA LYS D 2242 -39.74 24.38 -15.53
C LYS D 2242 -40.97 24.50 -16.42
N CYS D 2243 -42.16 24.53 -15.82
CA CYS D 2243 -43.38 24.64 -16.60
C CYS D 2243 -43.46 25.99 -17.32
N ILE D 2244 -43.10 27.08 -16.64
CA ILE D 2244 -43.19 28.38 -17.29
C ILE D 2244 -42.13 28.50 -18.39
N ALA D 2245 -40.94 27.93 -18.17
CA ALA D 2245 -39.93 27.93 -19.22
C ALA D 2245 -40.39 27.11 -20.43
N LEU D 2246 -41.00 25.95 -20.18
CA LEU D 2246 -41.47 25.11 -21.28
C LEU D 2246 -42.58 25.80 -22.06
N ILE D 2247 -43.51 26.45 -21.37
CA ILE D 2247 -44.62 27.11 -22.08
C ILE D 2247 -44.12 28.34 -22.82
N ASN D 2248 -43.08 29.01 -22.29
CA ASN D 2248 -42.49 30.13 -23.03
C ASN D 2248 -41.78 29.65 -24.28
N SER D 2249 -41.02 28.55 -24.17
CA SER D 2249 -40.30 28.04 -25.32
C SER D 2249 -41.22 27.38 -26.35
N LYS D 2250 -42.42 26.95 -25.93
CA LYS D 2250 -43.33 26.29 -26.86
C LYS D 2250 -43.75 27.23 -27.98
N PHE D 2251 -44.05 28.49 -27.65
CA PHE D 2251 -44.47 29.46 -28.65
C PHE D 2251 -43.27 30.14 -29.28
ZN ZN E . -56.63 6.54 -9.27
MG MG F . 5.60 4.02 18.50
P1 POP G . 16.36 3.99 19.01
O1 POP G . 15.23 3.08 19.41
O2 POP G . 16.75 3.82 17.56
O3 POP G . 17.54 3.89 19.94
O POP G . 15.79 5.48 19.15
P2 POP G . 15.14 6.30 20.37
O4 POP G . 13.92 5.52 20.78
O5 POP G . 16.20 6.34 21.44
O6 POP G . 14.81 7.66 19.84
#